data_364D
# 
_entry.id   364D 
# 
_audit_conform.dict_name       mmcif_pdbx.dic 
_audit_conform.dict_version    5.387 
_audit_conform.dict_location   http://mmcif.pdb.org/dictionaries/ascii/mmcif_pdbx.dic 
# 
loop_
_database_2.database_id 
_database_2.database_code 
_database_2.pdbx_database_accession 
_database_2.pdbx_DOI 
PDB   364D         pdb_0000364d 10.2210/pdb364d/pdb 
RCSB  URL069       ?            ?                   
WWPDB D_1000178834 ?            ?                   
# 
loop_
_pdbx_audit_revision_history.ordinal 
_pdbx_audit_revision_history.data_content_type 
_pdbx_audit_revision_history.major_revision 
_pdbx_audit_revision_history.minor_revision 
_pdbx_audit_revision_history.revision_date 
1 'Structure model' 1 0 1998-01-02 
2 'Structure model' 1 1 2008-05-22 
3 'Structure model' 1 2 2011-07-13 
4 'Structure model' 1 3 2024-02-21 
# 
_pdbx_audit_revision_details.ordinal             1 
_pdbx_audit_revision_details.revision_ordinal    1 
_pdbx_audit_revision_details.data_content_type   'Structure model' 
_pdbx_audit_revision_details.provider            repository 
_pdbx_audit_revision_details.type                'Initial release' 
_pdbx_audit_revision_details.description         ? 
_pdbx_audit_revision_details.details             ? 
# 
loop_
_pdbx_audit_revision_group.ordinal 
_pdbx_audit_revision_group.revision_ordinal 
_pdbx_audit_revision_group.data_content_type 
_pdbx_audit_revision_group.group 
1 2 'Structure model' 'Version format compliance' 
2 3 'Structure model' 'Version format compliance' 
3 4 'Structure model' 'Data collection'           
4 4 'Structure model' 'Database references'       
5 4 'Structure model' 'Derived calculations'      
# 
loop_
_pdbx_audit_revision_category.ordinal 
_pdbx_audit_revision_category.revision_ordinal 
_pdbx_audit_revision_category.data_content_type 
_pdbx_audit_revision_category.category 
1 4 'Structure model' chem_comp_atom   
2 4 'Structure model' chem_comp_bond   
3 4 'Structure model' database_2       
4 4 'Structure model' struct_conn      
5 4 'Structure model' struct_conn_type 
6 4 'Structure model' struct_site      
# 
loop_
_pdbx_audit_revision_item.ordinal 
_pdbx_audit_revision_item.revision_ordinal 
_pdbx_audit_revision_item.data_content_type 
_pdbx_audit_revision_item.item 
1  4 'Structure model' '_database_2.pdbx_DOI'                
2  4 'Structure model' '_database_2.pdbx_database_accession' 
3  4 'Structure model' '_struct_conn.conn_type_id'           
4  4 'Structure model' '_struct_conn.id'                     
5  4 'Structure model' '_struct_conn.pdbx_dist_value'        
6  4 'Structure model' '_struct_conn.pdbx_leaving_atom_flag' 
7  4 'Structure model' '_struct_conn.ptnr1_auth_asym_id'     
8  4 'Structure model' '_struct_conn.ptnr1_auth_comp_id'     
9  4 'Structure model' '_struct_conn.ptnr1_auth_seq_id'      
10 4 'Structure model' '_struct_conn.ptnr1_label_asym_id'    
11 4 'Structure model' '_struct_conn.ptnr1_label_atom_id'    
12 4 'Structure model' '_struct_conn.ptnr1_label_comp_id'    
13 4 'Structure model' '_struct_conn.ptnr1_label_seq_id'     
14 4 'Structure model' '_struct_conn.ptnr2_auth_asym_id'     
15 4 'Structure model' '_struct_conn.ptnr2_auth_comp_id'     
16 4 'Structure model' '_struct_conn.ptnr2_auth_seq_id'      
17 4 'Structure model' '_struct_conn.ptnr2_label_asym_id'    
18 4 'Structure model' '_struct_conn.ptnr2_label_atom_id'    
19 4 'Structure model' '_struct_conn.ptnr2_label_comp_id'    
20 4 'Structure model' '_struct_conn.ptnr2_label_seq_id'     
21 4 'Structure model' '_struct_conn_type.id'                
22 4 'Structure model' '_struct_site.pdbx_auth_asym_id'      
23 4 'Structure model' '_struct_site.pdbx_auth_comp_id'      
24 4 'Structure model' '_struct_site.pdbx_auth_seq_id'       
# 
_pdbx_database_PDB_obs_spr.id               SPRSDE 
_pdbx_database_PDB_obs_spr.pdb_id           364D 
_pdbx_database_PDB_obs_spr.replace_pdb_id   356D 
_pdbx_database_PDB_obs_spr.date             1998-01-02 
_pdbx_database_PDB_obs_spr.details          ? 
# 
_pdbx_database_status.status_code                     REL 
_pdbx_database_status.entry_id                        364D 
_pdbx_database_status.recvd_initial_deposition_date   1997-12-08 
_pdbx_database_status.deposit_site                    NDB 
_pdbx_database_status.process_site                    NDB 
_pdbx_database_status.SG_entry                        . 
_pdbx_database_status.status_code_sf                  ? 
_pdbx_database_status.status_code_mr                  ? 
_pdbx_database_status.pdb_format_compatible           Y 
_pdbx_database_status.status_code_cs                  ? 
_pdbx_database_status.status_code_nmr_data            ? 
_pdbx_database_status.methods_development_category    ? 
# 
loop_
_audit_author.name 
_audit_author.pdbx_ordinal 
'Correll, C.C.' 1 
'Freeborn, B.'  2 
'Moore, P.B.'   3 
'Steitz, T.A.'  4 
# 
loop_
_citation.id 
_citation.title 
_citation.journal_abbrev 
_citation.journal_volume 
_citation.page_first 
_citation.page_last 
_citation.year 
_citation.journal_id_ASTM 
_citation.country 
_citation.journal_id_ISSN 
_citation.journal_id_CSD 
_citation.book_publisher 
_citation.pdbx_database_id_PubMed 
_citation.pdbx_database_id_DOI 
primary 'Metals, motifs, and recognition in the crystal structure of a 5S rRNA domain.' 'Cell(Cambridge,Mass.)' 91 705 712 1997 
CELLB5 US 0092-8674 0998 ? 9393863 '10.1016/S0092-8674(00)80457-2' 
1       
;Use of Chemically Modified Nucleotides to Determine a 62-Nucleotide RNA Crystal Structure: A Survey of Phosphorothioates, Br, Pt, and Hg
;
J.Biomol.Struct.Dyn.    15 165 172 1997 JBSDD6 US 0739-1102 0646 ? ?       ?                               
2       'The Solution Structure of the Loop E/Loop D Region of E. Coli 5S rRNA' 'To be Published'       ?  ?   ?   ?    ?      ?  
?         0353 ? ?       ?                               
# 
loop_
_citation_author.citation_id 
_citation_author.name 
_citation_author.ordinal 
_citation_author.identifier_ORCID 
primary 'Correll, C.C.' 1  ? 
primary 'Freeborn, B.'  2  ? 
primary 'Moore, P.B.'   3  ? 
primary 'Steitz, T.A.'  4  ? 
1       'Correll, C.C.' 5  ? 
1       'Freeborn, B.'  6  ? 
1       'Moore, P.B.'   7  ? 
1       'Steitz, T.A.'  8  ? 
2       'Dallas, A.'    9  ? 
2       'Moore, P.B.'   10 ? 
# 
loop_
_entity.id 
_entity.type 
_entity.src_method 
_entity.pdbx_description 
_entity.formula_weight 
_entity.pdbx_number_of_molecules 
_entity.pdbx_ec 
_entity.pdbx_mutation 
_entity.pdbx_fragment 
_entity.details 
1 polymer     man 
;RNA (5'-R(*UP*GP*)-D(*(1SC)P*)-R(*CP*UP*GP*GP*CP*GP*GP*C)-3')
;
3530.195  1  ? ? ? ? 
2 polymer     man 
;RNA (5'-R(*CP*CP*GP*AP*UP*GP*GP*UP*AP*GP*UP*GP*UP*GP*GP*GP*G *UP*C)-3')
;
6166.682  1  ? ? ? ? 
3 polymer     man 
;RNA (5'-R(*CP*CP*CP*CP*AP*UP*GP*CP*GP*AP*GP*AP*GP*UP*AP*GP*G P*GP*AP*AP*CP*UP*GP*CP*CP*AP*GP*GP*CP*AP*U)-3')
;
10012.047 1  ? ? ? ? 
4 non-polymer syn 'MAGNESIUM ION'                                                                                                
24.305    12 ? ? ? ? 
5 water       nat water                                                                                                          
18.015    4  ? ? ? ? 
# 
loop_
_entity_poly.entity_id 
_entity_poly.type 
_entity_poly.nstd_linkage 
_entity_poly.nstd_monomer 
_entity_poly.pdbx_seq_one_letter_code 
_entity_poly.pdbx_seq_one_letter_code_can 
_entity_poly.pdbx_strand_id 
_entity_poly.pdbx_target_identifier 
1 polyribonucleotide no yes 'UGC(1SC)UGGCGGC'               UGCCUGGCGGC                     A ? 
2 polyribonucleotide no no  CCGAUGGUAGUGUGGGGUC             CCGAUGGUAGUGUGGGGUC             B ? 
3 polyribonucleotide no no  CCCCAUGCGAGAGUAGGGAACUGCCAGGCAU CCCCAUGCGAGAGUAGGGAACUGCCAGGCAU C ? 
# 
loop_
_pdbx_entity_nonpoly.entity_id 
_pdbx_entity_nonpoly.name 
_pdbx_entity_nonpoly.comp_id 
4 'MAGNESIUM ION' MG  
5 water           HOH 
# 
loop_
_entity_poly_seq.entity_id 
_entity_poly_seq.num 
_entity_poly_seq.mon_id 
_entity_poly_seq.hetero 
1 1  U   n 
1 2  G   n 
1 3  C   n 
1 4  1SC n 
1 5  U   n 
1 6  G   n 
1 7  G   n 
1 8  C   n 
1 9  G   n 
1 10 G   n 
1 11 C   n 
2 1  C   n 
2 2  C   n 
2 3  G   n 
2 4  A   n 
2 5  U   n 
2 6  G   n 
2 7  G   n 
2 8  U   n 
2 9  A   n 
2 10 G   n 
2 11 U   n 
2 12 G   n 
2 13 U   n 
2 14 G   n 
2 15 G   n 
2 16 G   n 
2 17 G   n 
2 18 U   n 
2 19 C   n 
3 1  C   n 
3 2  C   n 
3 3  C   n 
3 4  C   n 
3 5  A   n 
3 6  U   n 
3 7  G   n 
3 8  C   n 
3 9  G   n 
3 10 A   n 
3 11 G   n 
3 12 A   n 
3 13 G   n 
3 14 U   n 
3 15 A   n 
3 16 G   n 
3 17 G   n 
3 18 G   n 
3 19 A   n 
3 20 A   n 
3 21 C   n 
3 22 U   n 
3 23 G   n 
3 24 C   n 
3 25 C   n 
3 26 A   n 
3 27 G   n 
3 28 G   n 
3 29 C   n 
3 30 A   n 
3 31 U   n 
# 
loop_
_entity_src_gen.entity_id 
_entity_src_gen.pdbx_src_id 
_entity_src_gen.pdbx_alt_source_flag 
_entity_src_gen.pdbx_seq_type 
_entity_src_gen.pdbx_beg_seq_num 
_entity_src_gen.pdbx_end_seq_num 
_entity_src_gen.gene_src_common_name 
_entity_src_gen.gene_src_genus 
_entity_src_gen.pdbx_gene_src_gene 
_entity_src_gen.gene_src_species 
_entity_src_gen.gene_src_strain 
_entity_src_gen.gene_src_tissue 
_entity_src_gen.gene_src_tissue_fraction 
_entity_src_gen.gene_src_details 
_entity_src_gen.pdbx_gene_src_fragment 
_entity_src_gen.pdbx_gene_src_scientific_name 
_entity_src_gen.pdbx_gene_src_ncbi_taxonomy_id 
_entity_src_gen.pdbx_gene_src_variant 
_entity_src_gen.pdbx_gene_src_cell_line 
_entity_src_gen.pdbx_gene_src_atcc 
_entity_src_gen.pdbx_gene_src_organ 
_entity_src_gen.pdbx_gene_src_organelle 
_entity_src_gen.pdbx_gene_src_cell 
_entity_src_gen.pdbx_gene_src_cellular_location 
_entity_src_gen.host_org_common_name 
_entity_src_gen.pdbx_host_org_scientific_name 
_entity_src_gen.pdbx_host_org_ncbi_taxonomy_id 
_entity_src_gen.host_org_genus 
_entity_src_gen.pdbx_host_org_gene 
_entity_src_gen.pdbx_host_org_organ 
_entity_src_gen.host_org_species 
_entity_src_gen.pdbx_host_org_tissue 
_entity_src_gen.pdbx_host_org_tissue_fraction 
_entity_src_gen.pdbx_host_org_strain 
_entity_src_gen.pdbx_host_org_variant 
_entity_src_gen.pdbx_host_org_cell_line 
_entity_src_gen.pdbx_host_org_atcc 
_entity_src_gen.pdbx_host_org_culture_collection 
_entity_src_gen.pdbx_host_org_cell 
_entity_src_gen.pdbx_host_org_organelle 
_entity_src_gen.pdbx_host_org_cellular_location 
_entity_src_gen.pdbx_host_org_vector_type 
_entity_src_gen.pdbx_host_org_vector 
_entity_src_gen.host_org_details 
_entity_src_gen.expression_system_id 
_entity_src_gen.plasmid_name 
_entity_src_gen.plasmid_details 
_entity_src_gen.pdbx_description 
1 1 sample ? ? ? ? Escherichia ? ? ? ? ? ? ? 'Escherichia coli' 562 ? ? ? ? ? ? ? ? 'Escherichia coli' 562 Escherichia ? ? ? ? ? ? 
? ? ? ? ? CYTOSOL ? ? ? ? ? ?                        ? ? 
2 1 sample ? ? ? ? Escherichia ? ? ? ? ? ? ? 'Escherichia coli' 562 ? ? ? ? ? ? ? ? 'Escherichia coli' 562 Escherichia ? ? ? ? ? 
HB101 ? ? ? ? ? CYTOSOL ? ? ? ? ? 'PKK5-1 RRNB 5S CISTRON' ? ? 
3 1 sample ? ? ? ? Escherichia ? ? ? ? ? ? ? 'Escherichia coli' 562 ? ? ? ? ? ? ? ? 'Escherichia coli' 562 Escherichia ? ? ? ? ? 
HB101 ? ? ? ? ? CYTOSOL ? ? ? ? ? 'PKK5-1 RRNB 5S CISTRON' ? ? 
# 
loop_
_chem_comp.id 
_chem_comp.type 
_chem_comp.mon_nstd_flag 
_chem_comp.name 
_chem_comp.pdbx_synonyms 
_chem_comp.formula 
_chem_comp.formula_weight 
1SC 'RNA linking' n "5'-O-THIOPHOSPHONOCYTIDINE" ? 'C9 H14 N3 O7 P S' 339.262 
A   'RNA linking' y "ADENOSINE-5'-MONOPHOSPHATE" ? 'C10 H14 N5 O7 P'  347.221 
C   'RNA linking' y "CYTIDINE-5'-MONOPHOSPHATE"  ? 'C9 H14 N3 O8 P'   323.197 
G   'RNA linking' y "GUANOSINE-5'-MONOPHOSPHATE" ? 'C10 H14 N5 O8 P'  363.221 
HOH non-polymer   . WATER                        ? 'H2 O'             18.015  
MG  non-polymer   . 'MAGNESIUM ION'              ? 'Mg 2'             24.305  
U   'RNA linking' y "URIDINE-5'-MONOPHOSPHATE"   ? 'C9 H13 N2 O9 P'   324.181 
# 
loop_
_pdbx_poly_seq_scheme.asym_id 
_pdbx_poly_seq_scheme.entity_id 
_pdbx_poly_seq_scheme.seq_id 
_pdbx_poly_seq_scheme.mon_id 
_pdbx_poly_seq_scheme.ndb_seq_num 
_pdbx_poly_seq_scheme.pdb_seq_num 
_pdbx_poly_seq_scheme.auth_seq_num 
_pdbx_poly_seq_scheme.pdb_mon_id 
_pdbx_poly_seq_scheme.auth_mon_id 
_pdbx_poly_seq_scheme.pdb_strand_id 
_pdbx_poly_seq_scheme.pdb_ins_code 
_pdbx_poly_seq_scheme.hetero 
A 1 1  U   1  1   1   U   U  A . n 
A 1 2  G   2  2   2   G   G  A . n 
A 1 3  C   3  3   3   C   C  A . n 
A 1 4  1SC 4  4   4   1SC +C A . n 
A 1 5  U   5  5   5   U   U  A . n 
A 1 6  G   6  6   6   G   G  A . n 
A 1 7  G   7  7   7   G   G  A . n 
A 1 8  C   8  8   8   C   C  A . n 
A 1 9  G   9  9   9   G   G  A . n 
A 1 10 G   10 10  10  G   G  A . n 
A 1 11 C   11 11  11  C   C  A . n 
B 2 1  C   1  70  70  C   C  B . n 
B 2 2  C   2  71  71  C   C  B . n 
B 2 3  G   3  72  72  G   G  B . n 
B 2 4  A   4  73  73  A   A  B . n 
B 2 5  U   5  74  74  U   U  B . n 
B 2 6  G   6  75  75  G   G  B . n 
B 2 7  G   7  76  76  G   G  B . n 
B 2 8  U   8  77  77  U   U  B . n 
B 2 9  A   9  78  78  A   A  B . n 
B 2 10 G   10 79  79  G   G  B . n 
B 2 11 U   11 80  80  U   U  B . n 
B 2 12 G   12 81  81  G   G  B . n 
B 2 13 U   13 82  82  U   U  B . n 
B 2 14 G   14 83  83  G   G  B . n 
B 2 15 G   15 84  84  G   G  B . n 
B 2 16 G   16 85  85  G   G  B . n 
B 2 17 G   17 86  86  G   G  B . n 
B 2 18 U   18 87  87  U   U  B . n 
B 2 19 C   19 88  88  C   C  B . n 
C 3 1  C   1  90  90  C   C  C . n 
C 3 2  C   2  91  91  C   C  C . n 
C 3 3  C   3  92  92  C   C  C . n 
C 3 4  C   4  93  93  C   C  C . n 
C 3 5  A   5  94  94  A   A  C . n 
C 3 6  U   6  95  95  U   U  C . n 
C 3 7  G   7  96  96  G   G  C . n 
C 3 8  C   8  97  97  C   C  C . n 
C 3 9  G   9  98  98  G   G  C . n 
C 3 10 A   10 99  99  A   A  C . n 
C 3 11 G   11 100 100 G   G  C . n 
C 3 12 A   12 101 101 A   A  C . n 
C 3 13 G   13 102 102 G   G  C . n 
C 3 14 U   14 103 103 U   U  C . n 
C 3 15 A   15 104 104 A   A  C . n 
C 3 16 G   16 105 105 G   G  C . n 
C 3 17 G   17 106 106 G   G  C . n 
C 3 18 G   18 107 107 G   G  C . n 
C 3 19 A   19 108 108 A   A  C . n 
C 3 20 A   20 109 109 A   A  C . n 
C 3 21 C   21 110 110 C   C  C . n 
C 3 22 U   22 111 111 U   U  C . n 
C 3 23 G   23 112 112 G   G  C . n 
C 3 24 C   24 113 113 C   C  C . n 
C 3 25 C   25 114 114 C   C  C . n 
C 3 26 A   26 115 115 A   A  C . n 
C 3 27 G   27 116 116 G   G  C . n 
C 3 28 G   28 117 117 G   G  C . n 
C 3 29 C   29 118 118 C   C  C . n 
C 3 30 A   30 119 119 A   A  C . n 
C 3 31 U   31 120 120 U   U  C . n 
# 
loop_
_pdbx_nonpoly_scheme.asym_id 
_pdbx_nonpoly_scheme.entity_id 
_pdbx_nonpoly_scheme.mon_id 
_pdbx_nonpoly_scheme.ndb_seq_num 
_pdbx_nonpoly_scheme.pdb_seq_num 
_pdbx_nonpoly_scheme.auth_seq_num 
_pdbx_nonpoly_scheme.pdb_mon_id 
_pdbx_nonpoly_scheme.auth_mon_id 
_pdbx_nonpoly_scheme.pdb_strand_id 
_pdbx_nonpoly_scheme.pdb_ins_code 
D 4 MG  1 207 207 MG  MG  A . 
E 4 MG  1 210 210 MG  MG  A . 
F 4 MG  1 201 201 MG  MG  B . 
G 4 MG  1 214 214 MG  MG  B . 
H 4 MG  1 202 202 MG  MG  C . 
I 4 MG  1 204 204 MG  MG  C . 
J 4 MG  1 205 205 MG  MG  C . 
K 4 MG  1 208 208 MG  MG  C . 
L 4 MG  1 209 209 MG  MG  C . 
M 4 MG  1 211 211 MG  MG  C . 
N 4 MG  1 213 213 MG  MG  C . 
O 4 MG  1 216 216 MG  MG  C . 
P 5 HOH 1 301 301 HOH HOH B . 
Q 5 HOH 1 302 302 HOH HOH C . 
Q 5 HOH 2 303 303 HOH HOH C . 
Q 5 HOH 3 304 304 HOH HOH C . 
# 
loop_
_pdbx_unobs_or_zero_occ_atoms.id 
_pdbx_unobs_or_zero_occ_atoms.PDB_model_num 
_pdbx_unobs_or_zero_occ_atoms.polymer_flag 
_pdbx_unobs_or_zero_occ_atoms.occupancy_flag 
_pdbx_unobs_or_zero_occ_atoms.auth_asym_id 
_pdbx_unobs_or_zero_occ_atoms.auth_comp_id 
_pdbx_unobs_or_zero_occ_atoms.auth_seq_id 
_pdbx_unobs_or_zero_occ_atoms.PDB_ins_code 
_pdbx_unobs_or_zero_occ_atoms.auth_atom_id 
_pdbx_unobs_or_zero_occ_atoms.label_alt_id 
_pdbx_unobs_or_zero_occ_atoms.label_asym_id 
_pdbx_unobs_or_zero_occ_atoms.label_comp_id 
_pdbx_unobs_or_zero_occ_atoms.label_seq_id 
_pdbx_unobs_or_zero_occ_atoms.label_atom_id 
1  1 Y 0 A C 3   ? "O2'" ? A C 3  "O2'" 
2  1 Y 1 C U 120 ? "C5'" ? C U 31 "C5'" 
3  1 Y 1 C U 120 ? "C4'" ? C U 31 "C4'" 
4  1 Y 1 C U 120 ? "O4'" ? C U 31 "O4'" 
5  1 Y 1 C U 120 ? "C3'" ? C U 31 "C3'" 
6  1 Y 1 C U 120 ? "O3'" ? C U 31 "O3'" 
7  1 Y 1 C U 120 ? "C2'" ? C U 31 "C2'" 
8  1 Y 1 C U 120 ? "O2'" ? C U 31 "O2'" 
9  1 Y 1 C U 120 ? "C1'" ? C U 31 "C1'" 
10 1 Y 1 C U 120 ? N1    ? C U 31 N1    
11 1 Y 1 C U 120 ? C2    ? C U 31 C2    
12 1 Y 1 C U 120 ? O2    ? C U 31 O2    
13 1 Y 1 C U 120 ? N3    ? C U 31 N3    
14 1 Y 1 C U 120 ? C4    ? C U 31 C4    
15 1 Y 1 C U 120 ? O4    ? C U 31 O4    
16 1 Y 1 C U 120 ? C5    ? C U 31 C5    
17 1 Y 1 C U 120 ? C6    ? C U 31 C6    
# 
loop_
_software.name 
_software.classification 
_software.version 
_software.citation_id 
_software.pdbx_ordinal 
X-PLOR    'model building' . ? 1 
CNS       refinement       . ? 2 
DENZO     'data reduction' . ? 3 
SCALEPACK 'data scaling'   . ? 4 
X-PLOR    phasing          . ? 5 
# 
_cell.entry_id           364D 
_cell.length_a           59.030 
_cell.length_b           59.030 
_cell.length_c           254.070 
_cell.angle_alpha        90.00 
_cell.angle_beta         90.00 
_cell.angle_gamma        120.00 
_cell.Z_PDB              12 
_cell.pdbx_unique_axis   ? 
_cell.length_a_esd       ? 
_cell.length_b_esd       ? 
_cell.length_c_esd       ? 
_cell.angle_alpha_esd    ? 
_cell.angle_beta_esd     ? 
_cell.angle_gamma_esd    ? 
# 
_symmetry.entry_id                         364D 
_symmetry.space_group_name_H-M             'P 61 2 2' 
_symmetry.pdbx_full_space_group_name_H-M   ? 
_symmetry.cell_setting                     ? 
_symmetry.Int_Tables_number                178 
_symmetry.space_group_name_Hall            ? 
# 
_exptl.entry_id          364D 
_exptl.method            'X-RAY DIFFRACTION' 
_exptl.crystals_number   1 
# 
_exptl_crystal.id                    1 
_exptl_crystal.density_meas          ? 
_exptl_crystal.density_Matthews      3.24 
_exptl_crystal.density_percent_sol   59.0000 
_exptl_crystal.description           ? 
_exptl_crystal.F_000                 ? 
_exptl_crystal.preparation           ? 
# 
_exptl_crystal_grow.crystal_id      1 
_exptl_crystal_grow.method          'VAPOR DIFFUSION' 
_exptl_crystal_grow.temp            ? 
_exptl_crystal_grow.temp_details    ? 
_exptl_crystal_grow.pH              6.40 
_exptl_crystal_grow.pdbx_details    'pH 6.40, VAPOR DIFFUSION' 
_exptl_crystal_grow.pdbx_pH_range   ? 
# 
loop_
_exptl_crystal_grow_comp.crystal_id 
_exptl_crystal_grow_comp.id 
_exptl_crystal_grow_comp.sol_id 
_exptl_crystal_grow_comp.name 
_exptl_crystal_grow_comp.volume 
_exptl_crystal_grow_comp.conc 
_exptl_crystal_grow_comp.details 
1 1 1 WATER        ? ? ? 
1 2 1 MGCL2        ? ? ? 
1 3 1 'NA MES'     ? ? ? 
1 4 1 'MG SULFATE' ? ? ? 
# 
_diffrn.id                     1 
_diffrn.ambient_temp           100.00 
_diffrn.ambient_temp_details   ? 
_diffrn.crystal_id             1 
# 
_diffrn_detector.diffrn_id              1 
_diffrn_detector.detector               CCD 
_diffrn_detector.type                   'PRINCETON 2K' 
_diffrn_detector.pdbx_collection_date   1995-03-28 
_diffrn_detector.details                'SILICON 111 BENDING MIRROR' 
# 
_diffrn_radiation.diffrn_id                        1 
_diffrn_radiation.wavelength_id                    1 
_diffrn_radiation.pdbx_monochromatic_or_laue_m_l   M 
_diffrn_radiation.monochromator                    ? 
_diffrn_radiation.pdbx_diffrn_protocol             ? 
_diffrn_radiation.pdbx_scattering_type             x-ray 
# 
_diffrn_radiation_wavelength.id           1 
_diffrn_radiation_wavelength.wavelength   . 
_diffrn_radiation_wavelength.wt           1.0 
# 
_diffrn_source.diffrn_id                   1 
_diffrn_source.source                      SYNCHROTRON 
_diffrn_source.type                        'CHESS BEAMLINE A1' 
_diffrn_source.pdbx_synchrotron_site       CHESS 
_diffrn_source.pdbx_synchrotron_beamline   A1 
_diffrn_source.pdbx_wavelength             ? 
_diffrn_source.pdbx_wavelength_list        ? 
# 
_reflns.entry_id                     364D 
_reflns.observed_criterion_sigma_I   -3.000 
_reflns.observed_criterion_sigma_F   -3.000 
_reflns.d_resolution_low             20.000 
_reflns.d_resolution_high            2.980 
_reflns.number_obs                   4950 
_reflns.number_all                   ? 
_reflns.percent_possible_obs         82.500 
_reflns.pdbx_Rmerge_I_obs            0.047 
_reflns.pdbx_Rsym_value              0.047 
_reflns.pdbx_netI_over_sigmaI        10.400 
_reflns.B_iso_Wilson_estimate        87.70 
_reflns.pdbx_redundancy              3.900 
_reflns.R_free_details               ? 
_reflns.pdbx_chi_squared             ? 
_reflns.pdbx_scaling_rejects         ? 
_reflns.pdbx_diffrn_id               1 
_reflns.pdbx_ordinal                 1 
# 
_reflns_shell.d_res_high             2.980 
_reflns_shell.d_res_low              3.090 
_reflns_shell.percent_possible_all   47.50 
_reflns_shell.Rmerge_I_obs           0.372 
_reflns_shell.pdbx_Rsym_value        0.37 
_reflns_shell.meanI_over_sigI_obs    2.000 
_reflns_shell.pdbx_redundancy        2.000 
_reflns_shell.percent_possible_obs   ? 
_reflns_shell.number_unique_all      ? 
_reflns_shell.number_measured_all    ? 
_reflns_shell.number_measured_obs    ? 
_reflns_shell.number_unique_obs      ? 
_reflns_shell.pdbx_chi_squared       ? 
_reflns_shell.pdbx_diffrn_id         ? 
_reflns_shell.pdbx_ordinal           1 
# 
_refine.entry_id                                 364D 
_refine.ls_number_reflns_obs                     4668 
_refine.ls_number_reflns_all                     ? 
_refine.pdbx_ls_sigma_I                          ? 
_refine.pdbx_ls_sigma_F                          0.000 
_refine.pdbx_data_cutoff_high_absF               525997.650 
_refine.pdbx_data_cutoff_low_absF                0.0000 
_refine.pdbx_data_cutoff_high_rms_absF           ? 
_refine.ls_d_res_low                             20.000 
_refine.ls_d_res_high                            3.000 
_refine.ls_percent_reflns_obs                    80.100 
_refine.ls_R_factor_obs                          0.272 
_refine.ls_R_factor_all                          ? 
_refine.ls_R_factor_R_work                       0.272 
_refine.ls_R_factor_R_free                       0.324 
_refine.ls_R_factor_R_free_error                 0.015 
_refine.ls_R_factor_R_free_error_details         ? 
_refine.ls_percent_reflns_R_free                 10.90 
_refine.ls_number_reflns_R_free                  510 
_refine.ls_number_parameters                     ? 
_refine.ls_number_restraints                     ? 
_refine.occupancy_min                            ? 
_refine.occupancy_max                            ? 
_refine.B_iso_mean                               83.50 
_refine.aniso_B[1][1]                            10.540 
_refine.aniso_B[2][2]                            10.540 
_refine.aniso_B[3][3]                            -21.10 
_refine.aniso_B[1][2]                            18.910 
_refine.aniso_B[1][3]                            0.0000 
_refine.aniso_B[2][3]                            0.0000 
_refine.solvent_model_details                    ? 
_refine.solvent_model_param_ksol                 ? 
_refine.solvent_model_param_bsol                 ? 
_refine.pdbx_ls_cross_valid_method               THROUGHOUT 
_refine.details                                  'TARGET FOR REFINEMENT WAS MLF: MAXIMUM LIKELIHOOD TARGET USING AMPLITUDES' 
_refine.pdbx_starting_model                      ? 
_refine.pdbx_method_to_determine_struct          'MOLECULAR REPLACEMENT' 
_refine.pdbx_isotropic_thermal_model             ? 
_refine.pdbx_stereochemistry_target_values       ? 
_refine.pdbx_stereochem_target_val_spec_case     ? 
_refine.pdbx_R_Free_selection_details            RANDOM 
_refine.pdbx_overall_ESU_R                       ? 
_refine.pdbx_overall_ESU_R_Free                  ? 
_refine.overall_SU_ML                            ? 
_refine.overall_SU_B                             ? 
_refine.pdbx_refine_id                           'X-RAY DIFFRACTION' 
_refine.ls_redundancy_reflns_obs                 ? 
_refine.pdbx_overall_phase_error                 ? 
_refine.correlation_coeff_Fo_to_Fc               ? 
_refine.correlation_coeff_Fo_to_Fc_free          ? 
_refine.pdbx_solvent_vdw_probe_radii             ? 
_refine.pdbx_solvent_ion_probe_radii             ? 
_refine.pdbx_solvent_shrinkage_radii             ? 
_refine.overall_SU_R_Cruickshank_DPI             ? 
_refine.overall_SU_R_free                        ? 
_refine.ls_wR_factor_R_free                      ? 
_refine.ls_wR_factor_R_work                      ? 
_refine.overall_FOM_free_R_set                   ? 
_refine.overall_FOM_work_R_set                   ? 
_refine.pdbx_diffrn_id                           1 
_refine.pdbx_TLS_residual_ADP_flag               ? 
_refine.pdbx_overall_SU_R_free_Cruickshank_DPI   ? 
_refine.pdbx_overall_SU_R_Blow_DPI               ? 
_refine.pdbx_overall_SU_R_free_Blow_DPI          ? 
# 
_refine_analyze.entry_id                        364D 
_refine_analyze.Luzzati_coordinate_error_obs    0.54 
_refine_analyze.Luzzati_sigma_a_obs             0.52 
_refine_analyze.Luzzati_d_res_low_obs           20.0 
_refine_analyze.Luzzati_coordinate_error_free   0.74 
_refine_analyze.Luzzati_sigma_a_free            0.8 
_refine_analyze.Luzzati_d_res_low_free          ? 
_refine_analyze.number_disordered_residues      ? 
_refine_analyze.occupancy_sum_hydrogen          ? 
_refine_analyze.occupancy_sum_non_hydrogen      ? 
_refine_analyze.pdbx_refine_id                  'X-RAY DIFFRACTION' 
# 
_refine_hist.pdbx_refine_id                   'X-RAY DIFFRACTION' 
_refine_hist.cycle_id                         LAST 
_refine_hist.pdbx_number_atoms_protein        0 
_refine_hist.pdbx_number_atoms_nucleic_acid   1295 
_refine_hist.pdbx_number_atoms_ligand         14 
_refine_hist.number_atoms_solvent             4 
_refine_hist.number_atoms_total               1313 
_refine_hist.d_res_high                       3.000 
_refine_hist.d_res_low                        20.000 
# 
loop_
_refine_ls_restr.type 
_refine_ls_restr.dev_ideal 
_refine_ls_restr.dev_ideal_target 
_refine_ls_restr.weight 
_refine_ls_restr.number 
_refine_ls_restr.pdbx_refine_id 
_refine_ls_restr.pdbx_restraint_function 
c_bond_d                0.007 ?     ? ? 'X-RAY DIFFRACTION' ? 
c_bond_d_na             ?     ?     ? ? 'X-RAY DIFFRACTION' ? 
c_bond_d_prot           ?     ?     ? ? 'X-RAY DIFFRACTION' ? 
c_angle_d               ?     ?     ? ? 'X-RAY DIFFRACTION' ? 
c_angle_d_na            ?     ?     ? ? 'X-RAY DIFFRACTION' ? 
c_angle_d_prot          ?     ?     ? ? 'X-RAY DIFFRACTION' ? 
c_angle_deg             1.10  ?     ? ? 'X-RAY DIFFRACTION' ? 
c_angle_deg_na          ?     ?     ? ? 'X-RAY DIFFRACTION' ? 
c_angle_deg_prot        ?     ?     ? ? 'X-RAY DIFFRACTION' ? 
c_dihedral_angle_d      29.7  ?     ? ? 'X-RAY DIFFRACTION' ? 
c_dihedral_angle_d_na   ?     ?     ? ? 'X-RAY DIFFRACTION' ? 
c_dihedral_angle_d_prot ?     ?     ? ? 'X-RAY DIFFRACTION' ? 
c_improper_angle_d      2.24  ?     ? ? 'X-RAY DIFFRACTION' ? 
c_improper_angle_d_na   ?     ?     ? ? 'X-RAY DIFFRACTION' ? 
c_improper_angle_d_prot ?     ?     ? ? 'X-RAY DIFFRACTION' ? 
c_mcbond_it             1.930 1.500 ? ? 'X-RAY DIFFRACTION' ? 
c_mcangle_it            3.180 2.000 ? ? 'X-RAY DIFFRACTION' ? 
c_scbond_it             1.920 2.000 ? ? 'X-RAY DIFFRACTION' ? 
c_scangle_it            3.210 2.500 ? ? 'X-RAY DIFFRACTION' ? 
# 
_refine_ls_shell.pdbx_total_number_of_bins_used   6 
_refine_ls_shell.d_res_high                       3.00 
_refine_ls_shell.d_res_low                        3.19 
_refine_ls_shell.number_reflns_R_work             392 
_refine_ls_shell.R_factor_R_work                  0.402 
_refine_ls_shell.percent_reflns_obs               47.60 
_refine_ls_shell.R_factor_R_free                  0.502 
_refine_ls_shell.R_factor_R_free_error            0.07 
_refine_ls_shell.percent_reflns_R_free            5.10 
_refine_ls_shell.number_reflns_R_free             47 
_refine_ls_shell.pdbx_refine_id                   'X-RAY DIFFRACTION' 
_refine_ls_shell.redundancy_reflns_obs            ? 
_refine_ls_shell.number_reflns_all                ? 
_refine_ls_shell.number_reflns_obs                ? 
_refine_ls_shell.R_factor_all                     ? 
# 
loop_
_pdbx_xplor_file.serial_no 
_pdbx_xplor_file.param_file 
_pdbx_xplor_file.topol_file 
_pdbx_xplor_file.pdbx_refine_id 
1 DNA-RNA-MULTI-ENDO.PARAM DNA-RNA-MULTI-ENDO.TOP 'X-RAY DIFFRACTION' 
2 MG.PARAM                 MG.PARAM               'X-RAY DIFFRACTION' 
3 PATCH.PAR                PATCH.PAR              'X-RAY DIFFRACTION' 
# 
_struct.entry_id                  364D 
_struct.title                     '3.0 A STRUCTURE OF FRAGMENT I FROM E. COLI 5S RRNA' 
_struct.pdbx_model_details        ? 
_struct.pdbx_CASP_flag            ? 
_struct.pdbx_model_type_details   ? 
# 
_struct_keywords.entry_id        364D 
_struct_keywords.pdbx_keywords   RNA 
_struct_keywords.text            'U-RNA, DOUBLE HELIX, KINKED, INTERNAL LOOP, OVERHANGING BASE, MODIFIED, MISMATCHED, RNA' 
# 
loop_
_struct_asym.id 
_struct_asym.pdbx_blank_PDB_chainid_flag 
_struct_asym.pdbx_modified 
_struct_asym.entity_id 
_struct_asym.details 
A N N 1 ? 
B N N 2 ? 
C N N 3 ? 
D N N 4 ? 
E N N 4 ? 
F N N 4 ? 
G N N 4 ? 
H N N 4 ? 
I N N 4 ? 
J N N 4 ? 
K N N 4 ? 
L N N 4 ? 
M N N 4 ? 
N N N 4 ? 
O N N 4 ? 
P N N 5 ? 
Q N N 5 ? 
# 
loop_
_struct_ref.id 
_struct_ref.entity_id 
_struct_ref.db_name 
_struct_ref.db_code 
_struct_ref.pdbx_db_accession 
_struct_ref.pdbx_align_begin 
_struct_ref.pdbx_seq_one_letter_code 
_struct_ref.pdbx_db_isoform 
1 1 PDB 364D 364D ? ? ? 
2 2 PDB 364D 364D ? ? ? 
3 3 PDB 364D 364D ? ? ? 
# 
loop_
_struct_ref_seq.align_id 
_struct_ref_seq.ref_id 
_struct_ref_seq.pdbx_PDB_id_code 
_struct_ref_seq.pdbx_strand_id 
_struct_ref_seq.seq_align_beg 
_struct_ref_seq.pdbx_seq_align_beg_ins_code 
_struct_ref_seq.seq_align_end 
_struct_ref_seq.pdbx_seq_align_end_ins_code 
_struct_ref_seq.pdbx_db_accession 
_struct_ref_seq.db_align_beg 
_struct_ref_seq.pdbx_db_align_beg_ins_code 
_struct_ref_seq.db_align_end 
_struct_ref_seq.pdbx_db_align_end_ins_code 
_struct_ref_seq.pdbx_auth_seq_align_beg 
_struct_ref_seq.pdbx_auth_seq_align_end 
1 1 364D A 1 ? 11 ? 364D 1  ? 11  ? 1  11  
2 2 364D B 1 ? 19 ? 364D 70 ? 88  ? 70 88  
3 3 364D C 1 ? 31 ? 364D 90 ? 120 ? 90 120 
# 
_pdbx_struct_assembly.id                   1 
_pdbx_struct_assembly.details              author_defined_assembly 
_pdbx_struct_assembly.method_details       ? 
_pdbx_struct_assembly.oligomeric_details   trimeric 
_pdbx_struct_assembly.oligomeric_count     3 
# 
_pdbx_struct_assembly_gen.assembly_id       1 
_pdbx_struct_assembly_gen.oper_expression   1 
_pdbx_struct_assembly_gen.asym_id_list      A,B,C,D,E,F,G,H,I,J,K,L,M,N,O,P,Q 
# 
_pdbx_struct_oper_list.id                   1 
_pdbx_struct_oper_list.type                 'identity operation' 
_pdbx_struct_oper_list.name                 1_555 
_pdbx_struct_oper_list.symmetry_operation   x,y,z 
_pdbx_struct_oper_list.matrix[1][1]         1.0000000000 
_pdbx_struct_oper_list.matrix[1][2]         0.0000000000 
_pdbx_struct_oper_list.matrix[1][3]         0.0000000000 
_pdbx_struct_oper_list.vector[1]            0.0000000000 
_pdbx_struct_oper_list.matrix[2][1]         0.0000000000 
_pdbx_struct_oper_list.matrix[2][2]         1.0000000000 
_pdbx_struct_oper_list.matrix[2][3]         0.0000000000 
_pdbx_struct_oper_list.vector[2]            0.0000000000 
_pdbx_struct_oper_list.matrix[3][1]         0.0000000000 
_pdbx_struct_oper_list.matrix[3][2]         0.0000000000 
_pdbx_struct_oper_list.matrix[3][3]         1.0000000000 
_pdbx_struct_oper_list.vector[3]            0.0000000000 
# 
_struct_biol.id        1 
_struct_biol.details   ? 
# 
loop_
_struct_conn.id 
_struct_conn.conn_type_id 
_struct_conn.pdbx_leaving_atom_flag 
_struct_conn.pdbx_PDB_id 
_struct_conn.ptnr1_label_asym_id 
_struct_conn.ptnr1_label_comp_id 
_struct_conn.ptnr1_label_seq_id 
_struct_conn.ptnr1_label_atom_id 
_struct_conn.pdbx_ptnr1_label_alt_id 
_struct_conn.pdbx_ptnr1_PDB_ins_code 
_struct_conn.pdbx_ptnr1_standard_comp_id 
_struct_conn.ptnr1_symmetry 
_struct_conn.ptnr2_label_asym_id 
_struct_conn.ptnr2_label_comp_id 
_struct_conn.ptnr2_label_seq_id 
_struct_conn.ptnr2_label_atom_id 
_struct_conn.pdbx_ptnr2_label_alt_id 
_struct_conn.pdbx_ptnr2_PDB_ins_code 
_struct_conn.ptnr1_auth_asym_id 
_struct_conn.ptnr1_auth_comp_id 
_struct_conn.ptnr1_auth_seq_id 
_struct_conn.ptnr2_auth_asym_id 
_struct_conn.ptnr2_auth_comp_id 
_struct_conn.ptnr2_auth_seq_id 
_struct_conn.ptnr2_symmetry 
_struct_conn.pdbx_ptnr3_label_atom_id 
_struct_conn.pdbx_ptnr3_label_seq_id 
_struct_conn.pdbx_ptnr3_label_comp_id 
_struct_conn.pdbx_ptnr3_label_asym_id 
_struct_conn.pdbx_ptnr3_label_alt_id 
_struct_conn.pdbx_ptnr3_PDB_ins_code 
_struct_conn.details 
_struct_conn.pdbx_dist_value 
_struct_conn.pdbx_value_order 
_struct_conn.pdbx_role 
covale1  covale both ? A C   3  "O3'" ? ? ? 1_555 A 1SC 4  P   ? ? A C   3   A 1SC 4   1_555 ? ? ? ? ? ? ?                    
1.602 ? ? 
covale2  covale one  ? A 1SC 4  "O3'" ? ? ? 1_555 A U   5  P   ? ? A 1SC 4   A U   5   1_555 ? ? ? ? ? ? ?                    
1.600 ? ? 
metalc1  metalc ?    ? B U   5  OP1   ? ? ? 1_555 H MG  .  MG  ? ? B U   74  C MG  202 1_555 ? ? ? ? ? ? ?                    
2.198 ? ? 
metalc2  metalc ?    ? B G   6  OP2   ? ? ? 1_555 F MG  .  MG  ? ? B G   75  B MG  201 1_555 ? ? ? ? ? ? ?                    
2.100 ? ? 
metalc3  metalc ?    ? F MG  .  MG    ? ? ? 1_555 C A   10 OP2 ? ? B MG  201 C A   99  1_555 ? ? ? ? ? ? ?                    
2.325 ? ? 
metalc4  metalc ?    ? G MG  .  MG    ? ? ? 1_555 O MG  .  MG  ? ? B MG  214 C MG  216 1_555 ? ? ? ? ? ? ?                    
3.009 ? ? 
metalc5  metalc ?    ? C U   6  OP2   ? ? ? 1_555 N MG  .  MG  ? ? C U   95  C MG  213 1_555 ? ? ? ? ? ? ?                    
2.059 ? ? 
metalc6  metalc ?    ? C G   9  O6    ? ? ? 1_555 J MG  .  MG  ? ? C G   98  C MG  205 1_555 ? ? ? ? ? ? ?                    
2.430 ? ? 
metalc7  metalc ?    ? C A   10 OP1   ? ? ? 1_555 H MG  .  MG  ? ? C A   99  C MG  202 1_555 ? ? ? ? ? ? ?                    
2.918 ? ? 
metalc8  metalc ?    ? C G   11 OP2   ? ? ? 1_555 I MG  .  MG  ? ? C G   100 C MG  204 1_555 ? ? ? ? ? ? ?                    
2.473 ? ? 
metalc9  metalc ?    ? C G   17 N7    ? ? ? 1_555 L MG  .  MG  ? ? C G   106 C MG  209 1_555 ? ? ? ? ? ? ?                    
3.108 ? ? 
hydrog1  hydrog ?    ? A U   1  N3    ? ? ? 1_555 C A   30 N1  ? ? A U   1   C A   119 1_555 ? ? ? ? ? ? WATSON-CRICK         ? ? 
? 
hydrog2  hydrog ?    ? A U   1  O4    ? ? ? 1_555 C A   30 N6  ? ? A U   1   C A   119 1_555 ? ? ? ? ? ? WATSON-CRICK         ? ? 
? 
hydrog3  hydrog ?    ? A G   2  N1    ? ? ? 1_555 C C   29 N3  ? ? A G   2   C C   118 1_555 ? ? ? ? ? ? WATSON-CRICK         ? ? 
? 
hydrog4  hydrog ?    ? A G   2  N2    ? ? ? 1_555 C C   29 O2  ? ? A G   2   C C   118 1_555 ? ? ? ? ? ? WATSON-CRICK         ? ? 
? 
hydrog5  hydrog ?    ? A G   2  O6    ? ? ? 1_555 C C   29 N4  ? ? A G   2   C C   118 1_555 ? ? ? ? ? ? WATSON-CRICK         ? ? 
? 
hydrog6  hydrog ?    ? A C   3  N3    ? ? ? 1_555 C G   28 N1  ? ? A C   3   C G   117 1_555 ? ? ? ? ? ? WATSON-CRICK         ? ? 
? 
hydrog7  hydrog ?    ? A C   3  N4    ? ? ? 1_555 C G   28 O6  ? ? A C   3   C G   117 1_555 ? ? ? ? ? ? WATSON-CRICK         ? ? 
? 
hydrog8  hydrog ?    ? A C   3  O2    ? ? ? 1_555 C G   28 N2  ? ? A C   3   C G   117 1_555 ? ? ? ? ? ? WATSON-CRICK         ? ? 
? 
hydrog9  hydrog ?    ? A 1SC 4  N3    ? ? ? 1_555 C G   27 N1  ? ? A 1SC 4   C G   116 1_555 ? ? ? ? ? ? WATSON-CRICK         ? ? 
? 
hydrog10 hydrog ?    ? A 1SC 4  N4    ? ? ? 1_555 C G   27 O6  ? ? A 1SC 4   C G   116 1_555 ? ? ? ? ? ? WATSON-CRICK         ? ? 
? 
hydrog11 hydrog ?    ? A 1SC 4  O2    ? ? ? 1_555 C G   27 N2  ? ? A 1SC 4   C G   116 1_555 ? ? ? ? ? ? WATSON-CRICK         ? ? 
? 
hydrog12 hydrog ?    ? A U   5  N3    ? ? ? 1_555 C A   26 N1  ? ? A U   5   C A   115 1_555 ? ? ? ? ? ? WATSON-CRICK         ? ? 
? 
hydrog13 hydrog ?    ? A U   5  O4    ? ? ? 1_555 C A   26 N6  ? ? A U   5   C A   115 1_555 ? ? ? ? ? ? WATSON-CRICK         ? ? 
? 
hydrog14 hydrog ?    ? A G   6  N1    ? ? ? 1_555 C C   25 N3  ? ? A G   6   C C   114 1_555 ? ? ? ? ? ? WATSON-CRICK         ? ? 
? 
hydrog15 hydrog ?    ? A G   6  N2    ? ? ? 1_555 C C   25 O2  ? ? A G   6   C C   114 1_555 ? ? ? ? ? ? WATSON-CRICK         ? ? 
? 
hydrog16 hydrog ?    ? A G   6  O6    ? ? ? 1_555 C C   25 N4  ? ? A G   6   C C   114 1_555 ? ? ? ? ? ? WATSON-CRICK         ? ? 
? 
hydrog17 hydrog ?    ? A G   7  N1    ? ? ? 1_555 C C   24 N3  ? ? A G   7   C C   113 1_555 ? ? ? ? ? ? WATSON-CRICK         ? ? 
? 
hydrog18 hydrog ?    ? A G   7  N2    ? ? ? 1_555 C C   24 O2  ? ? A G   7   C C   113 1_555 ? ? ? ? ? ? WATSON-CRICK         ? ? 
? 
hydrog19 hydrog ?    ? A G   7  O6    ? ? ? 1_555 C C   24 N4  ? ? A G   7   C C   113 1_555 ? ? ? ? ? ? WATSON-CRICK         ? ? 
? 
hydrog20 hydrog ?    ? A C   8  N3    ? ? ? 1_555 C G   23 N1  ? ? A C   8   C G   112 1_555 ? ? ? ? ? ? WATSON-CRICK         ? ? 
? 
hydrog21 hydrog ?    ? A C   8  N4    ? ? ? 1_555 C G   23 O6  ? ? A C   8   C G   112 1_555 ? ? ? ? ? ? WATSON-CRICK         ? ? 
? 
hydrog22 hydrog ?    ? A C   8  O2    ? ? ? 1_555 C G   23 N2  ? ? A C   8   C G   112 1_555 ? ? ? ? ? ? WATSON-CRICK         ? ? 
? 
hydrog23 hydrog ?    ? A G   9  N1    ? ? ? 1_555 C U   22 O2  ? ? A G   9   C U   111 1_555 ? ? ? ? ? ? TYPE_28_PAIR         ? ? 
? 
hydrog24 hydrog ?    ? A G   9  O6    ? ? ? 1_555 C U   22 N3  ? ? A G   9   C U   111 1_555 ? ? ? ? ? ? TYPE_28_PAIR         ? ? 
? 
hydrog25 hydrog ?    ? A G   10 O6    ? ? ? 1_555 C A   20 N6  ? ? A G   10  C A   109 1_555 ? ? ? ? ? ? 'G-A MISPAIR'        ? ? 
? 
hydrog26 hydrog ?    ? A G   10 N1    ? ? ? 1_555 C C   21 N3  ? ? A G   10  C C   110 1_555 ? ? ? ? ? ? WATSON-CRICK         ? ? 
? 
hydrog27 hydrog ?    ? A G   10 N2    ? ? ? 1_555 C C   21 O2  ? ? A G   10  C C   110 1_555 ? ? ? ? ? ? WATSON-CRICK         ? ? 
? 
hydrog28 hydrog ?    ? A G   10 O6    ? ? ? 1_555 C C   21 N4  ? ? A G   10  C C   110 1_555 ? ? ? ? ? ? WATSON-CRICK         ? ? 
? 
hydrog29 hydrog ?    ? A C   11 O2    ? ? ? 1_555 C A   20 N6  ? ? A C   11  C A   109 1_555 ? ? ? ? ? ? 'C-A MISPAIR'        ? ? 
? 
hydrog30 hydrog ?    ? B C   1  N3    ? ? ? 1_555 C G   17 N1  ? ? B C   70  C G   106 1_555 ? ? ? ? ? ? WATSON-CRICK         ? ? 
? 
hydrog31 hydrog ?    ? B C   1  N4    ? ? ? 1_555 C G   17 O6  ? ? B C   70  C G   106 1_555 ? ? ? ? ? ? WATSON-CRICK         ? ? 
? 
hydrog32 hydrog ?    ? B C   1  O2    ? ? ? 1_555 C G   17 N2  ? ? B C   70  C G   106 1_555 ? ? ? ? ? ? WATSON-CRICK         ? ? 
? 
hydrog33 hydrog ?    ? B C   2  N3    ? ? ? 1_555 C G   16 N1  ? ? B C   71  C G   105 1_555 ? ? ? ? ? ? WATSON-CRICK         ? ? 
? 
hydrog34 hydrog ?    ? B C   2  N4    ? ? ? 1_555 C G   16 O6  ? ? B C   71  C G   105 1_555 ? ? ? ? ? ? WATSON-CRICK         ? ? 
? 
hydrog35 hydrog ?    ? B C   2  O2    ? ? ? 1_555 C G   16 N2  ? ? B C   71  C G   105 1_555 ? ? ? ? ? ? WATSON-CRICK         ? ? 
? 
hydrog36 hydrog ?    ? B G   3  N2    ? ? ? 1_555 C A   15 N7  ? ? B G   72  C A   104 1_555 ? ? ? ? ? ? TYPE_11_PAIR         ? ? 
? 
hydrog37 hydrog ?    ? B G   3  N3    ? ? ? 1_555 C A   15 N6  ? ? B G   72  C A   104 1_555 ? ? ? ? ? ? TYPE_11_PAIR         ? ? 
? 
hydrog38 hydrog ?    ? B A   4  N6    ? ? ? 1_555 C U   14 O2  ? ? B A   73  C U   103 1_555 ? ? ? ? ? ? 'REVERSED HOOGSTEEN' ? ? 
? 
hydrog39 hydrog ?    ? B A   4  N7    ? ? ? 1_555 C U   14 N3  ? ? B A   73  C U   103 1_555 ? ? ? ? ? ? 'REVERSED HOOGSTEEN' ? ? 
? 
hydrog40 hydrog ?    ? B U   5  O4    ? ? ? 1_555 C G   13 N1  ? ? B U   74  C G   102 1_555 ? ? ? ? ? ? 'U-G MISPAIR'        ? ? 
? 
hydrog41 hydrog ?    ? B U   5  O4    ? ? ? 1_555 C U   14 N3  ? ? B U   74  C U   103 1_555 ? ? ? ? ? ? 'U-U MISPAIR'        ? ? 
? 
hydrog42 hydrog ?    ? B G   6  O6    ? ? ? 1_555 C A   12 N6  ? ? B G   75  C A   101 1_555 ? ? ? ? ? ? 'G-A MISPAIR'        ? ? 
? 
hydrog43 hydrog ?    ? B G   7  N1    ? ? ? 1_555 C G   11 O6  ? ? B G   76  C G   100 1_555 ? ? ? ? ? ? 'G-G MISPAIR'        ? ? 
? 
hydrog44 hydrog ?    ? B G   7  N2    ? ? ? 1_555 C A   12 N1  ? ? B G   76  C A   101 1_555 ? ? ? ? ? ? 'G-A MISPAIR'        ? ? 
? 
hydrog45 hydrog ?    ? B U   8  O4    ? ? ? 1_555 C G   9  N2  ? ? B U   77  C G   98  1_555 ? ? ? ? ? ? 'U-G MISPAIR'        ? ? 
? 
hydrog46 hydrog ?    ? B U   8  N3    ? ? ? 1_555 C A   10 N7  ? ? B U   77  C A   99  1_555 ? ? ? ? ? ? 'REVERSED HOOGSTEEN' ? ? 
? 
hydrog47 hydrog ?    ? B U   8  O2    ? ? ? 1_555 C A   10 N6  ? ? B U   77  C A   99  1_555 ? ? ? ? ? ? 'REVERSED HOOGSTEEN' ? ? 
? 
hydrog48 hydrog ?    ? B A   9  N6    ? ? ? 1_555 C G   9  N3  ? ? B A   78  C G   98  1_555 ? ? ? ? ? ? TYPE_11_PAIR         ? ? 
? 
hydrog49 hydrog ?    ? B A   9  N7    ? ? ? 1_555 C G   9  N2  ? ? B A   78  C G   98  1_555 ? ? ? ? ? ? TYPE_11_PAIR         ? ? 
? 
hydrog50 hydrog ?    ? B G   10 N1    ? ? ? 1_555 C C   8  N3  ? ? B G   79  C C   97  1_555 ? ? ? ? ? ? WATSON-CRICK         ? ? 
? 
hydrog51 hydrog ?    ? B G   10 N2    ? ? ? 1_555 C C   8  O2  ? ? B G   79  C C   97  1_555 ? ? ? ? ? ? WATSON-CRICK         ? ? 
? 
hydrog52 hydrog ?    ? B G   10 O6    ? ? ? 1_555 C C   8  N4  ? ? B G   79  C C   97  1_555 ? ? ? ? ? ? WATSON-CRICK         ? ? 
? 
hydrog53 hydrog ?    ? B G   10 O6    ? ? ? 1_555 C G   9  N1  ? ? B G   79  C G   98  1_555 ? ? ? ? ? ? 'G-G MISPAIR'        ? ? 
? 
hydrog54 hydrog ?    ? B U   11 N3    ? ? ? 1_555 C G   7  O6  ? ? B U   80  C G   96  1_555 ? ? ? ? ? ? 'U-G MISPAIR'        ? ? 
? 
hydrog55 hydrog ?    ? B G   12 N1    ? ? ? 1_555 C U   6  O2  ? ? B G   81  C U   95  1_555 ? ? ? ? ? ? TYPE_28_PAIR         ? ? 
? 
hydrog56 hydrog ?    ? B G   12 O6    ? ? ? 1_555 C U   6  N3  ? ? B G   81  C U   95  1_555 ? ? ? ? ? ? TYPE_28_PAIR         ? ? 
? 
hydrog57 hydrog ?    ? B U   13 N3    ? ? ? 1_555 C A   5  N1  ? ? B U   82  C A   94  1_555 ? ? ? ? ? ? WATSON-CRICK         ? ? 
? 
hydrog58 hydrog ?    ? B U   13 O4    ? ? ? 1_555 C A   5  N6  ? ? B U   82  C A   94  1_555 ? ? ? ? ? ? WATSON-CRICK         ? ? 
? 
hydrog59 hydrog ?    ? B G   14 N1    ? ? ? 1_555 C C   4  N3  ? ? B G   83  C C   93  1_555 ? ? ? ? ? ? WATSON-CRICK         ? ? 
? 
hydrog60 hydrog ?    ? B G   14 N2    ? ? ? 1_555 C C   4  O2  ? ? B G   83  C C   93  1_555 ? ? ? ? ? ? WATSON-CRICK         ? ? 
? 
hydrog61 hydrog ?    ? B G   14 O6    ? ? ? 1_555 C C   4  N4  ? ? B G   83  C C   93  1_555 ? ? ? ? ? ? WATSON-CRICK         ? ? 
? 
hydrog62 hydrog ?    ? B G   15 N1    ? ? ? 1_555 C C   3  N3  ? ? B G   84  C C   92  1_555 ? ? ? ? ? ? WATSON-CRICK         ? ? 
? 
hydrog63 hydrog ?    ? B G   15 N2    ? ? ? 1_555 C C   3  O2  ? ? B G   84  C C   92  1_555 ? ? ? ? ? ? WATSON-CRICK         ? ? 
? 
hydrog64 hydrog ?    ? B G   15 O6    ? ? ? 1_555 C C   3  N4  ? ? B G   84  C C   92  1_555 ? ? ? ? ? ? WATSON-CRICK         ? ? 
? 
hydrog65 hydrog ?    ? B G   16 N1    ? ? ? 1_555 C C   2  N3  ? ? B G   85  C C   91  1_555 ? ? ? ? ? ? WATSON-CRICK         ? ? 
? 
hydrog66 hydrog ?    ? B G   16 N2    ? ? ? 1_555 C C   2  O2  ? ? B G   85  C C   91  1_555 ? ? ? ? ? ? WATSON-CRICK         ? ? 
? 
hydrog67 hydrog ?    ? B G   16 O6    ? ? ? 1_555 C C   2  N4  ? ? B G   85  C C   91  1_555 ? ? ? ? ? ? WATSON-CRICK         ? ? 
? 
hydrog68 hydrog ?    ? B G   17 N1    ? ? ? 1_555 C C   1  N3  ? ? B G   86  C C   90  1_555 ? ? ? ? ? ? WATSON-CRICK         ? ? 
? 
hydrog69 hydrog ?    ? B G   17 N2    ? ? ? 1_555 C C   1  O2  ? ? B G   86  C C   90  1_555 ? ? ? ? ? ? WATSON-CRICK         ? ? 
? 
hydrog70 hydrog ?    ? B G   17 O6    ? ? ? 1_555 C C   1  N4  ? ? B G   86  C C   90  1_555 ? ? ? ? ? ? WATSON-CRICK         ? ? 
? 
# 
loop_
_struct_conn_type.id 
_struct_conn_type.criteria 
_struct_conn_type.reference 
covale ? ? 
metalc ? ? 
hydrog ? ? 
# 
loop_
_pdbx_struct_conn_angle.id 
_pdbx_struct_conn_angle.ptnr1_label_atom_id 
_pdbx_struct_conn_angle.ptnr1_label_alt_id 
_pdbx_struct_conn_angle.ptnr1_label_asym_id 
_pdbx_struct_conn_angle.ptnr1_label_comp_id 
_pdbx_struct_conn_angle.ptnr1_label_seq_id 
_pdbx_struct_conn_angle.ptnr1_auth_atom_id 
_pdbx_struct_conn_angle.ptnr1_auth_asym_id 
_pdbx_struct_conn_angle.ptnr1_auth_comp_id 
_pdbx_struct_conn_angle.ptnr1_auth_seq_id 
_pdbx_struct_conn_angle.ptnr1_PDB_ins_code 
_pdbx_struct_conn_angle.ptnr1_symmetry 
_pdbx_struct_conn_angle.ptnr2_label_atom_id 
_pdbx_struct_conn_angle.ptnr2_label_alt_id 
_pdbx_struct_conn_angle.ptnr2_label_asym_id 
_pdbx_struct_conn_angle.ptnr2_label_comp_id 
_pdbx_struct_conn_angle.ptnr2_label_seq_id 
_pdbx_struct_conn_angle.ptnr2_auth_atom_id 
_pdbx_struct_conn_angle.ptnr2_auth_asym_id 
_pdbx_struct_conn_angle.ptnr2_auth_comp_id 
_pdbx_struct_conn_angle.ptnr2_auth_seq_id 
_pdbx_struct_conn_angle.ptnr2_PDB_ins_code 
_pdbx_struct_conn_angle.ptnr2_symmetry 
_pdbx_struct_conn_angle.ptnr3_label_atom_id 
_pdbx_struct_conn_angle.ptnr3_label_alt_id 
_pdbx_struct_conn_angle.ptnr3_label_asym_id 
_pdbx_struct_conn_angle.ptnr3_label_comp_id 
_pdbx_struct_conn_angle.ptnr3_label_seq_id 
_pdbx_struct_conn_angle.ptnr3_auth_atom_id 
_pdbx_struct_conn_angle.ptnr3_auth_asym_id 
_pdbx_struct_conn_angle.ptnr3_auth_comp_id 
_pdbx_struct_conn_angle.ptnr3_auth_seq_id 
_pdbx_struct_conn_angle.ptnr3_PDB_ins_code 
_pdbx_struct_conn_angle.ptnr3_symmetry 
_pdbx_struct_conn_angle.value 
_pdbx_struct_conn_angle.value_esd 
1 OP1 ? B U 5 ? B U 74 ? 1_555 MG ? H MG . ? C MG 202 ? 1_555 OP1 ? C A 10 ? C A 99 ? 1_555 58.8 ? 
2 OP2 ? B G 6 ? B G 75 ? 1_555 MG ? F MG . ? B MG 201 ? 1_555 OP2 ? C A 10 ? C A 99 ? 1_555 90.4 ? 
# 
loop_
_struct_site.id 
_struct_site.pdbx_evidence_code 
_struct_site.pdbx_auth_asym_id 
_struct_site.pdbx_auth_comp_id 
_struct_site.pdbx_auth_seq_id 
_struct_site.pdbx_auth_ins_code 
_struct_site.pdbx_num_residues 
_struct_site.details 
AC1 Software B MG 201 ? 2 'BINDING SITE FOR RESIDUE MG B 201' 
AC2 Software C MG 202 ? 1 'BINDING SITE FOR RESIDUE MG C 202' 
AC3 Software C MG 204 ? 1 'BINDING SITE FOR RESIDUE MG C 204' 
AC4 Software C MG 205 ? 1 'BINDING SITE FOR RESIDUE MG C 205' 
BC1 Software C MG 213 ? 1 'BINDING SITE FOR RESIDUE MG C 213' 
# 
loop_
_struct_site_gen.id 
_struct_site_gen.site_id 
_struct_site_gen.pdbx_num_res 
_struct_site_gen.label_comp_id 
_struct_site_gen.label_asym_id 
_struct_site_gen.label_seq_id 
_struct_site_gen.pdbx_auth_ins_code 
_struct_site_gen.auth_comp_id 
_struct_site_gen.auth_asym_id 
_struct_site_gen.auth_seq_id 
_struct_site_gen.label_atom_id 
_struct_site_gen.label_alt_id 
_struct_site_gen.symmetry 
_struct_site_gen.details 
1 AC1 2 G B 6  ? G B 75  . ? 1_555 ? 
2 AC1 2 A C 10 ? A C 99  . ? 1_555 ? 
3 AC2 1 U B 5  ? U B 74  . ? 1_555 ? 
4 AC3 1 G C 11 ? G C 100 . ? 1_555 ? 
5 AC4 1 G C 9  ? G C 98  . ? 1_555 ? 
6 BC1 1 U C 6  ? U C 95  . ? 1_555 ? 
# 
loop_
_pdbx_validate_rmsd_angle.id 
_pdbx_validate_rmsd_angle.PDB_model_num 
_pdbx_validate_rmsd_angle.auth_atom_id_1 
_pdbx_validate_rmsd_angle.auth_asym_id_1 
_pdbx_validate_rmsd_angle.auth_comp_id_1 
_pdbx_validate_rmsd_angle.auth_seq_id_1 
_pdbx_validate_rmsd_angle.PDB_ins_code_1 
_pdbx_validate_rmsd_angle.label_alt_id_1 
_pdbx_validate_rmsd_angle.auth_atom_id_2 
_pdbx_validate_rmsd_angle.auth_asym_id_2 
_pdbx_validate_rmsd_angle.auth_comp_id_2 
_pdbx_validate_rmsd_angle.auth_seq_id_2 
_pdbx_validate_rmsd_angle.PDB_ins_code_2 
_pdbx_validate_rmsd_angle.label_alt_id_2 
_pdbx_validate_rmsd_angle.auth_atom_id_3 
_pdbx_validate_rmsd_angle.auth_asym_id_3 
_pdbx_validate_rmsd_angle.auth_comp_id_3 
_pdbx_validate_rmsd_angle.auth_seq_id_3 
_pdbx_validate_rmsd_angle.PDB_ins_code_3 
_pdbx_validate_rmsd_angle.label_alt_id_3 
_pdbx_validate_rmsd_angle.angle_value 
_pdbx_validate_rmsd_angle.angle_target_value 
_pdbx_validate_rmsd_angle.angle_deviation 
_pdbx_validate_rmsd_angle.angle_standard_deviation 
_pdbx_validate_rmsd_angle.linker_flag 
1 1 N1    B U 77  ? ? "C1'" B U 77  ? ? "C2'" B U 77  ? ? 104.94 112.00 -7.06 1.10 N 
2 1 "O4'" C G 116 ? ? "C1'" C G 116 ? ? N9    C G 116 ? ? 102.67 108.20 -5.53 0.80 N 
# 
_pdbx_struct_mod_residue.id               1 
_pdbx_struct_mod_residue.label_asym_id    A 
_pdbx_struct_mod_residue.label_comp_id    1SC 
_pdbx_struct_mod_residue.label_seq_id     4 
_pdbx_struct_mod_residue.auth_asym_id     A 
_pdbx_struct_mod_residue.auth_comp_id     1SC 
_pdbx_struct_mod_residue.auth_seq_id      4 
_pdbx_struct_mod_residue.PDB_ins_code     ? 
_pdbx_struct_mod_residue.parent_comp_id   C 
_pdbx_struct_mod_residue.details          "5'-O-THIOPHOSPHONOCYTIDINE" 
# 
loop_
_chem_comp_atom.comp_id 
_chem_comp_atom.atom_id 
_chem_comp_atom.type_symbol 
_chem_comp_atom.pdbx_aromatic_flag 
_chem_comp_atom.pdbx_stereo_config 
_chem_comp_atom.pdbx_ordinal 
1SC O3P    O  N N 1   
1SC P      P  N S 2   
1SC O1P    O  N N 3   
1SC "O5'"  O  N N 4   
1SC "C5'"  C  N N 5   
1SC "C4'"  C  N R 6   
1SC "O4'"  O  N N 7   
1SC "C3'"  C  N S 8   
1SC "O3'"  O  N N 9   
1SC "C2'"  C  N R 10  
1SC "O2'"  O  N N 11  
1SC "C1'"  C  N R 12  
1SC N1     N  N N 13  
1SC C2     C  N N 14  
1SC O2     O  N N 15  
1SC N3     N  N N 16  
1SC C4     C  N N 17  
1SC N4     N  N N 18  
1SC C5     C  N N 19  
1SC C6     C  N N 20  
1SC S      S  N N 21  
1SC HO3P   H  N N 22  
1SC "H5'1" H  N N 23  
1SC "H5'2" H  N N 24  
1SC "H4'"  H  N N 25  
1SC "H3'"  H  N N 26  
1SC "HO3'" H  N N 27  
1SC "H2'"  H  N N 28  
1SC "HO2'" H  N N 29  
1SC "H1'"  H  N N 30  
1SC HN41   H  N N 31  
1SC HN42   H  N N 32  
1SC H5     H  N N 33  
1SC H6     H  N N 34  
1SC HS     H  N N 35  
A   OP3    O  N N 36  
A   P      P  N N 37  
A   OP1    O  N N 38  
A   OP2    O  N N 39  
A   "O5'"  O  N N 40  
A   "C5'"  C  N N 41  
A   "C4'"  C  N R 42  
A   "O4'"  O  N N 43  
A   "C3'"  C  N S 44  
A   "O3'"  O  N N 45  
A   "C2'"  C  N R 46  
A   "O2'"  O  N N 47  
A   "C1'"  C  N R 48  
A   N9     N  Y N 49  
A   C8     C  Y N 50  
A   N7     N  Y N 51  
A   C5     C  Y N 52  
A   C6     C  Y N 53  
A   N6     N  N N 54  
A   N1     N  Y N 55  
A   C2     C  Y N 56  
A   N3     N  Y N 57  
A   C4     C  Y N 58  
A   HOP3   H  N N 59  
A   HOP2   H  N N 60  
A   "H5'"  H  N N 61  
A   "H5''" H  N N 62  
A   "H4'"  H  N N 63  
A   "H3'"  H  N N 64  
A   "HO3'" H  N N 65  
A   "H2'"  H  N N 66  
A   "HO2'" H  N N 67  
A   "H1'"  H  N N 68  
A   H8     H  N N 69  
A   H61    H  N N 70  
A   H62    H  N N 71  
A   H2     H  N N 72  
C   OP3    O  N N 73  
C   P      P  N N 74  
C   OP1    O  N N 75  
C   OP2    O  N N 76  
C   "O5'"  O  N N 77  
C   "C5'"  C  N N 78  
C   "C4'"  C  N R 79  
C   "O4'"  O  N N 80  
C   "C3'"  C  N S 81  
C   "O3'"  O  N N 82  
C   "C2'"  C  N R 83  
C   "O2'"  O  N N 84  
C   "C1'"  C  N R 85  
C   N1     N  N N 86  
C   C2     C  N N 87  
C   O2     O  N N 88  
C   N3     N  N N 89  
C   C4     C  N N 90  
C   N4     N  N N 91  
C   C5     C  N N 92  
C   C6     C  N N 93  
C   HOP3   H  N N 94  
C   HOP2   H  N N 95  
C   "H5'"  H  N N 96  
C   "H5''" H  N N 97  
C   "H4'"  H  N N 98  
C   "H3'"  H  N N 99  
C   "HO3'" H  N N 100 
C   "H2'"  H  N N 101 
C   "HO2'" H  N N 102 
C   "H1'"  H  N N 103 
C   H41    H  N N 104 
C   H42    H  N N 105 
C   H5     H  N N 106 
C   H6     H  N N 107 
G   OP3    O  N N 108 
G   P      P  N N 109 
G   OP1    O  N N 110 
G   OP2    O  N N 111 
G   "O5'"  O  N N 112 
G   "C5'"  C  N N 113 
G   "C4'"  C  N R 114 
G   "O4'"  O  N N 115 
G   "C3'"  C  N S 116 
G   "O3'"  O  N N 117 
G   "C2'"  C  N R 118 
G   "O2'"  O  N N 119 
G   "C1'"  C  N R 120 
G   N9     N  Y N 121 
G   C8     C  Y N 122 
G   N7     N  Y N 123 
G   C5     C  Y N 124 
G   C6     C  N N 125 
G   O6     O  N N 126 
G   N1     N  N N 127 
G   C2     C  N N 128 
G   N2     N  N N 129 
G   N3     N  N N 130 
G   C4     C  Y N 131 
G   HOP3   H  N N 132 
G   HOP2   H  N N 133 
G   "H5'"  H  N N 134 
G   "H5''" H  N N 135 
G   "H4'"  H  N N 136 
G   "H3'"  H  N N 137 
G   "HO3'" H  N N 138 
G   "H2'"  H  N N 139 
G   "HO2'" H  N N 140 
G   "H1'"  H  N N 141 
G   H8     H  N N 142 
G   H1     H  N N 143 
G   H21    H  N N 144 
G   H22    H  N N 145 
HOH O      O  N N 146 
HOH H1     H  N N 147 
HOH H2     H  N N 148 
MG  MG     MG N N 149 
U   OP3    O  N N 150 
U   P      P  N N 151 
U   OP1    O  N N 152 
U   OP2    O  N N 153 
U   "O5'"  O  N N 154 
U   "C5'"  C  N N 155 
U   "C4'"  C  N R 156 
U   "O4'"  O  N N 157 
U   "C3'"  C  N S 158 
U   "O3'"  O  N N 159 
U   "C2'"  C  N R 160 
U   "O2'"  O  N N 161 
U   "C1'"  C  N R 162 
U   N1     N  N N 163 
U   C2     C  N N 164 
U   O2     O  N N 165 
U   N3     N  N N 166 
U   C4     C  N N 167 
U   O4     O  N N 168 
U   C5     C  N N 169 
U   C6     C  N N 170 
U   HOP3   H  N N 171 
U   HOP2   H  N N 172 
U   "H5'"  H  N N 173 
U   "H5''" H  N N 174 
U   "H4'"  H  N N 175 
U   "H3'"  H  N N 176 
U   "HO3'" H  N N 177 
U   "H2'"  H  N N 178 
U   "HO2'" H  N N 179 
U   "H1'"  H  N N 180 
U   H3     H  N N 181 
U   H5     H  N N 182 
U   H6     H  N N 183 
# 
loop_
_chem_comp_bond.comp_id 
_chem_comp_bond.atom_id_1 
_chem_comp_bond.atom_id_2 
_chem_comp_bond.value_order 
_chem_comp_bond.pdbx_aromatic_flag 
_chem_comp_bond.pdbx_stereo_config 
_chem_comp_bond.pdbx_ordinal 
1SC O3P   P      sing N N 1   
1SC O3P   HO3P   sing N N 2   
1SC P     O1P    doub N N 3   
1SC P     "O5'"  sing N N 4   
1SC P     S      sing N N 5   
1SC "O5'" "C5'"  sing N N 6   
1SC "C5'" "C4'"  sing N N 7   
1SC "C5'" "H5'1" sing N N 8   
1SC "C5'" "H5'2" sing N N 9   
1SC "C4'" "O4'"  sing N N 10  
1SC "C4'" "C3'"  sing N N 11  
1SC "C4'" "H4'"  sing N N 12  
1SC "O4'" "C1'"  sing N N 13  
1SC "C3'" "O3'"  sing N N 14  
1SC "C3'" "C2'"  sing N N 15  
1SC "C3'" "H3'"  sing N N 16  
1SC "O3'" "HO3'" sing N N 17  
1SC "C2'" "O2'"  sing N N 18  
1SC "C2'" "C1'"  sing N N 19  
1SC "C2'" "H2'"  sing N N 20  
1SC "O2'" "HO2'" sing N N 21  
1SC "C1'" N1     sing N N 22  
1SC "C1'" "H1'"  sing N N 23  
1SC N1    C2     sing N N 24  
1SC N1    C6     sing N N 25  
1SC C2    O2     doub N N 26  
1SC C2    N3     sing N N 27  
1SC N3    C4     doub N N 28  
1SC C4    N4     sing N N 29  
1SC C4    C5     sing N N 30  
1SC N4    HN41   sing N N 31  
1SC N4    HN42   sing N N 32  
1SC C5    C6     doub N N 33  
1SC C5    H5     sing N N 34  
1SC C6    H6     sing N N 35  
1SC S     HS     sing N N 36  
A   OP3   P      sing N N 37  
A   OP3   HOP3   sing N N 38  
A   P     OP1    doub N N 39  
A   P     OP2    sing N N 40  
A   P     "O5'"  sing N N 41  
A   OP2   HOP2   sing N N 42  
A   "O5'" "C5'"  sing N N 43  
A   "C5'" "C4'"  sing N N 44  
A   "C5'" "H5'"  sing N N 45  
A   "C5'" "H5''" sing N N 46  
A   "C4'" "O4'"  sing N N 47  
A   "C4'" "C3'"  sing N N 48  
A   "C4'" "H4'"  sing N N 49  
A   "O4'" "C1'"  sing N N 50  
A   "C3'" "O3'"  sing N N 51  
A   "C3'" "C2'"  sing N N 52  
A   "C3'" "H3'"  sing N N 53  
A   "O3'" "HO3'" sing N N 54  
A   "C2'" "O2'"  sing N N 55  
A   "C2'" "C1'"  sing N N 56  
A   "C2'" "H2'"  sing N N 57  
A   "O2'" "HO2'" sing N N 58  
A   "C1'" N9     sing N N 59  
A   "C1'" "H1'"  sing N N 60  
A   N9    C8     sing Y N 61  
A   N9    C4     sing Y N 62  
A   C8    N7     doub Y N 63  
A   C8    H8     sing N N 64  
A   N7    C5     sing Y N 65  
A   C5    C6     sing Y N 66  
A   C5    C4     doub Y N 67  
A   C6    N6     sing N N 68  
A   C6    N1     doub Y N 69  
A   N6    H61    sing N N 70  
A   N6    H62    sing N N 71  
A   N1    C2     sing Y N 72  
A   C2    N3     doub Y N 73  
A   C2    H2     sing N N 74  
A   N3    C4     sing Y N 75  
C   OP3   P      sing N N 76  
C   OP3   HOP3   sing N N 77  
C   P     OP1    doub N N 78  
C   P     OP2    sing N N 79  
C   P     "O5'"  sing N N 80  
C   OP2   HOP2   sing N N 81  
C   "O5'" "C5'"  sing N N 82  
C   "C5'" "C4'"  sing N N 83  
C   "C5'" "H5'"  sing N N 84  
C   "C5'" "H5''" sing N N 85  
C   "C4'" "O4'"  sing N N 86  
C   "C4'" "C3'"  sing N N 87  
C   "C4'" "H4'"  sing N N 88  
C   "O4'" "C1'"  sing N N 89  
C   "C3'" "O3'"  sing N N 90  
C   "C3'" "C2'"  sing N N 91  
C   "C3'" "H3'"  sing N N 92  
C   "O3'" "HO3'" sing N N 93  
C   "C2'" "O2'"  sing N N 94  
C   "C2'" "C1'"  sing N N 95  
C   "C2'" "H2'"  sing N N 96  
C   "O2'" "HO2'" sing N N 97  
C   "C1'" N1     sing N N 98  
C   "C1'" "H1'"  sing N N 99  
C   N1    C2     sing N N 100 
C   N1    C6     sing N N 101 
C   C2    O2     doub N N 102 
C   C2    N3     sing N N 103 
C   N3    C4     doub N N 104 
C   C4    N4     sing N N 105 
C   C4    C5     sing N N 106 
C   N4    H41    sing N N 107 
C   N4    H42    sing N N 108 
C   C5    C6     doub N N 109 
C   C5    H5     sing N N 110 
C   C6    H6     sing N N 111 
G   OP3   P      sing N N 112 
G   OP3   HOP3   sing N N 113 
G   P     OP1    doub N N 114 
G   P     OP2    sing N N 115 
G   P     "O5'"  sing N N 116 
G   OP2   HOP2   sing N N 117 
G   "O5'" "C5'"  sing N N 118 
G   "C5'" "C4'"  sing N N 119 
G   "C5'" "H5'"  sing N N 120 
G   "C5'" "H5''" sing N N 121 
G   "C4'" "O4'"  sing N N 122 
G   "C4'" "C3'"  sing N N 123 
G   "C4'" "H4'"  sing N N 124 
G   "O4'" "C1'"  sing N N 125 
G   "C3'" "O3'"  sing N N 126 
G   "C3'" "C2'"  sing N N 127 
G   "C3'" "H3'"  sing N N 128 
G   "O3'" "HO3'" sing N N 129 
G   "C2'" "O2'"  sing N N 130 
G   "C2'" "C1'"  sing N N 131 
G   "C2'" "H2'"  sing N N 132 
G   "O2'" "HO2'" sing N N 133 
G   "C1'" N9     sing N N 134 
G   "C1'" "H1'"  sing N N 135 
G   N9    C8     sing Y N 136 
G   N9    C4     sing Y N 137 
G   C8    N7     doub Y N 138 
G   C8    H8     sing N N 139 
G   N7    C5     sing Y N 140 
G   C5    C6     sing N N 141 
G   C5    C4     doub Y N 142 
G   C6    O6     doub N N 143 
G   C6    N1     sing N N 144 
G   N1    C2     sing N N 145 
G   N1    H1     sing N N 146 
G   C2    N2     sing N N 147 
G   C2    N3     doub N N 148 
G   N2    H21    sing N N 149 
G   N2    H22    sing N N 150 
G   N3    C4     sing N N 151 
HOH O     H1     sing N N 152 
HOH O     H2     sing N N 153 
U   OP3   P      sing N N 154 
U   OP3   HOP3   sing N N 155 
U   P     OP1    doub N N 156 
U   P     OP2    sing N N 157 
U   P     "O5'"  sing N N 158 
U   OP2   HOP2   sing N N 159 
U   "O5'" "C5'"  sing N N 160 
U   "C5'" "C4'"  sing N N 161 
U   "C5'" "H5'"  sing N N 162 
U   "C5'" "H5''" sing N N 163 
U   "C4'" "O4'"  sing N N 164 
U   "C4'" "C3'"  sing N N 165 
U   "C4'" "H4'"  sing N N 166 
U   "O4'" "C1'"  sing N N 167 
U   "C3'" "O3'"  sing N N 168 
U   "C3'" "C2'"  sing N N 169 
U   "C3'" "H3'"  sing N N 170 
U   "O3'" "HO3'" sing N N 171 
U   "C2'" "O2'"  sing N N 172 
U   "C2'" "C1'"  sing N N 173 
U   "C2'" "H2'"  sing N N 174 
U   "O2'" "HO2'" sing N N 175 
U   "C1'" N1     sing N N 176 
U   "C1'" "H1'"  sing N N 177 
U   N1    C2     sing N N 178 
U   N1    C6     sing N N 179 
U   C2    O2     doub N N 180 
U   C2    N3     sing N N 181 
U   N3    C4     sing N N 182 
U   N3    H3     sing N N 183 
U   C4    O4     doub N N 184 
U   C4    C5     sing N N 185 
U   C5    C6     doub N N 186 
U   C5    H5     sing N N 187 
U   C6    H6     sing N N 188 
# 
loop_
_ndb_struct_conf_na.entry_id 
_ndb_struct_conf_na.feature 
364D 'double helix'         
364D 'a-form double helix'  
364D 'mismatched base pair' 
# 
loop_
_ndb_struct_na_base_pair.model_number 
_ndb_struct_na_base_pair.i_label_asym_id 
_ndb_struct_na_base_pair.i_label_comp_id 
_ndb_struct_na_base_pair.i_label_seq_id 
_ndb_struct_na_base_pair.i_symmetry 
_ndb_struct_na_base_pair.j_label_asym_id 
_ndb_struct_na_base_pair.j_label_comp_id 
_ndb_struct_na_base_pair.j_label_seq_id 
_ndb_struct_na_base_pair.j_symmetry 
_ndb_struct_na_base_pair.shear 
_ndb_struct_na_base_pair.stretch 
_ndb_struct_na_base_pair.stagger 
_ndb_struct_na_base_pair.buckle 
_ndb_struct_na_base_pair.propeller 
_ndb_struct_na_base_pair.opening 
_ndb_struct_na_base_pair.pair_number 
_ndb_struct_na_base_pair.pair_name 
_ndb_struct_na_base_pair.i_auth_asym_id 
_ndb_struct_na_base_pair.i_auth_seq_id 
_ndb_struct_na_base_pair.i_PDB_ins_code 
_ndb_struct_na_base_pair.j_auth_asym_id 
_ndb_struct_na_base_pair.j_auth_seq_id 
_ndb_struct_na_base_pair.j_PDB_ins_code 
_ndb_struct_na_base_pair.hbond_type_28 
_ndb_struct_na_base_pair.hbond_type_12 
1 A U   1  1_555 C A 30 1_555 -0.472 -0.086 0.379  7.014   -24.843 0.190    1  A_U1:A119_C   A 1  ? C 119 ? 20 1  
1 A G   2  1_555 C C 29 1_555 0.269  -0.277 -0.606 6.430   18.266  -0.650   2  A_G2:C118_C   A 2  ? C 118 ? 19 1  
1 A C   3  1_555 C G 28 1_555 -0.243 -0.288 -0.679 8.438   -4.214  4.091    3  A_C3:G117_C   A 3  ? C 117 ? 19 1  
1 A 1SC 4  1_555 C G 27 1_555 0.463  -0.482 -0.859 13.323  -25.745 9.225    4  A_1SC4:G116_C A 4  ? C 116 ? 19 1  
1 A U   5  1_555 C A 26 1_555 0.203  -0.090 0.007  -3.110  -16.909 10.391   5  A_U5:A115_C   A 5  ? C 115 ? 20 1  
1 A G   6  1_555 C C 25 1_555 0.114  0.147  0.150  -4.843  -8.710  4.939    6  A_G6:C114_C   A 6  ? C 114 ? 19 1  
1 A G   7  1_555 C C 24 1_555 -0.359 -0.172 0.131  6.538   5.174   -1.275   7  A_G7:C113_C   A 7  ? C 113 ? 19 1  
1 A C   8  1_555 C G 23 1_555 0.671  -0.671 -0.433 0.576   3.672   -10.159  8  A_C8:G112_C   A 8  ? C 112 ? 19 1  
1 A G   9  1_555 C U 22 1_555 -1.939 -0.824 0.106  2.413   -1.574  0.995    9  A_G9:U111_C   A 9  ? C 111 ? 28 1  
1 A G   10 1_555 C C 21 1_555 -0.180 -0.305 0.216  -16.435 -11.116 -1.067   10 A_G10:C110_C  A 10 ? C 110 ? 19 1  
1 A C   11 1_555 C A 20 1_555 2.265  0.285  0.635  -16.251 -3.539  -79.445  11 A_C11:A109_C  A 11 ? C 109 ? ?  1  
1 B C   1  1_555 C G 17 1_555 -0.089 -0.457 -0.878 4.652   -7.333  -1.319   12 B_C70:G106_C  B 70 ? C 106 ? 19 1  
1 B C   2  1_555 C G 16 1_555 0.294  -0.019 -0.042 -5.440  5.293   2.508    13 B_C71:G105_C  B 71 ? C 105 ? 19 1  
1 B G   3  1_555 C A 15 1_555 6.931  -3.923 0.484  -14.254 1.134   -8.371   14 B_G72:A104_C  B 72 ? C 104 ? 11 10 
1 B A   4  1_555 C U 14 1_555 -3.855 -1.530 -1.528 1.315   -19.311 -100.660 15 B_A73:U103_C  B 73 ? C 103 ? 24 4  
1 B U   5  1_555 C G 13 1_555 -5.196 0.008  -0.969 4.235   0.597   -79.745  16 B_U74:G102_C  B 74 ? C 102 ? ?  2  
1 B G   6  1_555 C A 12 1_555 -0.951 2.996  -0.922 10.666  9.108   -66.156  17 B_G75:A101_C  B 75 ? C 101 ? ?  ?  
1 B G   7  1_555 C G 11 1_555 4.131  0.651  -0.866 9.100   -8.371  -70.584  18 B_G76:G100_C  B 76 ? C 100 ? ?  ?  
1 B U   8  1_555 C A 10 1_555 3.850  -1.903 -2.402 4.531   -44.988 -97.451  19 B_U77:A99_C   B 77 ? C 99  ? 24 4  
1 B A   9  1_555 C G 9  1_555 -6.749 -3.750 0.325  -3.534  29.620  1.959    20 B_A78:G98_C   B 78 ? C 98  ? 11 9  
1 B G   10 1_555 C C 8  1_555 -0.040 -0.306 -0.017 9.648   42.054  5.129    21 B_G79:C97_C   B 79 ? C 97  ? 19 1  
1 B U   11 1_555 C G 7  1_555 3.411  -1.029 1.197  -13.849 27.721  -16.990  22 B_U80:G96_C   B 80 ? C 96  ? ?  ?  
1 B G   12 1_555 C U 6  1_555 -3.191 -0.735 -0.103 -4.096  -5.086  5.926    23 B_G81:U95_C   B 81 ? C 95  ? 28 ?  
1 B U   13 1_555 C A 5  1_555 -0.238 -0.052 0.279  1.814   -18.225 0.286    24 B_U82:A94_C   B 82 ? C 94  ? 20 1  
1 B G   14 1_555 C C 4  1_555 -0.407 -0.334 0.250  -1.143  -5.378  -11.957  25 B_G83:C93_C   B 83 ? C 93  ? 19 1  
1 B G   15 1_555 C C 3  1_555 0.449  -0.154 0.326  4.924   -17.153 -6.332   26 B_G84:C92_C   B 84 ? C 92  ? 19 1  
1 B G   16 1_555 C C 2  1_555 -0.046 -0.192 -0.521 -9.666  -17.412 -2.088   27 B_G85:C91_C   B 85 ? C 91  ? 19 1  
1 B G   17 1_555 C C 1  1_555 0.361  -0.013 0.566  -1.181  -0.796  0.531    28 B_G86:C90_C   B 86 ? C 90  ? 19 1  
# 
loop_
_ndb_struct_na_base_pair_step.model_number 
_ndb_struct_na_base_pair_step.i_label_asym_id_1 
_ndb_struct_na_base_pair_step.i_label_comp_id_1 
_ndb_struct_na_base_pair_step.i_label_seq_id_1 
_ndb_struct_na_base_pair_step.i_symmetry_1 
_ndb_struct_na_base_pair_step.j_label_asym_id_1 
_ndb_struct_na_base_pair_step.j_label_comp_id_1 
_ndb_struct_na_base_pair_step.j_label_seq_id_1 
_ndb_struct_na_base_pair_step.j_symmetry_1 
_ndb_struct_na_base_pair_step.i_label_asym_id_2 
_ndb_struct_na_base_pair_step.i_label_comp_id_2 
_ndb_struct_na_base_pair_step.i_label_seq_id_2 
_ndb_struct_na_base_pair_step.i_symmetry_2 
_ndb_struct_na_base_pair_step.j_label_asym_id_2 
_ndb_struct_na_base_pair_step.j_label_comp_id_2 
_ndb_struct_na_base_pair_step.j_label_seq_id_2 
_ndb_struct_na_base_pair_step.j_symmetry_2 
_ndb_struct_na_base_pair_step.shift 
_ndb_struct_na_base_pair_step.slide 
_ndb_struct_na_base_pair_step.rise 
_ndb_struct_na_base_pair_step.tilt 
_ndb_struct_na_base_pair_step.roll 
_ndb_struct_na_base_pair_step.twist 
_ndb_struct_na_base_pair_step.x_displacement 
_ndb_struct_na_base_pair_step.y_displacement 
_ndb_struct_na_base_pair_step.helical_rise 
_ndb_struct_na_base_pair_step.inclination 
_ndb_struct_na_base_pair_step.tip 
_ndb_struct_na_base_pair_step.helical_twist 
_ndb_struct_na_base_pair_step.step_number 
_ndb_struct_na_base_pair_step.step_name 
_ndb_struct_na_base_pair_step.i_auth_asym_id_1 
_ndb_struct_na_base_pair_step.i_auth_seq_id_1 
_ndb_struct_na_base_pair_step.i_PDB_ins_code_1 
_ndb_struct_na_base_pair_step.j_auth_asym_id_1 
_ndb_struct_na_base_pair_step.j_auth_seq_id_1 
_ndb_struct_na_base_pair_step.j_PDB_ins_code_1 
_ndb_struct_na_base_pair_step.i_auth_asym_id_2 
_ndb_struct_na_base_pair_step.i_auth_seq_id_2 
_ndb_struct_na_base_pair_step.i_PDB_ins_code_2 
_ndb_struct_na_base_pair_step.j_auth_asym_id_2 
_ndb_struct_na_base_pair_step.j_auth_seq_id_2 
_ndb_struct_na_base_pair_step.j_PDB_ins_code_2 
1 A U   1  1_555 C A 30 1_555 A G   2  1_555 C C 29 1_555 0.165  -2.292 3.530 -5.457 4.272  27.264  -5.742  -1.649  3.052 8.882   
11.346  28.115  1  AA_U1G2:C118A119_CC   A 1  ? C 119 ? A 2  ? C 118 ? 
1 A G   2  1_555 C C 29 1_555 A C   3  1_555 C G 28 1_555 -0.593 -1.974 3.123 -2.112 4.894  19.373  -7.675  0.830   2.598 14.198  
6.127   20.086  2  AA_G2C3:G117C118_CC   A 2  ? C 118 ? A 3  ? C 117 ? 
1 A C   3  1_555 C G 28 1_555 A 1SC 4  1_555 C G 27 1_555 -0.968 -1.528 3.489 4.321  3.109  33.789  -3.103  2.348   3.195 5.308   
-7.376  34.194  3  AA_C31SC4:G116G117_CC A 3  ? C 117 ? A 4  ? C 116 ? 
1 A 1SC 4  1_555 C G 27 1_555 A U   5  1_555 C A 26 1_555 0.257  -1.598 3.899 -5.685 14.491 31.173  -5.081  -1.375  2.817 25.100  
9.847   34.757  4  AA_1SC4U5:A115G116_CC A 4  ? C 116 ? A 5  ? C 115 ? 
1 A U   5  1_555 C A 26 1_555 A G   6  1_555 C C 25 1_555 -0.131 -1.038 3.043 0.811  15.931 31.810  -3.712  0.317   2.279 27.045  
-1.376  35.494  5  AA_U5G6:C114A115_CC   A 5  ? C 115 ? A 6  ? C 114 ? 
1 A G   6  1_555 C C 25 1_555 A G   7  1_555 C C 24 1_555 -0.259 -1.475 2.639 -4.490 12.599 28.825  -4.375  -0.123  1.866 23.761  
8.468   31.718  6  AA_G6G7:C113C114_CC   A 6  ? C 114 ? A 7  ? C 113 ? 
1 A G   7  1_555 C C 24 1_555 A C   8  1_555 C G 23 1_555 -0.074 -2.091 3.423 2.660  3.848  38.613  -3.615  0.439   3.196 5.794   
-4.005  38.884  7  AA_G7C8:G112C113_CC   A 7  ? C 113 ? A 8  ? C 112 ? 
1 A C   8  1_555 C G 23 1_555 A G   9  1_555 C U 22 1_555 0.130  -2.950 3.180 -2.435 -1.877 9.553   -13.187 -5.512  3.547 -10.904 
14.149  10.035  8  AA_C8G9:U111G112_CC   A 8  ? C 112 ? A 9  ? C 111 ? 
1 A G   9  1_555 C U 22 1_555 A G   10 1_555 C C 21 1_555 -0.537 -2.183 3.803 -0.487 4.878  40.700  -3.717  0.708   3.535 6.983   
0.696   40.982  9  AA_G9G10:C110U111_CC  A 9  ? C 111 ? A 10 ? C 110 ? 
1 A G   10 1_555 C C 21 1_555 A C   11 1_555 C A 20 1_555 2.220  -2.510 2.740 7.672  -0.208 92.746  -1.727  -1.407  2.880 -0.144  
-5.292  92.990  10 AA_G10C11:A109C110_CC A 10 ? C 110 ? A 11 ? C 109 ? 
1 B C   1  1_555 C G 17 1_555 B C   2  1_555 C G 16 1_555 0.153  -2.375 3.719 -6.584 4.971  28.073  -5.860  -1.833  3.145 9.978   
13.216  29.237  11 BB_C70C71:G105G106_CC B 70 ? C 106 ? B 71 ? C 105 ? 
1 B C   2  1_555 C G 16 1_555 B G   3  1_555 C A 15 1_555 -0.984 -1.044 3.372 5.307  12.547 60.138  -1.605  1.209   3.033 12.350  
-5.224  61.521  12 BB_C71G72:A104G105_CC B 71 ? C 105 ? B 72 ? C 104 ? 
1 B G   3  1_555 C A 15 1_555 B A   4  1_555 C U 14 1_555 -6.014 -1.216 2.767 2.831  1.600  -4.557  -1.101  -37.590 5.640 -17.478 
30.929  -5.598  13 BB_G72A73:U103A104_CC B 72 ? C 104 ? B 73 ? C 103 ? 
1 B A   4  1_555 C U 14 1_555 B U   5  1_555 C G 13 1_555 0.225  -1.524 2.850 1.945  -4.712 34.783  -1.887  -0.110  3.032 -7.830  
-3.232  35.143  14 BB_A73U74:G102U103_CC B 73 ? C 103 ? B 74 ? C 102 ? 
1 B U   5  1_555 C G 13 1_555 B G   6  1_555 C A 12 1_555 1.332  -2.580 3.704 -0.947 3.655  51.666  -3.225  -1.595  3.503 4.187   
1.085   51.795  15 BB_U74G75:A101G102_CC B 74 ? C 102 ? B 75 ? C 101 ? 
1 B G   6  1_555 C A 12 1_555 B G   7  1_555 C G 11 1_555 0.076  -2.401 3.591 2.651  9.832  50.746  -3.442  0.098   3.107 11.341  
-3.058  51.691  16 BB_G75G76:G100A101_CC B 75 ? C 101 ? B 76 ? C 100 ? 
1 B G   7  1_555 C G 11 1_555 B U   8  1_555 C A 10 1_555 -0.325 -1.675 2.993 10.914 4.582  50.842  -2.177  1.013   2.724 5.255   
-12.518 52.112  17 BB_G76U77:A99G100_CC  B 76 ? C 100 ? B 77 ? C 99  ? 
1 B U   8  1_555 C A 10 1_555 B A   9  1_555 C G 9  1_555 5.267  -1.876 3.339 -6.129 1.325  -12.464 5.913   13.308  5.469 -5.658  
-26.169 -13.947 18 BB_U77A78:G98A99_CC   B 77 ? C 99  ? B 78 ? C 98  ? 
1 B A   9  1_555 C G 9  1_555 B G   10 1_555 C C 8  1_555 0.334  -1.792 2.524 -0.961 0.401  59.663  -1.817  -0.372  2.508 0.403   
0.966   59.671  19 BB_A78G79:C97G98_CC   B 78 ? C 98  ? B 79 ? C 97  ? 
1 B G   10 1_555 C C 8  1_555 B U   11 1_555 C G 7  1_555 -1.037 -2.750 3.799 -3.632 3.083  43.274  -4.049  0.997   3.675 4.165   
4.908   43.523  20 BB_G79U80:G96C97_CC   B 79 ? C 97  ? B 80 ? C 96  ? 
1 B U   11 1_555 C G 7  1_555 B G   12 1_555 C U 6  1_555 0.177  -3.735 2.558 8.144  -4.221 5.163   -12.380 14.443  2.890 -27.926 
-53.882 10.523  21 BB_U80G81:U95G96_CC   B 80 ? C 96  ? B 81 ? C 95  ? 
1 B G   12 1_555 C U 6  1_555 B U   13 1_555 C A 5  1_555 -0.431 -1.492 3.292 -3.467 5.425  38.892  -2.843  0.236   3.090 8.080   
5.163   39.401  22 BB_G81U82:A94U95_CC   B 81 ? C 95  ? B 82 ? C 94  ? 
1 B U   13 1_555 C A 5  1_555 B G   14 1_555 C C 4  1_555 -0.895 -1.966 3.285 -2.970 2.846  27.869  -4.697  1.152   3.149 5.868   
6.124   28.165  23 BB_U82G83:C93A94_CC   B 82 ? C 94  ? B 83 ? C 93  ? 
1 B G   14 1_555 C C 4  1_555 B G   15 1_555 C C 3  1_555 0.681  -1.168 3.044 1.535  3.539  37.900  -2.202  -0.865  2.951 5.431   
-2.356  38.088  24 BB_G83G84:C92C93_CC   B 83 ? C 93  ? B 84 ? C 92  ? 
1 B G   15 1_555 C C 3  1_555 B G   16 1_555 C C 2  1_555 -0.066 -2.346 3.849 7.957  1.304  17.853  -7.631  4.646   3.332 3.952   
-24.107 19.576  25 BB_G84G85:C91C92_CC   B 84 ? C 92  ? B 85 ? C 91  ? 
1 B G   16 1_555 C C 2  1_555 B G   17 1_555 C C 1  1_555 1.117  -1.887 2.748 1.293  7.614  43.799  -3.056  -1.382  2.434 10.113  
-1.718  44.441  26 BB_G85G86:C90C91_CC   B 85 ? C 91  ? B 86 ? C 90  ? 
# 
_atom_sites.entry_id                    364D 
_atom_sites.fract_transf_matrix[1][1]   -0.01460252 
_atom_sites.fract_transf_matrix[1][2]   0.01289565 
_atom_sites.fract_transf_matrix[1][3]   0.00177035 
_atom_sites.fract_transf_matrix[2][1]   -0.00058173 
_atom_sites.fract_transf_matrix[2][2]   0.01206558 
_atom_sites.fract_transf_matrix[2][3]   0.01538558 
_atom_sites.fract_transf_matrix[3][1]   0.00210287 
_atom_sites.fract_transf_matrix[3][2]   0.00265626 
_atom_sites.fract_transf_matrix[3][3]   -0.00200357 
_atom_sites.fract_transf_vector[1]      0.190308 
_atom_sites.fract_transf_vector[2]      0.553231 
_atom_sites.fract_transf_vector[3]      0.133933 
# 
loop_
_atom_type.symbol 
C  
MG 
N  
O  
P  
S  
# 
loop_
_atom_site.group_PDB 
_atom_site.id 
_atom_site.type_symbol 
_atom_site.label_atom_id 
_atom_site.label_alt_id 
_atom_site.label_comp_id 
_atom_site.label_asym_id 
_atom_site.label_entity_id 
_atom_site.label_seq_id 
_atom_site.pdbx_PDB_ins_code 
_atom_site.Cartn_x 
_atom_site.Cartn_y 
_atom_site.Cartn_z 
_atom_site.occupancy 
_atom_site.B_iso_or_equiv 
_atom_site.pdbx_formal_charge 
_atom_site.auth_seq_id 
_atom_site.auth_comp_id 
_atom_site.auth_asym_id 
_atom_site.auth_atom_id 
_atom_site.pdbx_PDB_model_num 
ATOM   1    O  "O5'" . U   A 1 1  ? 16.280  -3.388  -34.553 1.00 144.81 ? 1   U   A "O5'" 1 
ATOM   2    C  "C5'" . U   A 1 1  ? 16.601  -3.758  -35.905 1.00 144.54 ? 1   U   A "C5'" 1 
ATOM   3    C  "C4'" . U   A 1 1  ? 15.873  -5.012  -36.323 1.00 143.57 ? 1   U   A "C4'" 1 
ATOM   4    O  "O4'" . U   A 1 1  ? 16.739  -5.813  -37.173 1.00 143.23 ? 1   U   A "O4'" 1 
ATOM   5    C  "C3'" . U   A 1 1  ? 15.500  -5.943  -35.186 1.00 143.29 ? 1   U   A "C3'" 1 
ATOM   6    O  "O3'" . U   A 1 1  ? 14.297  -5.549  -34.539 1.00 144.00 ? 1   U   A "O3'" 1 
ATOM   7    C  "C2'" . U   A 1 1  ? 15.402  -7.291  -35.887 1.00 142.71 ? 1   U   A "C2'" 1 
ATOM   8    O  "O2'" . U   A 1 1  ? 14.171  -7.417  -36.574 1.00 142.12 ? 1   U   A "O2'" 1 
ATOM   9    C  "C1'" . U   A 1 1  ? 16.552  -7.195  -36.895 1.00 141.97 ? 1   U   A "C1'" 1 
ATOM   10   N  N1    . U   A 1 1  ? 17.829  -7.718  -36.366 1.00 140.01 ? 1   U   A N1    1 
ATOM   11   C  C2    . U   A 1 1  ? 18.127  -9.076  -36.493 1.00 137.81 ? 1   U   A C2    1 
ATOM   12   O  O2    . U   A 1 1  ? 17.392  -9.880  -37.024 1.00 136.89 ? 1   U   A O2    1 
ATOM   13   N  N3    . U   A 1 1  ? 19.335  -9.455  -35.964 1.00 136.98 ? 1   U   A N3    1 
ATOM   14   C  C4    . U   A 1 1  ? 20.260  -8.646  -35.337 1.00 138.48 ? 1   U   A C4    1 
ATOM   15   O  O4    . U   A 1 1  ? 21.305  -9.136  -34.903 1.00 140.72 ? 1   U   A O4    1 
ATOM   16   C  C5    . U   A 1 1  ? 19.886  -7.274  -35.248 1.00 138.71 ? 1   U   A C5    1 
ATOM   17   C  C6    . U   A 1 1  ? 18.718  -6.867  -35.750 1.00 139.69 ? 1   U   A C6    1 
ATOM   18   P  P     . G   A 1 2  ? 14.125  -5.834  -32.966 1.00 145.67 ? 2   G   A P     1 
ATOM   19   O  OP1   . G   A 1 2  ? 12.702  -5.578  -32.614 1.00 144.85 ? 2   G   A OP1   1 
ATOM   20   O  OP2   . G   A 1 2  ? 15.205  -5.107  -32.242 1.00 145.55 ? 2   G   A OP2   1 
ATOM   21   O  "O5'" . G   A 1 2  ? 14.414  -7.399  -32.862 1.00 143.66 ? 2   G   A "O5'" 1 
ATOM   22   C  "C5'" . G   A 1 2  ? 13.781  -8.294  -33.793 1.00 141.05 ? 2   G   A "C5'" 1 
ATOM   23   C  "C4'" . G   A 1 2  ? 14.012  -9.735  -33.416 1.00 138.37 ? 2   G   A "C4'" 1 
ATOM   24   O  "O4'" . G   A 1 2  ? 15.151  -10.275 -34.139 1.00 137.85 ? 2   G   A "O4'" 1 
ATOM   25   C  "C3'" . G   A 1 2  ? 14.351  -9.984  -31.958 1.00 136.66 ? 2   G   A "C3'" 1 
ATOM   26   O  "O3'" . G   A 1 2  ? 13.197  -10.041 -31.143 1.00 134.75 ? 2   G   A "O3'" 1 
ATOM   27   C  "C2'" . G   A 1 2  ? 15.059  -11.331 -32.004 1.00 137.07 ? 2   G   A "C2'" 1 
ATOM   28   O  "O2'" . G   A 1 2  ? 14.163  -12.422 -32.038 1.00 137.43 ? 2   G   A "O2'" 1 
ATOM   29   C  "C1'" . G   A 1 2  ? 15.786  -11.257 -33.341 1.00 136.85 ? 2   G   A "C1'" 1 
ATOM   30   N  N9    . G   A 1 2  ? 17.219  -11.011 -33.237 1.00 135.31 ? 2   G   A N9    1 
ATOM   31   C  C8    . G   A 1 2  ? 17.900  -9.824  -33.325 1.00 134.73 ? 2   G   A C8    1 
ATOM   32   N  N7    . G   A 1 2  ? 19.191  -9.965  -33.172 1.00 133.84 ? 2   G   A N7    1 
ATOM   33   C  C5    . G   A 1 2  ? 19.368  -11.327 -32.974 1.00 132.85 ? 2   G   A C5    1 
ATOM   34   C  C6    . G   A 1 2  ? 20.551  -12.089 -32.754 1.00 131.67 ? 2   G   A C6    1 
ATOM   35   O  O6    . G   A 1 2  ? 21.718  -11.702 -32.690 1.00 130.10 ? 2   G   A O6    1 
ATOM   36   N  N1    . G   A 1 2  ? 20.267  -13.439 -32.602 1.00 132.81 ? 2   G   A N1    1 
ATOM   37   C  C2    . G   A 1 2  ? 19.010  -13.993 -32.654 1.00 134.89 ? 2   G   A C2    1 
ATOM   38   N  N2    . G   A 1 2  ? 18.926  -15.320 -32.481 1.00 135.54 ? 2   G   A N2    1 
ATOM   39   N  N3    . G   A 1 2  ? 17.908  -13.297 -32.861 1.00 134.95 ? 2   G   A N3    1 
ATOM   40   C  C4    . G   A 1 2  ? 18.160  -11.983 -33.011 1.00 134.49 ? 2   G   A C4    1 
ATOM   41   P  P     . C   A 1 3  ? 13.345  -10.486 -29.607 1.00 133.87 ? 3   C   A P     1 
ATOM   42   O  OP1   . C   A 1 3  ? 12.413  -9.675  -28.785 1.00 134.90 ? 3   C   A OP1   1 
ATOM   43   O  OP2   . C   A 1 3  ? 14.798  -10.467 -29.297 1.00 132.64 ? 3   C   A OP2   1 
ATOM   44   O  "O5'" . C   A 1 3  ? 12.852  -12.005 -29.590 1.00 131.63 ? 3   C   A "O5'" 1 
ATOM   45   C  "C5'" . C   A 1 3  ? 13.222  -12.892 -28.524 1.00 127.07 ? 3   C   A "C5'" 1 
ATOM   46   C  "C4'" . C   A 1 3  ? 13.723  -14.207 -29.085 1.00 124.53 ? 3   C   A "C4'" 1 
ATOM   47   O  "O4'" . C   A 1 3  ? 14.639  -13.953 -30.180 1.00 122.00 ? 3   C   A "O4'" 1 
ATOM   48   C  "C3'" . C   A 1 3  ? 14.519  -15.064 -28.113 1.00 123.82 ? 3   C   A "C3'" 1 
ATOM   49   O  "O3'" . C   A 1 3  ? 13.670  -15.862 -27.314 1.00 125.10 ? 3   C   A "O3'" 1 
ATOM   50   C  "C2'" . C   A 1 3  ? 15.382  -15.905 -29.037 1.00 121.91 ? 3   C   A "C2'" 1 
ATOM   51   O  "O2'" . C   A 1 3  ? 14.698  -17.027 -29.566 0.00 121.94 ? 3   C   A "O2'" 1 
ATOM   52   C  "C1'" . C   A 1 3  ? 15.677  -14.912 -30.165 1.00 120.03 ? 3   C   A "C1'" 1 
ATOM   53   N  N1    . C   A 1 3  ? 16.944  -14.196 -29.986 1.00 116.15 ? 3   C   A N1    1 
ATOM   54   C  C2    . C   A 1 3  ? 18.077  -14.927 -29.708 1.00 114.62 ? 3   C   A C2    1 
ATOM   55   O  O2    . C   A 1 3  ? 17.980  -16.144 -29.625 1.00 116.59 ? 3   C   A O2    1 
ATOM   56   N  N3    . C   A 1 3  ? 19.254  -14.297 -29.539 1.00 114.38 ? 3   C   A N3    1 
ATOM   57   C  C4    . C   A 1 3  ? 19.318  -12.976 -29.646 1.00 116.60 ? 3   C   A C4    1 
ATOM   58   N  N4    . C   A 1 3  ? 20.507  -12.398 -29.477 1.00 118.42 ? 3   C   A N4    1 
ATOM   59   C  C5    . C   A 1 3  ? 18.171  -12.191 -29.931 1.00 117.23 ? 3   C   A C5    1 
ATOM   60   C  C6    . C   A 1 3  ? 17.011  -12.838 -30.090 1.00 116.52 ? 3   C   A C6    1 
HETATM 61   P  P     . 1SC A 1 4  ? 13.467  -15.488 -25.769 1.00 126.68 ? 4   1SC A P     1 
HETATM 62   O  "O5'" . 1SC A 1 4  ? 14.007  -16.752 -24.983 1.00 124.58 ? 4   1SC A "O5'" 1 
HETATM 63   C  "C5'" . 1SC A 1 4  ? 13.857  -18.040 -25.539 1.00 124.14 ? 4   1SC A "C5'" 1 
HETATM 64   C  "C4'" . 1SC A 1 4  ? 15.086  -18.854 -25.267 1.00 123.95 ? 4   1SC A "C4'" 1 
HETATM 65   O  "O4'" . 1SC A 1 4  ? 16.156  -18.461 -26.160 1.00 123.98 ? 4   1SC A "O4'" 1 
HETATM 66   C  "C3'" . 1SC A 1 4  ? 15.672  -18.621 -23.892 1.00 123.60 ? 4   1SC A "C3'" 1 
HETATM 67   O  "O3'" . 1SC A 1 4  ? 14.980  -19.321 -22.897 1.00 124.32 ? 4   1SC A "O3'" 1 
HETATM 68   C  "C2'" . 1SC A 1 4  ? 17.125  -19.024 -24.058 1.00 122.92 ? 4   1SC A "C2'" 1 
HETATM 69   O  "O2'" . 1SC A 1 4  ? 17.340  -20.411 -23.972 1.00 122.45 ? 4   1SC A "O2'" 1 
HETATM 70   C  "C1'" . 1SC A 1 4  ? 17.399  -18.542 -25.477 1.00 123.09 ? 4   1SC A "C1'" 1 
HETATM 71   N  N1    . 1SC A 1 4  ? 18.022  -17.216 -25.461 1.00 123.35 ? 4   1SC A N1    1 
HETATM 72   C  C2    . 1SC A 1 4  ? 19.411  -17.147 -25.442 1.00 122.53 ? 4   1SC A C2    1 
HETATM 73   O  O2    . 1SC A 1 4  ? 20.054  -18.205 -25.442 1.00 123.05 ? 4   1SC A O2    1 
HETATM 74   N  N3    . 1SC A 1 4  ? 20.017  -15.942 -25.421 1.00 121.40 ? 4   1SC A N3    1 
HETATM 75   C  C4    . 1SC A 1 4  ? 19.284  -14.831 -25.400 1.00 122.21 ? 4   1SC A C4    1 
HETATM 76   N  N4    . 1SC A 1 4  ? 19.926  -13.666 -25.362 1.00 123.06 ? 4   1SC A N4    1 
HETATM 77   C  C5    . 1SC A 1 4  ? 17.857  -14.867 -25.418 1.00 122.97 ? 4   1SC A C5    1 
HETATM 78   C  C6    . 1SC A 1 4  ? 17.272  -16.072 -25.451 1.00 123.09 ? 4   1SC A C6    1 
HETATM 79   S  S     A 1SC A 1 4  ? 14.607  -14.096 -25.387 0.50 127.71 ? 4   1SC A S     1 
HETATM 80   S  S     B 1SC A 1 4  ? 11.660  -15.292 -25.460 0.50 127.22 ? 4   1SC A S     1 
ATOM   81   P  P     . U   A 1 5  ? 14.782  -18.629 -21.468 1.00 125.28 ? 5   U   A P     1 
ATOM   82   O  OP1   . U   A 1 5  ? 13.805  -19.434 -20.680 1.00 126.20 ? 5   U   A OP1   1 
ATOM   83   O  OP2   . U   A 1 5  ? 14.504  -17.191 -21.736 1.00 125.49 ? 5   U   A OP2   1 
ATOM   84   O  "O5'" . U   A 1 5  ? 16.221  -18.802 -20.814 1.00 122.38 ? 5   U   A "O5'" 1 
ATOM   85   C  "C5'" . U   A 1 5  ? 16.848  -20.077 -20.853 1.00 120.41 ? 5   U   A "C5'" 1 
ATOM   86   C  "C4'" . U   A 1 5  ? 18.220  -20.001 -20.256 1.00 120.15 ? 5   U   A "C4'" 1 
ATOM   87   O  "O4'" . U   A 1 5  ? 19.132  -19.378 -21.194 1.00 119.24 ? 5   U   A "O4'" 1 
ATOM   88   C  "C3'" . U   A 1 5  ? 18.328  -19.147 -19.007 1.00 120.01 ? 5   U   A "C3'" 1 
ATOM   89   O  "O3'" . U   A 1 5  ? 17.903  -19.824 -17.840 1.00 120.11 ? 5   U   A "O3'" 1 
ATOM   90   C  "C2'" . U   A 1 5  ? 19.803  -18.765 -18.989 1.00 120.35 ? 5   U   A "C2'" 1 
ATOM   91   O  "O2'" . U   A 1 5  ? 20.654  -19.757 -18.428 1.00 120.72 ? 5   U   A "O2'" 1 
ATOM   92   C  "C1'" . U   A 1 5  ? 20.082  -18.598 -20.483 1.00 118.80 ? 5   U   A "C1'" 1 
ATOM   93   N  N1    . U   A 1 5  ? 19.936  -17.201 -20.903 1.00 116.20 ? 5   U   A N1    1 
ATOM   94   C  C2    . U   A 1 5  ? 21.048  -16.395 -20.807 1.00 115.18 ? 5   U   A C2    1 
ATOM   95   O  O2    . U   A 1 5  ? 22.127  -16.804 -20.387 1.00 113.33 ? 5   U   A O2    1 
ATOM   96   N  N3    . U   A 1 5  ? 20.855  -15.097 -21.214 1.00 114.09 ? 5   U   A N3    1 
ATOM   97   C  C4    . U   A 1 5  ? 19.683  -14.541 -21.692 1.00 113.60 ? 5   U   A C4    1 
ATOM   98   O  O4    . U   A 1 5  ? 19.671  -13.356 -22.033 1.00 115.01 ? 5   U   A O4    1 
ATOM   99   C  C5    . U   A 1 5  ? 18.578  -15.442 -21.756 1.00 113.22 ? 5   U   A C5    1 
ATOM   100  C  C6    . U   A 1 5  ? 18.738  -16.710 -21.371 1.00 114.50 ? 5   U   A C6    1 
ATOM   101  P  P     . G   A 1 6  ? 17.213  -18.985 -16.667 1.00 120.30 ? 6   G   A P     1 
ATOM   102  O  OP1   . G   A 1 6  ? 16.568  -19.922 -15.711 1.00 121.18 ? 6   G   A OP1   1 
ATOM   103  O  OP2   . G   A 1 6  ? 16.400  -17.913 -17.317 1.00 118.39 ? 6   G   A OP2   1 
ATOM   104  O  "O5'" . G   A 1 6  ? 18.458  -18.311 -15.947 1.00 120.12 ? 6   G   A "O5'" 1 
ATOM   105  C  "C5'" . G   A 1 6  ? 19.511  -19.114 -15.375 1.00 119.17 ? 6   G   A "C5'" 1 
ATOM   106  C  "C4'" . G   A 1 6  ? 20.630  -18.221 -14.899 1.00 119.51 ? 6   G   A "C4'" 1 
ATOM   107  O  "O4'" . G   A 1 6  ? 21.326  -17.670 -16.046 1.00 119.00 ? 6   G   A "O4'" 1 
ATOM   108  C  "C3'" . G   A 1 6  ? 20.187  -16.998 -14.106 1.00 120.65 ? 6   G   A "C3'" 1 
ATOM   109  O  "O3'" . G   A 1 6  ? 19.992  -17.272 -12.725 1.00 123.91 ? 6   G   A "O3'" 1 
ATOM   110  C  "C2'" . G   A 1 6  ? 21.339  -16.033 -14.319 1.00 119.27 ? 6   G   A "C2'" 1 
ATOM   111  O  "O2'" . G   A 1 6  ? 22.416  -16.308 -13.445 1.00 120.91 ? 6   G   A "O2'" 1 
ATOM   112  C  "C1'" . G   A 1 6  ? 21.740  -16.344 -15.760 1.00 116.80 ? 6   G   A "C1'" 1 
ATOM   113  N  N9    . G   A 1 6  ? 21.101  -15.437 -16.707 1.00 110.96 ? 6   G   A N9    1 
ATOM   114  C  C8    . G   A 1 6  ? 19.891  -15.596 -17.335 1.00 109.63 ? 6   G   A C8    1 
ATOM   115  N  N7    . G   A 1 6  ? 19.585  -14.598 -18.119 1.00 109.59 ? 6   G   A N7    1 
ATOM   116  C  C5    . G   A 1 6  ? 20.663  -13.729 -18.001 1.00 109.94 ? 6   G   A C5    1 
ATOM   117  C  C6    . G   A 1 6  ? 20.911  -12.465 -18.619 1.00 109.28 ? 6   G   A C6    1 
ATOM   118  O  O6    . G   A 1 6  ? 20.200  -11.836 -19.416 1.00 108.38 ? 6   G   A O6    1 
ATOM   119  N  N1    . G   A 1 6  ? 22.131  -11.934 -18.217 1.00 108.30 ? 6   G   A N1    1 
ATOM   120  C  C2    . G   A 1 6  ? 22.999  -12.530 -17.338 1.00 108.79 ? 6   G   A C2    1 
ATOM   121  N  N2    . G   A 1 6  ? 24.127  -11.864 -17.077 1.00 109.39 ? 6   G   A N2    1 
ATOM   122  N  N3    . G   A 1 6  ? 22.779  -13.696 -16.759 1.00 108.99 ? 6   G   A N3    1 
ATOM   123  C  C4    . G   A 1 6  ? 21.604  -14.236 -17.134 1.00 109.60 ? 6   G   A C4    1 
ATOM   124  P  P     . G   A 1 7  ? 19.110  -16.262 -11.836 1.00 126.51 ? 7   G   A P     1 
ATOM   125  O  OP1   . G   A 1 7  ? 19.097  -16.825 -10.453 1.00 125.11 ? 7   G   A OP1   1 
ATOM   126  O  OP2   . G   A 1 7  ? 17.816  -16.013 -12.545 1.00 125.38 ? 7   G   A OP2   1 
ATOM   127  O  "O5'" . G   A 1 7  ? 19.963  -14.905 -11.847 1.00 126.27 ? 7   G   A "O5'" 1 
ATOM   128  C  "C5'" . G   A 1 7  ? 21.138  -14.787 -11.011 1.00 124.79 ? 7   G   A "C5'" 1 
ATOM   129  C  "C4'" . G   A 1 7  ? 21.815  -13.422 -11.131 1.00 122.59 ? 7   G   A "C4'" 1 
ATOM   130  O  "O4'" . G   A 1 7  ? 22.396  -13.258 -12.460 1.00 120.91 ? 7   G   A "O4'" 1 
ATOM   131  C  "C3'" . G   A 1 7  ? 20.952  -12.172 -10.958 1.00 120.89 ? 7   G   A "C3'" 1 
ATOM   132  O  "O3'" . G   A 1 7  ? 20.719  -11.783 -9.610  1.00 121.16 ? 7   G   A "O3'" 1 
ATOM   133  C  "C2'" . G   A 1 7  ? 21.769  -11.100 -11.667 1.00 120.03 ? 7   G   A "C2'" 1 
ATOM   134  O  "O2'" . G   A 1 7  ? 22.803  -10.572 -10.857 1.00 118.68 ? 7   G   A "O2'" 1 
ATOM   135  C  "C1'" . G   A 1 7  ? 22.374  -11.885 -12.825 1.00 119.13 ? 7   G   A "C1'" 1 
ATOM   136  N  N9    . G   A 1 7  ? 21.603  -11.695 -14.044 1.00 114.66 ? 7   G   A N9    1 
ATOM   137  C  C8    . G   A 1 7  ? 20.671  -12.534 -14.587 1.00 113.22 ? 7   G   A C8    1 
ATOM   138  N  N7    . G   A 1 7  ? 20.136  -12.061 -15.679 1.00 113.61 ? 7   G   A N7    1 
ATOM   139  C  C5    . G   A 1 7  ? 20.758  -10.836 -15.867 1.00 110.85 ? 7   G   A C5    1 
ATOM   140  C  C6    . G   A 1 7  ? 20.587  -9.867  -16.888 1.00 109.27 ? 7   G   A C6    1 
ATOM   141  O  O6    . G   A 1 7  ? 19.823  -9.898  -17.855 1.00 106.52 ? 7   G   A O6    1 
ATOM   142  N  N1    . G   A 1 7  ? 21.422  -8.775  -16.700 1.00 108.63 ? 7   G   A N1    1 
ATOM   143  C  C2    . G   A 1 7  ? 22.303  -8.628  -15.661 1.00 109.85 ? 7   G   A C2    1 
ATOM   144  N  N2    . G   A 1 7  ? 23.019  -7.500  -15.657 1.00 111.07 ? 7   G   A N2    1 
ATOM   145  N  N3    . G   A 1 7  ? 22.470  -9.520  -14.699 1.00 109.88 ? 7   G   A N3    1 
ATOM   146  C  C4    . G   A 1 7  ? 21.669  -10.595 -14.868 1.00 112.11 ? 7   G   A C4    1 
ATOM   147  P  P     . C   A 1 8  ? 19.633  -10.632 -9.306  1.00 122.11 ? 8   C   A P     1 
ATOM   148  O  OP1   . C   A 1 8  ? 19.648  -10.291 -7.856  1.00 121.82 ? 8   C   A OP1   1 
ATOM   149  O  OP2   . C   A 1 8  ? 18.363  -11.045 -9.949  1.00 121.96 ? 8   C   A OP2   1 
ATOM   150  O  "O5'" . C   A 1 8  ? 20.171  -9.375  -10.124 1.00 121.45 ? 8   C   A "O5'" 1 
ATOM   151  C  "C5'" . C   A 1 8  ? 21.428  -8.769  -9.790  1.00 118.80 ? 8   C   A "C5'" 1 
ATOM   152  C  "C4'" . C   A 1 8  ? 21.580  -7.453  -10.503 1.00 116.37 ? 8   C   A "C4'" 1 
ATOM   153  O  "O4'" . C   A 1 8  ? 21.759  -7.664  -11.925 1.00 115.18 ? 8   C   A "O4'" 1 
ATOM   154  C  "C3'" . C   A 1 8  ? 20.360  -6.557  -10.412 1.00 115.00 ? 8   C   A "C3'" 1 
ATOM   155  O  "O3'" . C   A 1 8  ? 20.432  -5.798  -9.228  1.00 114.86 ? 8   C   A "O3'" 1 
ATOM   156  C  "C2'" . C   A 1 8  ? 20.499  -5.660  -11.630 1.00 114.41 ? 8   C   A "C2'" 1 
ATOM   157  O  "O2'" . C   A 1 8  ? 21.341  -4.547  -11.418 1.00 115.82 ? 8   C   A "O2'" 1 
ATOM   158  C  "C1'" . C   A 1 8  ? 21.145  -6.605  -12.637 1.00 113.94 ? 8   C   A "C1'" 1 
ATOM   159  N  N1    . C   A 1 8  ? 20.189  -7.157  -13.588 1.00 111.72 ? 8   C   A N1    1 
ATOM   160  C  C2    . C   A 1 8  ? 19.810  -6.374  -14.683 1.00 109.94 ? 8   C   A C2    1 
ATOM   161  O  O2    . C   A 1 8  ? 20.301  -5.239  -14.804 1.00 107.75 ? 8   C   A O2    1 
ATOM   162  N  N3    . C   A 1 8  ? 18.928  -6.872  -15.570 1.00 108.05 ? 8   C   A N3    1 
ATOM   163  C  C4    . C   A 1 8  ? 18.440  -8.102  -15.396 1.00 108.45 ? 8   C   A C4    1 
ATOM   164  N  N4    . C   A 1 8  ? 17.589  -8.570  -16.287 1.00 108.70 ? 8   C   A N4    1 
ATOM   165  C  C5    . C   A 1 8  ? 18.810  -8.914  -14.290 1.00 109.50 ? 8   C   A C5    1 
ATOM   166  C  C6    . C   A 1 8  ? 19.677  -8.408  -13.419 1.00 110.16 ? 8   C   A C6    1 
ATOM   167  P  P     . G   A 1 9  ? 19.311  -4.705  -8.924  1.00 115.24 ? 9   G   A P     1 
ATOM   168  O  OP1   . G   A 1 9  ? 19.762  -3.937  -7.733  1.00 115.27 ? 9   G   A OP1   1 
ATOM   169  O  OP2   . G   A 1 9  ? 18.013  -5.426  -8.900  1.00 116.10 ? 9   G   A OP2   1 
ATOM   170  O  "O5'" . G   A 1 9  ? 19.326  -3.741  -10.188 1.00 112.48 ? 9   G   A "O5'" 1 
ATOM   171  C  "C5'" . G   A 1 9  ? 18.323  -2.739  -10.343 1.00 111.59 ? 9   G   A "C5'" 1 
ATOM   172  C  "C4'" . G   A 1 9  ? 18.686  -1.813  -11.472 1.00 112.71 ? 9   G   A "C4'" 1 
ATOM   173  O  "O4'" . G   A 1 9  ? 18.991  -2.590  -12.655 1.00 114.20 ? 9   G   A "O4'" 1 
ATOM   174  C  "C3'" . G   A 1 9  ? 17.565  -0.896  -11.911 1.00 113.23 ? 9   G   A "C3'" 1 
ATOM   175  O  "O3'" . G   A 1 9  ? 17.466  0.252   -11.102 1.00 113.79 ? 9   G   A "O3'" 1 
ATOM   176  C  "C2'" . G   A 1 9  ? 17.921  -0.582  -13.357 1.00 113.16 ? 9   G   A "C2'" 1 
ATOM   177  O  "O2'" . G   A 1 9  ? 18.866  0.455   -13.510 1.00 112.89 ? 9   G   A "O2'" 1 
ATOM   178  C  "C1'" . G   A 1 9  ? 18.517  -1.911  -13.813 1.00 113.91 ? 9   G   A "C1'" 1 
ATOM   179  N  N9    . G   A 1 9  ? 17.507  -2.751  -14.454 1.00 113.91 ? 9   G   A N9    1 
ATOM   180  C  C8    . G   A 1 9  ? 17.071  -3.988  -14.047 1.00 113.73 ? 9   G   A C8    1 
ATOM   181  N  N7    . G   A 1 9  ? 16.146  -4.484  -14.820 1.00 113.59 ? 9   G   A N7    1 
ATOM   182  C  C5    . G   A 1 9  ? 15.964  -3.516  -15.794 1.00 114.97 ? 9   G   A C5    1 
ATOM   183  C  C6    . G   A 1 9  ? 15.092  -3.492  -16.909 1.00 118.07 ? 9   G   A C6    1 
ATOM   184  O  O6    . G   A 1 9  ? 14.268  -4.350  -17.267 1.00 122.48 ? 9   G   A O6    1 
ATOM   185  N  N1    . G   A 1 9  ? 15.238  -2.322  -17.644 1.00 116.80 ? 9   G   A N1    1 
ATOM   186  C  C2    . G   A 1 9  ? 16.103  -1.306  -17.347 1.00 115.88 ? 9   G   A C2    1 
ATOM   187  N  N2    . G   A 1 9  ? 16.087  -0.258  -18.185 1.00 116.07 ? 9   G   A N2    1 
ATOM   188  N  N3    . G   A 1 9  ? 16.920  -1.314  -16.309 1.00 114.77 ? 9   G   A N3    1 
ATOM   189  C  C4    . G   A 1 9  ? 16.798  -2.442  -15.582 1.00 113.55 ? 9   G   A C4    1 
ATOM   190  P  P     . G   A 1 10 ? 16.040  0.946   -10.925 1.00 115.13 ? 10  G   A P     1 
ATOM   191  O  OP1   . G   A 1 10 ? 16.208  2.159   -10.089 1.00 115.80 ? 10  G   A OP1   1 
ATOM   192  O  OP2   . G   A 1 10 ? 15.093  -0.116  -10.500 1.00 114.78 ? 10  G   A OP2   1 
ATOM   193  O  "O5'" . G   A 1 10 ? 15.670  1.393   -12.407 1.00 115.25 ? 10  G   A "O5'" 1 
ATOM   194  C  "C5'" . G   A 1 10 ? 16.440  2.406   -13.064 1.00 117.18 ? 10  G   A "C5'" 1 
ATOM   195  C  "C4'" . G   A 1 10 ? 15.733  2.886   -14.302 1.00 118.49 ? 10  G   A "C4'" 1 
ATOM   196  O  "O4'" . G   A 1 10 ? 15.737  1.829   -15.286 1.00 117.54 ? 10  G   A "O4'" 1 
ATOM   197  C  "C3'" . G   A 1 10 ? 14.264  3.235   -14.131 1.00 120.68 ? 10  G   A "C3'" 1 
ATOM   198  O  "O3'" . G   A 1 10 ? 14.060  4.541   -13.604 1.00 126.34 ? 10  G   A "O3'" 1 
ATOM   199  C  "C2'" . G   A 1 10 ? 13.729  3.064   -15.545 1.00 119.02 ? 10  G   A "C2'" 1 
ATOM   200  O  "O2'" . G   A 1 10 ? 14.029  4.151   -16.394 1.00 118.20 ? 10  G   A "O2'" 1 
ATOM   201  C  "C1'" . G   A 1 10 ? 14.530  1.857   -16.017 1.00 118.20 ? 10  G   A "C1'" 1 
ATOM   202  N  N9    . G   A 1 10 ? 13.813  0.613   -15.764 1.00 118.69 ? 10  G   A N9    1 
ATOM   203  C  C8    . G   A 1 10 ? 14.081  -0.333  -14.801 1.00 118.32 ? 10  G   A C8    1 
ATOM   204  N  N7    . G   A 1 10 ? 13.254  -1.344  -14.833 1.00 117.67 ? 10  G   A N7    1 
ATOM   205  C  C5    . G   A 1 10 ? 12.389  -1.048  -15.882 1.00 117.58 ? 10  G   A C5    1 
ATOM   206  C  C6    . G   A 1 10 ? 11.281  -1.775  -16.405 1.00 116.02 ? 10  G   A C6    1 
ATOM   207  O  O6    . G   A 1 10 ? 10.829  -2.865  -16.033 1.00 113.56 ? 10  G   A O6    1 
ATOM   208  N  N1    . G   A 1 10 ? 10.686  -1.101  -17.469 1.00 116.49 ? 10  G   A N1    1 
ATOM   209  C  C2    . G   A 1 10 ? 11.099  0.117   -17.970 1.00 117.83 ? 10  G   A C2    1 
ATOM   210  N  N2    . G   A 1 10 ? 10.398  0.623   -18.999 1.00 117.36 ? 10  G   A N2    1 
ATOM   211  N  N3    . G   A 1 10 ? 12.128  0.796   -17.496 1.00 118.58 ? 10  G   A N3    1 
ATOM   212  C  C4    . G   A 1 10 ? 12.721  0.160   -16.462 1.00 118.85 ? 10  G   A C4    1 
ATOM   213  P  P     . C   A 1 11 ? 12.927  4.780   -12.475 1.00 130.17 ? 11  C   A P     1 
ATOM   214  O  OP1   . C   A 1 11 ? 12.915  6.242   -12.181 1.00 129.95 ? 11  C   A OP1   1 
ATOM   215  O  OP2   . C   A 1 11 ? 13.147  3.804   -11.366 1.00 128.29 ? 11  C   A OP2   1 
ATOM   216  O  "O5'" . C   A 1 11 ? 11.558  4.411   -13.210 1.00 131.52 ? 11  C   A "O5'" 1 
ATOM   217  C  "C5'" . C   A 1 11 ? 11.142  5.145   -14.383 1.00 134.56 ? 11  C   A "C5'" 1 
ATOM   218  C  "C4'" . C   A 1 11 ? 10.214  4.315   -15.251 1.00 136.40 ? 11  C   A "C4'" 1 
ATOM   219  O  "O4'" . C   A 1 11 ? 10.771  2.986   -15.438 1.00 137.18 ? 11  C   A "O4'" 1 
ATOM   220  C  "C3'" . C   A 1 11 ? 8.824   4.053   -14.694 1.00 136.56 ? 11  C   A "C3'" 1 
ATOM   221  O  "O3'" . C   A 1 11 ? 7.915   5.159   -14.662 1.00 137.84 ? 11  C   A "O3'" 1 
ATOM   222  C  "C2'" . C   A 1 11 ? 8.395   2.790   -15.427 1.00 136.24 ? 11  C   A "C2'" 1 
ATOM   223  O  "O2'" . C   A 1 11 ? 7.943   3.075   -16.739 1.00 133.63 ? 11  C   A "O2'" 1 
ATOM   224  C  "C1'" . C   A 1 11 ? 9.722   2.032   -15.515 1.00 136.97 ? 11  C   A "C1'" 1 
ATOM   225  N  N1    . C   A 1 11 ? 9.935   1.012   -14.467 1.00 138.31 ? 11  C   A N1    1 
ATOM   226  C  C2    . C   A 1 11 ? 9.325   -0.251  -14.612 1.00 139.15 ? 11  C   A C2    1 
ATOM   227  O  O2    . C   A 1 11 ? 8.609   -0.473  -15.610 1.00 139.33 ? 11  C   A O2    1 
ATOM   228  N  N3    . C   A 1 11 ? 9.532   -1.197  -13.664 1.00 139.06 ? 11  C   A N3    1 
ATOM   229  C  C4    . C   A 1 11 ? 10.304  -0.926  -12.608 1.00 138.60 ? 11  C   A C4    1 
ATOM   230  N  N4    . C   A 1 11 ? 10.478  -1.891  -11.702 1.00 138.59 ? 11  C   A N4    1 
ATOM   231  C  C5    . C   A 1 11 ? 10.929  0.347   -12.435 1.00 137.78 ? 11  C   A C5    1 
ATOM   232  C  C6    . C   A 1 11 ? 10.719  1.278   -13.377 1.00 137.24 ? 11  C   A C6    1 
ATOM   233  O  OP3   . C   B 2 1  ? -7.767  -5.637  -13.569 1.00 146.90 ? 70  C   B OP3   1 
ATOM   234  P  P     . C   B 2 1  ? -7.896  -5.562  -11.962 1.00 147.25 ? 70  C   B P     1 
ATOM   235  O  OP1   . C   B 2 1  ? -7.401  -4.233  -11.502 1.00 146.59 ? 70  C   B OP1   1 
ATOM   236  O  OP2   . C   B 2 1  ? -9.250  -6.024  -11.544 1.00 147.08 ? 70  C   B OP2   1 
ATOM   237  O  "O5'" . C   B 2 1  ? -6.850  -6.678  -11.519 1.00 145.00 ? 70  C   B "O5'" 1 
ATOM   238  C  "C5'" . C   B 2 1  ? -7.093  -8.073  -11.789 1.00 142.12 ? 70  C   B "C5'" 1 
ATOM   239  C  "C4'" . C   B 2 1  ? -6.067  -8.920  -11.079 1.00 139.37 ? 70  C   B "C4'" 1 
ATOM   240  O  "O4'" . C   B 2 1  ? -4.773  -8.757  -11.715 1.00 139.90 ? 70  C   B "O4'" 1 
ATOM   241  C  "C3'" . C   B 2 1  ? -5.828  -8.544  -9.632  1.00 137.11 ? 70  C   B "C3'" 1 
ATOM   242  O  "O3'" . C   B 2 1  ? -6.792  -9.088  -8.756  1.00 131.87 ? 70  C   B "O3'" 1 
ATOM   243  C  "C2'" . C   B 2 1  ? -4.416  -9.051  -9.384  1.00 138.58 ? 70  C   B "C2'" 1 
ATOM   244  O  "O2'" . C   B 2 1  ? -4.377  -10.438 -9.106  1.00 139.51 ? 70  C   B "O2'" 1 
ATOM   245  C  "C1'" . C   B 2 1  ? -3.751  -8.747  -10.729 1.00 139.01 ? 70  C   B "C1'" 1 
ATOM   246  N  N1    . C   B 2 1  ? -3.179  -7.389  -10.727 1.00 137.95 ? 70  C   B N1    1 
ATOM   247  C  C2    . C   B 2 1  ? -1.950  -7.158  -10.110 1.00 136.24 ? 70  C   B C2    1 
ATOM   248  O  O2    . C   B 2 1  ? -1.351  -8.108  -9.590  1.00 135.35 ? 70  C   B O2    1 
ATOM   249  N  N3    . C   B 2 1  ? -1.449  -5.904  -10.101 1.00 135.71 ? 70  C   B N3    1 
ATOM   250  C  C4    . C   B 2 1  ? -2.125  -4.908  -10.681 1.00 136.25 ? 70  C   B C4    1 
ATOM   251  N  N4    . C   B 2 1  ? -1.600  -3.689  -10.652 1.00 137.54 ? 70  C   B N4    1 
ATOM   252  C  C5    . C   B 2 1  ? -3.372  -5.119  -11.320 1.00 136.81 ? 70  C   B C5    1 
ATOM   253  C  C6    . C   B 2 1  ? -3.858  -6.360  -11.321 1.00 137.85 ? 70  C   B C6    1 
ATOM   254  P  P     . C   B 2 2  ? -7.273  -8.216  -7.501  1.00 128.84 ? 71  C   B P     1 
ATOM   255  O  OP1   . C   B 2 2  ? -8.412  -8.908  -6.851  1.00 129.72 ? 71  C   B OP1   1 
ATOM   256  O  OP2   . C   B 2 2  ? -7.430  -6.813  -7.973  1.00 128.73 ? 71  C   B OP2   1 
ATOM   257  O  "O5'" . C   B 2 2  ? -6.028  -8.288  -6.517  1.00 122.79 ? 71  C   B "O5'" 1 
ATOM   258  C  "C5'" . C   B 2 2  ? -5.518  -9.562  -6.136  1.00 114.69 ? 71  C   B "C5'" 1 
ATOM   259  C  "C4'" . C   B 2 2  ? -4.241  -9.416  -5.367  1.00 108.77 ? 71  C   B "C4'" 1 
ATOM   260  O  "O4'" . C   B 2 2  ? -3.230  -8.807  -6.209  1.00 107.48 ? 71  C   B "O4'" 1 
ATOM   261  C  "C3'" . C   B 2 2  ? -4.326  -8.507  -4.160  1.00 106.13 ? 71  C   B "C3'" 1 
ATOM   262  O  "O3'" . C   B 2 2  ? -4.802  -9.207  -3.021  1.00 101.56 ? 71  C   B "O3'" 1 
ATOM   263  C  "C2'" . C   B 2 2  ? -2.878  -8.085  -3.974  1.00 107.30 ? 71  C   B "C2'" 1 
ATOM   264  O  "O2'" . C   B 2 2  ? -2.147  -9.078  -3.290  1.00 108.58 ? 71  C   B "O2'" 1 
ATOM   265  C  "C1'" . C   B 2 2  ? -2.390  -7.991  -5.420  1.00 108.06 ? 71  C   B "C1'" 1 
ATOM   266  N  N1    . C   B 2 2  ? -2.420  -6.615  -5.936  1.00 110.09 ? 71  C   B N1    1 
ATOM   267  C  C2    . C   B 2 2  ? -1.531  -5.675  -5.383  1.00 111.45 ? 71  C   B C2    1 
ATOM   268  O  O2    . C   B 2 2  ? -0.740  -6.041  -4.490  1.00 110.73 ? 71  C   B O2    1 
ATOM   269  N  N3    . C   B 2 2  ? -1.556  -4.399  -5.834  1.00 111.05 ? 71  C   B N3    1 
ATOM   270  C  C4    . C   B 2 2  ? -2.417  -4.049  -6.793  1.00 110.64 ? 71  C   B C4    1 
ATOM   271  N  N4    . C   B 2 2  ? -2.409  -2.775  -7.202  1.00 111.78 ? 71  C   B N4    1 
ATOM   272  C  C5    . C   B 2 2  ? -3.325  -4.984  -7.374  1.00 110.10 ? 71  C   B C5    1 
ATOM   273  C  C6    . C   B 2 2  ? -3.291  -6.245  -6.921  1.00 109.62 ? 71  C   B C6    1 
ATOM   274  P  P     . G   B 2 3  ? -5.757  -8.456  -1.966  1.00 99.18  ? 72  G   B P     1 
ATOM   275  O  OP1   . G   B 2 3  ? -6.086  -9.395  -0.865  1.00 99.87  ? 72  G   B OP1   1 
ATOM   276  O  OP2   . G   B 2 3  ? -6.854  -7.839  -2.760  1.00 97.34  ? 72  G   B OP2   1 
ATOM   277  O  "O5'" . G   B 2 3  ? -4.853  -7.294  -1.351  1.00 94.87  ? 72  G   B "O5'" 1 
ATOM   278  C  "C5'" . G   B 2 3  ? -3.599  -7.581  -0.703  1.00 88.42  ? 72  G   B "C5'" 1 
ATOM   279  C  "C4'" . G   B 2 3  ? -2.807  -6.307  -0.515  1.00 85.00  ? 72  G   B "C4'" 1 
ATOM   280  O  "O4'" . G   B 2 3  ? -2.347  -5.783  -1.786  1.00 83.95  ? 72  G   B "O4'" 1 
ATOM   281  C  "C3'" . G   B 2 3  ? -3.598  -5.172  0.096   1.00 82.73  ? 72  G   B "C3'" 1 
ATOM   282  O  "O3'" . G   B 2 3  ? -3.571  -5.346  1.495   1.00 83.37  ? 72  G   B "O3'" 1 
ATOM   283  C  "C2'" . G   B 2 3  ? -2.860  -3.923  -0.387  1.00 80.45  ? 72  G   B "C2'" 1 
ATOM   284  O  "O2'" . G   B 2 3  ? -1.743  -3.548  0.381   1.00 76.62  ? 72  G   B "O2'" 1 
ATOM   285  C  "C1'" . G   B 2 3  ? -2.381  -4.365  -1.765  1.00 81.67  ? 72  G   B "C1'" 1 
ATOM   286  N  N9    . G   B 2 3  ? -3.208  -3.924  -2.879  1.00 84.00  ? 72  G   B N9    1 
ATOM   287  C  C8    . G   B 2 3  ? -4.079  -4.692  -3.613  1.00 84.92  ? 72  G   B C8    1 
ATOM   288  N  N7    . G   B 2 3  ? -4.660  -4.030  -4.573  1.00 86.40  ? 72  G   B N7    1 
ATOM   289  C  C5    . G   B 2 3  ? -4.144  -2.747  -4.463  1.00 85.80  ? 72  G   B C5    1 
ATOM   290  C  C6    . G   B 2 3  ? -4.399  -1.603  -5.228  1.00 85.78  ? 72  G   B C6    1 
ATOM   291  O  O6    . G   B 2 3  ? -5.164  -1.483  -6.191  1.00 90.45  ? 72  G   B O6    1 
ATOM   292  N  N1    . G   B 2 3  ? -3.662  -0.513  -4.779  1.00 84.68  ? 72  G   B N1    1 
ATOM   293  C  C2    . G   B 2 3  ? -2.799  -0.529  -3.719  1.00 83.20  ? 72  G   B C2    1 
ATOM   294  N  N2    . G   B 2 3  ? -2.193  0.623   -3.429  1.00 81.53  ? 72  G   B N2    1 
ATOM   295  N  N3    . G   B 2 3  ? -2.552  -1.597  -2.991  1.00 85.18  ? 72  G   B N3    1 
ATOM   296  C  C4    . G   B 2 3  ? -3.253  -2.666  -3.417  1.00 85.11  ? 72  G   B C4    1 
ATOM   297  P  P     . A   B 2 4  ? -4.399  -4.353  2.435   1.00 83.54  ? 73  A   B P     1 
ATOM   298  O  OP1   . A   B 2 4  ? -4.513  -5.008  3.771   1.00 83.27  ? 73  A   B OP1   1 
ATOM   299  O  OP2   . A   B 2 4  ? -5.638  -3.963  1.699   1.00 81.69  ? 73  A   B OP2   1 
ATOM   300  O  "O5'" . A   B 2 4  ? -3.426  -3.094  2.567   1.00 78.36  ? 73  A   B "O5'" 1 
ATOM   301  C  "C5'" . A   B 2 4  ? -3.648  -2.104  3.581   1.00 71.00  ? 73  A   B "C5'" 1 
ATOM   302  C  "C4'" . A   B 2 4  ? -2.426  -1.958  4.442   1.00 65.05  ? 73  A   B "C4'" 1 
ATOM   303  O  "O4'" . A   B 2 4  ? -1.282  -1.672  3.608   1.00 64.60  ? 73  A   B "O4'" 1 
ATOM   304  C  "C3'" . A   B 2 4  ? -2.495  -0.806  5.416   1.00 63.64  ? 73  A   B "C3'" 1 
ATOM   305  O  "O3'" . A   B 2 4  ? -3.120  -1.220  6.604   1.00 66.15  ? 73  A   B "O3'" 1 
ATOM   306  C  "C2'" . A   B 2 4  ? -1.032  -0.484  5.652   1.00 64.99  ? 73  A   B "C2'" 1 
ATOM   307  O  "O2'" . A   B 2 4  ? -0.465  -1.339  6.615   1.00 68.69  ? 73  A   B "O2'" 1 
ATOM   308  C  "C1'" . A   B 2 4  ? -0.422  -0.761  4.274   1.00 64.60  ? 73  A   B "C1'" 1 
ATOM   309  N  N9    . A   B 2 4  ? -0.314  0.451   3.457   1.00 62.81  ? 73  A   B N9    1 
ATOM   310  C  C8    . A   B 2 4  ? -1.088  0.834   2.381   1.00 63.64  ? 73  A   B C8    1 
ATOM   311  N  N7    . A   B 2 4  ? -0.764  2.005   1.885   1.00 63.39  ? 73  A   B N7    1 
ATOM   312  C  C5    . A   B 2 4  ? 0.305   2.414   2.675   1.00 62.87  ? 73  A   B C5    1 
ATOM   313  C  C6    . A   B 2 4  ? 1.112   3.574   2.660   1.00 61.89  ? 73  A   B C6    1 
ATOM   314  N  N6    . A   B 2 4  ? 0.973   4.573   1.781   1.00 62.01  ? 73  A   B N6    1 
ATOM   315  N  N1    . A   B 2 4  ? 2.082   3.669   3.591   1.00 59.99  ? 73  A   B N1    1 
ATOM   316  C  C2    . A   B 2 4  ? 2.236   2.664   4.458   1.00 60.16  ? 73  A   B C2    1 
ATOM   317  N  N3    . A   B 2 4  ? 1.554   1.526   4.568   1.00 57.71  ? 73  A   B N3    1 
ATOM   318  C  C4    . A   B 2 4  ? 0.593   1.463   3.641   1.00 60.48  ? 73  A   B C4    1 
ATOM   319  P  P     . U   B 2 5  ? -3.881  -0.146  7.515   1.00 71.14  ? 74  U   B P     1 
ATOM   320  O  OP1   . U   B 2 5  ? -4.326  -0.788  8.779   1.00 72.69  ? 74  U   B OP1   1 
ATOM   321  O  OP2   . U   B 2 5  ? -4.883  0.478   6.631   1.00 73.98  ? 74  U   B OP2   1 
ATOM   322  O  "O5'" . U   B 2 5  ? -2.748  0.900   7.904   1.00 69.69  ? 74  U   B "O5'" 1 
ATOM   323  C  "C5'" . U   B 2 5  ? -1.774  0.550   8.889   1.00 67.73  ? 74  U   B "C5'" 1 
ATOM   324  C  "C4'" . U   B 2 5  ? -0.722  1.626   9.030   1.00 68.23  ? 74  U   B "C4'" 1 
ATOM   325  O  "O4'" . U   B 2 5  ? -0.040  1.826   7.767   1.00 69.54  ? 74  U   B "O4'" 1 
ATOM   326  C  "C3'" . U   B 2 5  ? -1.218  3.007   9.397   1.00 69.73  ? 74  U   B "C3'" 1 
ATOM   327  O  "O3'" . U   B 2 5  ? -1.417  3.104   10.800  1.00 73.41  ? 74  U   B "O3'" 1 
ATOM   328  C  "C2'" . U   B 2 5  ? -0.100  3.916   8.887   1.00 67.32  ? 74  U   B "C2'" 1 
ATOM   329  O  "O2'" . U   B 2 5  ? 1.006   3.940   9.760   1.00 64.65  ? 74  U   B "O2'" 1 
ATOM   330  C  "C1'" . U   B 2 5  ? 0.333   3.190   7.621   1.00 67.39  ? 74  U   B "C1'" 1 
ATOM   331  N  N1    . U   B 2 5  ? -0.243  3.694   6.367   1.00 68.90  ? 74  U   B N1    1 
ATOM   332  C  C2    . U   B 2 5  ? 0.207   4.914   5.861   1.00 68.82  ? 74  U   B C2    1 
ATOM   333  O  O2    . U   B 2 5  ? 1.052   5.593   6.418   1.00 68.61  ? 74  U   B O2    1 
ATOM   334  N  N3    . U   B 2 5  ? -0.380  5.298   4.674   1.00 67.50  ? 74  U   B N3    1 
ATOM   335  C  C4    . U   B 2 5  ? -1.353  4.598   3.964   1.00 68.07  ? 74  U   B C4    1 
ATOM   336  O  O4    . U   B 2 5  ? -1.800  5.052   2.914   1.00 65.65  ? 74  U   B O4    1 
ATOM   337  C  C5    . U   B 2 5  ? -1.750  3.364   4.560   1.00 70.82  ? 74  U   B C5    1 
ATOM   338  C  C6    . U   B 2 5  ? -1.198  2.964   5.708   1.00 69.53  ? 74  U   B C6    1 
ATOM   339  P  P     . G   B 2 6  ? -2.750  3.813   11.365  1.00 74.24  ? 75  G   B P     1 
ATOM   340  O  OP1   . G   B 2 6  ? -2.678  3.830   12.857  1.00 71.76  ? 75  G   B OP1   1 
ATOM   341  O  OP2   . G   B 2 6  ? -3.929  3.210   10.660  1.00 72.70  ? 75  G   B OP2   1 
ATOM   342  O  "O5'" . G   B 2 6  ? -2.612  5.318   10.890  1.00 73.04  ? 75  G   B "O5'" 1 
ATOM   343  C  "C5'" . G   B 2 6  ? -1.574  6.143   11.411  1.00 73.54  ? 75  G   B "C5'" 1 
ATOM   344  C  "C4'" . G   B 2 6  ? -1.505  7.385   10.603  1.00 74.34  ? 75  G   B "C4'" 1 
ATOM   345  O  "O4'" . G   B 2 6  ? -1.131  7.037   9.255   1.00 75.31  ? 75  G   B "O4'" 1 
ATOM   346  C  "C3'" . G   B 2 6  ? -2.852  8.039   10.436  1.00 76.53  ? 75  G   B "C3'" 1 
ATOM   347  O  "O3'" . G   B 2 6  ? -3.187  8.797   11.568  1.00 78.84  ? 75  G   B "O3'" 1 
ATOM   348  C  "C2'" . G   B 2 6  ? -2.675  8.826   9.148   1.00 77.36  ? 75  G   B "C2'" 1 
ATOM   349  O  "O2'" . G   B 2 6  ? -1.927  10.015  9.301   1.00 78.55  ? 75  G   B "O2'" 1 
ATOM   350  C  "C1'" . G   B 2 6  ? -1.829  7.856   8.338   1.00 77.83  ? 75  G   B "C1'" 1 
ATOM   351  N  N9    . G   B 2 6  ? -2.691  7.006   7.530   1.00 80.81  ? 75  G   B N9    1 
ATOM   352  C  C8    . G   B 2 6  ? -3.042  5.702   7.772   1.00 83.74  ? 75  G   B C8    1 
ATOM   353  N  N7    . G   B 2 6  ? -3.837  5.210   6.861   1.00 87.36  ? 75  G   B N7    1 
ATOM   354  C  C5    . G   B 2 6  ? -4.020  6.258   5.964   1.00 86.85  ? 75  G   B C5    1 
ATOM   355  C  C6    . G   B 2 6  ? -4.787  6.329   4.771   1.00 89.56  ? 75  G   B C6    1 
ATOM   356  O  O6    . G   B 2 6  ? -5.477  5.453   4.248   1.00 96.44  ? 75  G   B O6    1 
ATOM   357  N  N1    . G   B 2 6  ? -4.697  7.578   4.175   1.00 89.00  ? 75  G   B N1    1 
ATOM   358  C  C2    . G   B 2 6  ? -3.972  8.629   4.661   1.00 89.56  ? 75  G   B C2    1 
ATOM   359  N  N2    . G   B 2 6  ? -4.016  9.755   3.939   1.00 93.39  ? 75  G   B N2    1 
ATOM   360  N  N3    . G   B 2 6  ? -3.254  8.582   5.773   1.00 87.47  ? 75  G   B N3    1 
ATOM   361  C  C4    . G   B 2 6  ? -3.322  7.372   6.367   1.00 84.25  ? 75  G   B C4    1 
ATOM   362  P  P     . G   B 2 7  ? -4.683  8.724   12.139  1.00 79.99  ? 76  G   B P     1 
ATOM   363  O  OP1   . G   B 2 7  ? -4.592  9.148   13.566  1.00 81.18  ? 76  G   B OP1   1 
ATOM   364  O  OP2   . G   B 2 7  ? -5.322  7.420   11.797  1.00 78.08  ? 76  G   B OP2   1 
ATOM   365  O  "O5'" . G   B 2 7  ? -5.459  9.804   11.269  1.00 80.69  ? 76  G   B "O5'" 1 
ATOM   366  C  "C5'" . G   B 2 7  ? -4.783  10.930  10.696  1.00 82.78  ? 76  G   B "C5'" 1 
ATOM   367  C  "C4'" . G   B 2 7  ? -5.503  11.363  9.448   1.00 85.09  ? 76  G   B "C4'" 1 
ATOM   368  O  "O4'" . G   B 2 7  ? -5.247  10.417  8.386   1.00 84.84  ? 76  G   B "O4'" 1 
ATOM   369  C  "C3'" . G   B 2 7  ? -7.014  11.378  9.587   1.00 87.48  ? 76  G   B "C3'" 1 
ATOM   370  O  "O3'" . G   B 2 7  ? -7.488  12.561  10.221  1.00 87.44  ? 76  G   B "O3'" 1 
ATOM   371  C  "C2'" . G   B 2 7  ? -7.495  11.193  8.153   1.00 88.45  ? 76  G   B "C2'" 1 
ATOM   372  O  "O2'" . G   B 2 7  ? -7.568  12.398  7.407   1.00 87.92  ? 76  G   B "O2'" 1 
ATOM   373  C  "C1'" . G   B 2 7  ? -6.419  10.247  7.602   1.00 88.96  ? 76  G   B "C1'" 1 
ATOM   374  N  N9    . G   B 2 7  ? -6.781  8.831   7.660   1.00 93.19  ? 76  G   B N9    1 
ATOM   375  C  C8    . G   B 2 7  ? -6.347  7.907   8.592   1.00 94.63  ? 76  G   B C8    1 
ATOM   376  N  N7    . G   B 2 7  ? -6.813  6.702   8.382   1.00 95.40  ? 76  G   B N7    1 
ATOM   377  C  C5    . G   B 2 7  ? -7.612  6.834   7.250   1.00 96.34  ? 76  G   B C5    1 
ATOM   378  C  C6    . G   B 2 7  ? -8.391  5.862   6.549   1.00 97.97  ? 76  G   B C6    1 
ATOM   379  O  O6    . G   B 2 7  ? -8.542  4.655   6.806   1.00 97.91  ? 76  G   B O6    1 
ATOM   380  N  N1    . G   B 2 7  ? -9.038  6.424   5.454   1.00 98.10  ? 76  G   B N1    1 
ATOM   381  C  C2    . G   B 2 7  ? -8.960  7.743   5.079   1.00 96.85  ? 76  G   B C2    1 
ATOM   382  N  N2    . G   B 2 7  ? -9.661  8.082   3.983   1.00 96.86  ? 76  G   B N2    1 
ATOM   383  N  N3    . G   B 2 7  ? -8.252  8.659   5.725   1.00 94.39  ? 76  G   B N3    1 
ATOM   384  C  C4    . G   B 2 7  ? -7.606  8.140   6.791   1.00 94.53  ? 76  G   B C4    1 
ATOM   385  P  P     . U   B 2 8  ? -8.695  12.452  11.270  1.00 88.02  ? 77  U   B P     1 
ATOM   386  O  OP1   . U   B 2 8  ? -8.822  13.763  11.949  1.00 89.69  ? 77  U   B OP1   1 
ATOM   387  O  OP2   . U   B 2 8  ? -8.496  11.239  12.096  1.00 88.93  ? 77  U   B OP2   1 
ATOM   388  O  "O5'" . U   B 2 8  ? -9.937  12.188  10.310  1.00 83.45  ? 77  U   B "O5'" 1 
ATOM   389  C  "C5'" . U   B 2 8  ? -10.251 13.124  9.300   1.00 82.25  ? 77  U   B "C5'" 1 
ATOM   390  C  "C4'" . U   B 2 8  ? -11.376 12.622  8.452   1.00 84.64  ? 77  U   B "C4'" 1 
ATOM   391  O  "O4'" . U   B 2 8  ? -10.837 11.750  7.431   1.00 85.20  ? 77  U   B "O4'" 1 
ATOM   392  C  "C3'" . U   B 2 8  ? -12.443 11.787  9.149   1.00 86.17  ? 77  U   B "C3'" 1 
ATOM   393  O  "O3'" . U   B 2 8  ? -13.447 12.500  9.864   1.00 89.22  ? 77  U   B "O3'" 1 
ATOM   394  C  "C2'" . U   B 2 8  ? -13.018 10.982  7.994   1.00 87.21  ? 77  U   B "C2'" 1 
ATOM   395  O  "O2'" . U   B 2 8  ? -14.004 11.643  7.231   1.00 84.64  ? 77  U   B "O2'" 1 
ATOM   396  C  "C1'" . U   B 2 8  ? -11.764 10.709  7.165   1.00 88.81  ? 77  U   B "C1'" 1 
ATOM   397  N  N1    . U   B 2 8  ? -11.229 9.448   7.692   1.00 92.86  ? 77  U   B N1    1 
ATOM   398  C  C2    . U   B 2 8  ? -11.423 8.307   6.944   1.00 92.79  ? 77  U   B C2    1 
ATOM   399  O  O2    . U   B 2 8  ? -11.977 8.313   5.858   1.00 92.32  ? 77  U   B O2    1 
ATOM   400  N  N3    . U   B 2 8  ? -10.955 7.158   7.520   1.00 94.13  ? 77  U   B N3    1 
ATOM   401  C  C4    . U   B 2 8  ? -10.327 7.038   8.740   1.00 95.86  ? 77  U   B C4    1 
ATOM   402  O  O4    . U   B 2 8  ? -9.951  5.924   9.120   1.00 97.27  ? 77  U   B O4    1 
ATOM   403  C  C5    . U   B 2 8  ? -10.154 8.271   9.449   1.00 94.37  ? 77  U   B C5    1 
ATOM   404  C  C6    . U   B 2 8  ? -10.594 9.404   8.911   1.00 93.10  ? 77  U   B C6    1 
ATOM   405  P  P     . A   B 2 9  ? -14.419 11.697  10.873  1.00 92.49  ? 78  A   B P     1 
ATOM   406  O  OP1   . A   B 2 9  ? -15.509 12.583  11.294  1.00 95.87  ? 78  A   B OP1   1 
ATOM   407  O  OP2   . A   B 2 9  ? -13.603 11.032  11.910  1.00 93.85  ? 78  A   B OP2   1 
ATOM   408  O  "O5'" . A   B 2 9  ? -15.074 10.590  9.938   1.00 92.86  ? 78  A   B "O5'" 1 
ATOM   409  C  "C5'" . A   B 2 9  ? -15.950 10.969  8.859   1.00 95.61  ? 78  A   B "C5'" 1 
ATOM   410  C  "C4'" . A   B 2 9  ? -16.859 9.821   8.505   1.00 98.54  ? 78  A   B "C4'" 1 
ATOM   411  O  "O4'" . A   B 2 9  ? -16.125 8.819   7.752   1.00 101.35 ? 78  A   B "O4'" 1 
ATOM   412  C  "C3'" . A   B 2 9  ? -17.433 9.072   9.691   1.00 98.99  ? 78  A   B "C3'" 1 
ATOM   413  O  "O3'" . A   B 2 9  ? -18.591 9.683   10.213  1.00 98.61  ? 78  A   B "O3'" 1 
ATOM   414  C  "C2'" . A   B 2 9  ? -17.733 7.701   9.101   1.00 99.83  ? 78  A   B "C2'" 1 
ATOM   415  O  "O2'" . A   B 2 9  ? -18.970 7.675   8.417   1.00 99.56  ? 78  A   B "O2'" 1 
ATOM   416  C  "C1'" . A   B 2 9  ? -16.552 7.516   8.143   1.00 100.84 ? 78  A   B "C1'" 1 
ATOM   417  N  N9    . A   B 2 9  ? -15.447 6.882   8.875   1.00 100.57 ? 78  A   B N9    1 
ATOM   418  C  C8    . A   B 2 9  ? -14.294 7.470   9.343   1.00 99.87  ? 78  A   B C8    1 
ATOM   419  N  N7    . A   B 2 9  ? -13.520 6.654   10.013  1.00 97.34  ? 78  A   B N7    1 
ATOM   420  C  C5    . A   B 2 9  ? -14.200 5.448   9.974   1.00 97.12  ? 78  A   B C5    1 
ATOM   421  C  C6    . A   B 2 9  ? -13.908 4.194   10.502  1.00 98.07  ? 78  A   B C6    1 
ATOM   422  N  N6    . A   B 2 9  ? -12.809 3.925   11.204  1.00 100.74 ? 78  A   B N6    1 
ATOM   423  N  N1    . A   B 2 9  ? -14.792 3.203   10.281  1.00 98.72  ? 78  A   B N1    1 
ATOM   424  C  C2    . A   B 2 9  ? -15.891 3.471   9.580   1.00 97.68  ? 78  A   B C2    1 
ATOM   425  N  N3    . A   B 2 9  ? -16.279 4.611   9.035   1.00 97.37  ? 78  A   B N3    1 
ATOM   426  C  C4    . A   B 2 9  ? -15.380 5.572   9.270   1.00 97.66  ? 78  A   B C4    1 
ATOM   427  P  P     . G   B 2 10 ? -19.273 9.063   11.516  1.00 98.04  ? 79  G   B P     1 
ATOM   428  O  OP1   . G   B 2 10 ? -20.728 9.177   11.310  1.00 98.43  ? 79  G   B OP1   1 
ATOM   429  O  OP2   . G   B 2 10 ? -18.642 9.658   12.726  1.00 96.75  ? 79  G   B OP2   1 
ATOM   430  O  "O5'" . G   B 2 10 ? -18.873 7.527   11.447  1.00 100.29 ? 79  G   B "O5'" 1 
ATOM   431  C  "C5'" . G   B 2 10 ? -19.816 6.521   11.024  1.00 102.85 ? 79  G   B "C5'" 1 
ATOM   432  C  "C4'" . G   B 2 10 ? -19.527 5.222   11.736  1.00 104.27 ? 79  G   B "C4'" 1 
ATOM   433  O  "O4'" . G   B 2 10 ? -18.208 4.754   11.351  1.00 105.33 ? 79  G   B "O4'" 1 
ATOM   434  C  "C3'" . G   B 2 10 ? -19.469 5.321   13.256  1.00 104.28 ? 79  G   B "C3'" 1 
ATOM   435  O  "O3'" . G   B 2 10 ? -20.769 5.178   13.815  1.00 104.08 ? 79  G   B "O3'" 1 
ATOM   436  C  "C2'" . G   B 2 10 ? -18.567 4.154   13.632  1.00 104.78 ? 79  G   B "C2'" 1 
ATOM   437  O  "O2'" . G   B 2 10 ? -19.261 2.928   13.671  1.00 105.68 ? 79  G   B "O2'" 1 
ATOM   438  C  "C1'" . G   B 2 10 ? -17.580 4.137   12.463  1.00 105.68 ? 79  G   B "C1'" 1 
ATOM   439  N  N9    . G   B 2 10 ? -16.339 4.847   12.756  1.00 105.10 ? 79  G   B N9    1 
ATOM   440  C  C8    . G   B 2 10 ? -15.931 6.046   12.234  1.00 104.17 ? 79  G   B C8    1 
ATOM   441  N  N7    . G   B 2 10 ? -14.776 6.435   12.693  1.00 106.18 ? 79  G   B N7    1 
ATOM   442  C  C5    . G   B 2 10 ? -14.397 5.428   13.572  1.00 107.35 ? 79  G   B C5    1 
ATOM   443  C  C6    . G   B 2 10 ? -13.226 5.288   14.384  1.00 108.49 ? 79  G   B C6    1 
ATOM   444  O  O6    . G   B 2 10 ? -12.251 6.051   14.488  1.00 109.32 ? 79  G   B O6    1 
ATOM   445  N  N1    . G   B 2 10 ? -13.257 4.114   15.121  1.00 105.69 ? 79  G   B N1    1 
ATOM   446  C  C2    . G   B 2 10 ? -14.263 3.193   15.089  1.00 105.25 ? 79  G   B C2    1 
ATOM   447  N  N2    . G   B 2 10 ? -14.100 2.135   15.884  1.00 107.38 ? 79  G   B N2    1 
ATOM   448  N  N3    . G   B 2 10 ? -15.347 3.302   14.339  1.00 105.25 ? 79  G   B N3    1 
ATOM   449  C  C4    . G   B 2 10 ? -15.350 4.440   13.616  1.00 105.36 ? 79  G   B C4    1 
ATOM   450  P  P     . U   B 2 11 ? -20.959 5.125   15.414  1.00 105.31 ? 80  U   B P     1 
ATOM   451  O  OP1   . U   B 2 11 ? -22.386 5.392   15.711  1.00 107.38 ? 80  U   B OP1   1 
ATOM   452  O  OP2   . U   B 2 11 ? -19.908 5.933   16.078  1.00 105.42 ? 80  U   B OP2   1 
ATOM   453  O  "O5'" . U   B 2 11 ? -20.712 3.603   15.798  1.00 106.21 ? 80  U   B "O5'" 1 
ATOM   454  C  "C5'" . U   B 2 11 ? -20.606 3.212   17.167  1.00 103.34 ? 80  U   B "C5'" 1 
ATOM   455  C  "C4'" . U   B 2 11 ? -19.442 2.276   17.343  1.00 102.36 ? 80  U   B "C4'" 1 
ATOM   456  O  "O4'" . U   B 2 11 ? -18.361 2.633   16.446  1.00 101.33 ? 80  U   B "O4'" 1 
ATOM   457  C  "C3'" . U   B 2 11 ? -18.838 2.321   18.724  1.00 102.15 ? 80  U   B "C3'" 1 
ATOM   458  O  "O3'" . U   B 2 11 ? -19.551 1.459   19.573  1.00 102.81 ? 80  U   B "O3'" 1 
ATOM   459  C  "C2'" . U   B 2 11 ? -17.415 1.852   18.480  1.00 101.45 ? 80  U   B "C2'" 1 
ATOM   460  O  "O2'" . U   B 2 11 ? -17.318 0.450   18.463  1.00 102.94 ? 80  U   B "O2'" 1 
ATOM   461  C  "C1'" . U   B 2 11 ? -17.119 2.444   17.097  1.00 100.92 ? 80  U   B "C1'" 1 
ATOM   462  N  N1    . U   B 2 11 ? -16.450 3.756   17.151  1.00 100.74 ? 80  U   B N1    1 
ATOM   463  C  C2    . U   B 2 11 ? -15.695 4.054   18.267  1.00 100.30 ? 80  U   B C2    1 
ATOM   464  O  O2    . U   B 2 11 ? -15.549 3.282   19.191  1.00 100.34 ? 80  U   B O2    1 
ATOM   465  N  N3    . U   B 2 11 ? -15.114 5.296   18.261  1.00 100.40 ? 80  U   B N3    1 
ATOM   466  C  C4    . U   B 2 11 ? -15.201 6.246   17.271  1.00 101.49 ? 80  U   B C4    1 
ATOM   467  O  O4    . U   B 2 11 ? -14.619 7.324   17.419  1.00 104.74 ? 80  U   B O4    1 
ATOM   468  C  C5    . U   B 2 11 ? -15.994 5.865   16.141  1.00 99.96  ? 80  U   B C5    1 
ATOM   469  C  C6    . U   B 2 11 ? -16.579 4.665   16.121  1.00 99.52  ? 80  U   B C6    1 
ATOM   470  P  P     . G   B 2 12 ? -19.756 1.857   21.106  1.00 104.65 ? 81  G   B P     1 
ATOM   471  O  OP1   . G   B 2 12 ? -20.854 1.007   21.636  1.00 105.14 ? 81  G   B OP1   1 
ATOM   472  O  OP2   . G   B 2 12 ? -19.859 3.332   21.178  1.00 104.45 ? 81  G   B OP2   1 
ATOM   473  O  "O5'" . G   B 2 12 ? -18.396 1.416   21.792  1.00 103.16 ? 81  G   B "O5'" 1 
ATOM   474  C  "C5'" . G   B 2 12 ? -18.005 0.048   21.759  1.00 101.19 ? 81  G   B "C5'" 1 
ATOM   475  C  "C4'" . G   B 2 12 ? -16.881 -0.196  22.718  1.00 99.86  ? 81  G   B "C4'" 1 
ATOM   476  O  "O4'" . G   B 2 12 ? -15.661 0.353   22.173  1.00 98.25  ? 81  G   B "O4'" 1 
ATOM   477  C  "C3'" . G   B 2 12 ? -17.022 0.496   24.059  1.00 99.93  ? 81  G   B "C3'" 1 
ATOM   478  O  "O3'" . G   B 2 12 ? -17.848 -0.202  24.964  1.00 103.60 ? 81  G   B "O3'" 1 
ATOM   479  C  "C2'" . G   B 2 12 ? -15.583 0.589   24.536  1.00 97.90  ? 81  G   B "C2'" 1 
ATOM   480  O  "O2'" . G   B 2 12 ? -15.092 -0.596  25.124  1.00 96.39  ? 81  G   B "O2'" 1 
ATOM   481  C  "C1'" . G   B 2 12 ? -14.851 0.839   23.225  1.00 96.90  ? 81  G   B "C1'" 1 
ATOM   482  N  N9    . G   B 2 12 ? -14.631 2.261   23.044  1.00 94.73  ? 81  G   B N9    1 
ATOM   483  C  C8    . G   B 2 12 ? -15.332 3.145   22.258  1.00 94.61  ? 81  G   B C8    1 
ATOM   484  N  N7    . G   B 2 12 ? -14.882 4.366   22.341  1.00 92.72  ? 81  G   B N7    1 
ATOM   485  C  C5    . G   B 2 12 ? -13.825 4.273   23.232  1.00 93.04  ? 81  G   B C5    1 
ATOM   486  C  C6    . G   B 2 12 ? -12.969 5.256   23.715  1.00 94.74  ? 81  G   B C6    1 
ATOM   487  O  O6    . G   B 2 12 ? -12.965 6.460   23.447  1.00 99.86  ? 81  G   B O6    1 
ATOM   488  N  N1    . G   B 2 12 ? -12.035 4.730   24.605  1.00 93.88  ? 81  G   B N1    1 
ATOM   489  C  C2    . G   B 2 12 ? -11.954 3.414   24.974  1.00 92.12  ? 81  G   B C2    1 
ATOM   490  N  N2    . G   B 2 12 ? -10.994 3.097   25.841  1.00 94.29  ? 81  G   B N2    1 
ATOM   491  N  N3    . G   B 2 12 ? -12.757 2.481   24.527  1.00 90.00  ? 81  G   B N3    1 
ATOM   492  C  C4    . G   B 2 12 ? -13.661 2.979   23.665  1.00 92.56  ? 81  G   B C4    1 
ATOM   493  P  P     . U   B 2 13 ? -18.637 0.625   26.087  1.00 106.23 ? 82  U   B P     1 
ATOM   494  O  OP1   . U   B 2 13 ? -19.571 -0.320  26.774  1.00 105.02 ? 82  U   B OP1   1 
ATOM   495  O  OP2   . U   B 2 13 ? -19.170 1.834   25.396  1.00 105.51 ? 82  U   B OP2   1 
ATOM   496  O  "O5'" . U   B 2 13 ? -17.484 1.088   27.089  1.00 104.38 ? 82  U   B "O5'" 1 
ATOM   497  C  "C5'" . U   B 2 13 ? -16.493 0.138   27.509  1.00 104.65 ? 82  U   B "C5'" 1 
ATOM   498  C  "C4'" . U   B 2 13 ? -15.387 0.800   28.293  1.00 102.85 ? 82  U   B "C4'" 1 
ATOM   499  O  "O4'" . U   B 2 13 ? -14.543 1.596   27.416  1.00 101.67 ? 82  U   B "O4'" 1 
ATOM   500  C  "C3'" . U   B 2 13 ? -15.842 1.781   29.350  1.00 102.82 ? 82  U   B "C3'" 1 
ATOM   501  O  "O3'" . U   B 2 13 ? -16.241 1.126   30.537  1.00 104.71 ? 82  U   B "O3'" 1 
ATOM   502  C  "C2'" . U   B 2 13 ? -14.614 2.660   29.536  1.00 100.77 ? 82  U   B "C2'" 1 
ATOM   503  O  "O2'" . U   B 2 13 ? -13.635 2.043   30.341  1.00 101.17 ? 82  U   B "O2'" 1 
ATOM   504  C  "C1'" . U   B 2 13 ? -14.079 2.736   28.113  1.00 98.73  ? 82  U   B "C1'" 1 
ATOM   505  N  N1    . U   B 2 13 ? -14.558 3.941   27.435  1.00 94.69  ? 82  U   B N1    1 
ATOM   506  C  C2    . U   B 2 13 ? -13.855 5.094   27.656  1.00 93.56  ? 82  U   B C2    1 
ATOM   507  O  O2    . U   B 2 13 ? -12.876 5.128   28.372  1.00 94.12  ? 82  U   B O2    1 
ATOM   508  N  N3    . U   B 2 13 ? -14.337 6.205   27.013  1.00 91.71  ? 82  U   B N3    1 
ATOM   509  C  C4    . U   B 2 13 ? -15.435 6.267   26.190  1.00 92.36  ? 82  U   B C4    1 
ATOM   510  O  O4    . U   B 2 13 ? -15.750 7.337   25.674  1.00 93.16  ? 82  U   B O4    1 
ATOM   511  C  C5    . U   B 2 13 ? -16.111 5.022   26.012  1.00 94.45  ? 82  U   B C5    1 
ATOM   512  C  C6    . U   B 2 13 ? -15.658 3.927   26.626  1.00 94.50  ? 82  U   B C6    1 
ATOM   513  P  P     . G   B 2 14 ? -17.133 1.924   31.608  1.00 104.78 ? 83  G   B P     1 
ATOM   514  O  OP1   . G   B 2 14 ? -18.053 0.965   32.294  1.00 102.70 ? 83  G   B OP1   1 
ATOM   515  O  OP2   . G   B 2 14 ? -17.682 3.133   30.921  1.00 102.99 ? 83  G   B OP2   1 
ATOM   516  O  "O5'" . G   B 2 14 ? -16.054 2.426   32.659  1.00 103.74 ? 83  G   B "O5'" 1 
ATOM   517  C  "C5'" . G   B 2 14 ? -16.234 3.648   33.363  1.00 102.61 ? 83  G   B "C5'" 1 
ATOM   518  C  "C4'" . G   B 2 14 ? -14.913 4.341   33.524  1.00 102.06 ? 83  G   B "C4'" 1 
ATOM   519  O  "O4'" . G   B 2 14 ? -14.370 4.656   32.228  1.00 98.64  ? 83  G   B "O4'" 1 
ATOM   520  C  "C3'" . G   B 2 14 ? -14.989 5.670   34.239  1.00 103.93 ? 83  G   B "C3'" 1 
ATOM   521  O  "O3'" . G   B 2 14 ? -14.930 5.435   35.626  1.00 110.04 ? 83  G   B "O3'" 1 
ATOM   522  C  "C2'" . G   B 2 14 ? -13.764 6.402   33.722  1.00 99.83  ? 83  G   B "C2'" 1 
ATOM   523  O  "O2'" . G   B 2 14 ? -12.587 6.003   34.392  1.00 99.78  ? 83  G   B "O2'" 1 
ATOM   524  C  "C1'" . G   B 2 14 ? -13.717 5.909   32.279  1.00 95.57  ? 83  G   B "C1'" 1 
ATOM   525  N  N9    . G   B 2 14 ? -14.424 6.770   31.350  1.00 88.69  ? 83  G   B N9    1 
ATOM   526  C  C8    . G   B 2 14 ? -15.402 6.359   30.476  1.00 88.28  ? 83  G   B C8    1 
ATOM   527  N  N7    . G   B 2 14 ? -15.852 7.321   29.725  1.00 86.65  ? 83  G   B N7    1 
ATOM   528  C  C5    . G   B 2 14 ? -15.138 8.439   30.136  1.00 83.90  ? 83  G   B C5    1 
ATOM   529  C  C6    . G   B 2 14 ? -15.204 9.762   29.683  1.00 81.25  ? 83  G   B C6    1 
ATOM   530  O  O6    . G   B 2 14 ? -15.927 10.224  28.815  1.00 81.81  ? 83  G   B O6    1 
ATOM   531  N  N1    . G   B 2 14 ? -14.314 10.584  30.355  1.00 78.98  ? 83  G   B N1    1 
ATOM   532  C  C2    . G   B 2 14 ? -13.467 10.177  31.345  1.00 79.30  ? 83  G   B C2    1 
ATOM   533  N  N2    . G   B 2 14 ? -12.680 11.134  31.848  1.00 80.20  ? 83  G   B N2    1 
ATOM   534  N  N3    . G   B 2 14 ? -13.397 8.930   31.797  1.00 78.41  ? 83  G   B N3    1 
ATOM   535  C  C4    . G   B 2 14 ? -14.256 8.118   31.144  1.00 83.72  ? 83  G   B C4    1 
ATOM   536  P  P     . G   B 2 15 ? -16.242 5.658   36.510  1.00 114.13 ? 84  G   B P     1 
ATOM   537  O  OP1   . G   B 2 15 ? -16.551 4.361   37.194  1.00 113.32 ? 84  G   B OP1   1 
ATOM   538  O  OP2   . G   B 2 15 ? -17.274 6.306   35.630  1.00 111.99 ? 84  G   B OP2   1 
ATOM   539  O  "O5'" . G   B 2 15 ? -15.750 6.734   37.572  1.00 114.01 ? 84  G   B "O5'" 1 
ATOM   540  C  "C5'" . G   B 2 15 ? -16.371 8.019   37.631  1.00 114.26 ? 84  G   B "C5'" 1 
ATOM   541  C  "C4'" . G   B 2 15 ? -15.439 9.092   37.113  1.00 113.53 ? 84  G   B "C4'" 1 
ATOM   542  O  "O4'" . G   B 2 15 ? -15.000 8.796   35.771  1.00 111.10 ? 84  G   B "O4'" 1 
ATOM   543  C  "C3'" . G   B 2 15 ? -16.117 10.439  36.999  1.00 114.64 ? 84  G   B "C3'" 1 
ATOM   544  O  "O3'" . G   B 2 15 ? -16.068 11.052  38.261  1.00 118.43 ? 84  G   B "O3'" 1 
ATOM   545  C  "C2'" . G   B 2 15 ? -15.295 11.153  35.940  1.00 111.79 ? 84  G   B "C2'" 1 
ATOM   546  O  "O2'" . G   B 2 15 ? -14.139 11.769  36.453  1.00 111.44 ? 84  G   B "O2'" 1 
ATOM   547  C  "C1'" . G   B 2 15 ? -14.933 9.993   35.015  1.00 109.85 ? 84  G   B "C1'" 1 
ATOM   548  N  N9    . G   B 2 15 ? -15.923 9.865   33.961  1.00 107.14 ? 84  G   B N9    1 
ATOM   549  C  C8    . G   B 2 15 ? -16.686 8.757   33.697  1.00 107.67 ? 84  G   B C8    1 
ATOM   550  N  N7    . G   B 2 15 ? -17.505 8.927   32.697  1.00 108.38 ? 84  G   B N7    1 
ATOM   551  C  C5    . G   B 2 15 ? -17.264 10.226  32.275  1.00 104.54 ? 84  G   B C5    1 
ATOM   552  C  C6    . G   B 2 15 ? -17.854 10.962  31.227  1.00 102.96 ? 84  G   B C6    1 
ATOM   553  O  O6    . G   B 2 15 ? -18.735 10.594  30.433  1.00 100.38 ? 84  G   B O6    1 
ATOM   554  N  N1    . G   B 2 15 ? -17.322 12.246  31.145  1.00 102.41 ? 84  G   B N1    1 
ATOM   555  C  C2    . G   B 2 15 ? -16.344 12.751  31.976  1.00 103.82 ? 84  G   B C2    1 
ATOM   556  N  N2    . G   B 2 15 ? -15.956 14.017  31.746  1.00 105.27 ? 84  G   B N2    1 
ATOM   557  N  N3    . G   B 2 15 ? -15.787 12.066  32.960  1.00 103.05 ? 84  G   B N3    1 
ATOM   558  C  C4    . G   B 2 15 ? -16.290 10.820  33.049  1.00 104.74 ? 84  G   B C4    1 
ATOM   559  P  P     . G   B 2 16 ? -17.283 10.835  39.282  1.00 120.17 ? 85  G   B P     1 
ATOM   560  O  OP1   . G   B 2 16 ? -16.714 10.337  40.569  1.00 120.79 ? 85  G   B OP1   1 
ATOM   561  O  OP2   . G   B 2 16 ? -18.350 10.040  38.602  1.00 118.74 ? 85  G   B OP2   1 
ATOM   562  O  "O5'" . G   B 2 16 ? -17.801 12.327  39.471  1.00 119.45 ? 85  G   B "O5'" 1 
ATOM   563  C  "C5'" . G   B 2 16 ? -18.721 12.909  38.538  1.00 116.19 ? 85  G   B "C5'" 1 
ATOM   564  C  "C4'" . G   B 2 16 ? -18.026 13.922  37.662  1.00 113.66 ? 85  G   B "C4'" 1 
ATOM   565  O  "O4'" . G   B 2 16 ? -17.617 13.295  36.422  1.00 110.39 ? 85  G   B "O4'" 1 
ATOM   566  C  "C3'" . G   B 2 16 ? -18.930 15.056  37.223  1.00 114.44 ? 85  G   B "C3'" 1 
ATOM   567  O  "O3'" . G   B 2 16 ? -19.030 16.039  38.246  1.00 117.90 ? 85  G   B "O3'" 1 
ATOM   568  C  "C2'" . G   B 2 16 ? -18.293 15.526  35.919  1.00 110.99 ? 85  G   B "C2'" 1 
ATOM   569  O  "O2'" . G   B 2 16 ? -17.230 16.449  36.048  1.00 109.78 ? 85  G   B "O2'" 1 
ATOM   570  C  "C1'" . G   B 2 16 ? -17.800 14.199  35.342  1.00 108.79 ? 85  G   B "C1'" 1 
ATOM   571  N  N9    . G   B 2 16 ? -18.796 13.606  34.453  1.00 104.85 ? 85  G   B N9    1 
ATOM   572  C  C8    . G   B 2 16 ? -19.337 12.345  34.550  1.00 101.91 ? 85  G   B C8    1 
ATOM   573  N  N7    . G   B 2 16 ? -20.207 12.088  33.611  1.00 99.59  ? 85  G   B N7    1 
ATOM   574  C  C5    . G   B 2 16 ? -20.246 13.248  32.849  1.00 99.23  ? 85  G   B C5    1 
ATOM   575  C  C6    . G   B 2 16 ? -21.007 13.562  31.698  1.00 97.71  ? 85  G   B C6    1 
ATOM   576  O  O6    . G   B 2 16 ? -21.822 12.858  31.104  1.00 97.99  ? 85  G   B O6    1 
ATOM   577  N  N1    . G   B 2 16 ? -20.748 14.847  31.246  1.00 94.80  ? 85  G   B N1    1 
ATOM   578  C  C2    . G   B 2 16 ? -19.873 15.721  31.826  1.00 94.92  ? 85  G   B C2    1 
ATOM   579  N  N2    . G   B 2 16 ? -19.768 16.915  31.243  1.00 96.78  ? 85  G   B N2    1 
ATOM   580  N  N3    . G   B 2 16 ? -19.152 15.446  32.899  1.00 97.05  ? 85  G   B N3    1 
ATOM   581  C  C4    . G   B 2 16 ? -19.386 14.199  33.355  1.00 100.79 ? 85  G   B C4    1 
ATOM   582  P  P     . G   B 2 17 ? -20.469 16.358  38.891  1.00 119.84 ? 86  G   B P     1 
ATOM   583  O  OP1   . G   B 2 17 ? -20.270 17.361  39.973  1.00 118.95 ? 86  G   B OP1   1 
ATOM   584  O  OP2   . G   B 2 17 ? -21.147 15.060  39.197  1.00 117.61 ? 86  G   B OP2   1 
ATOM   585  O  "O5'" . G   B 2 17 ? -21.237 17.059  37.686  1.00 119.56 ? 86  G   B "O5'" 1 
ATOM   586  C  "C5'" . G   B 2 17 ? -20.682 18.235  37.082  1.00 121.83 ? 86  G   B "C5'" 1 
ATOM   587  C  "C4'" . G   B 2 17 ? -21.636 18.816  36.072  1.00 123.78 ? 86  G   B "C4'" 1 
ATOM   588  O  "O4'" . G   B 2 17 ? -21.512 18.123  34.801  1.00 123.96 ? 86  G   B "O4'" 1 
ATOM   589  C  "C3'" . G   B 2 17 ? -23.105 18.693  36.431  1.00 125.21 ? 86  G   B "C3'" 1 
ATOM   590  O  "O3'" . G   B 2 17 ? -23.515 19.718  37.326  1.00 126.16 ? 86  G   B "O3'" 1 
ATOM   591  C  "C2'" . G   B 2 17 ? -23.786 18.781  35.067  1.00 125.47 ? 86  G   B "C2'" 1 
ATOM   592  O  "O2'" . G   B 2 17 ? -23.980 20.107  34.611  1.00 127.49 ? 86  G   B "O2'" 1 
ATOM   593  C  "C1'" . G   B 2 17 ? -22.777 18.066  34.164  1.00 123.19 ? 86  G   B "C1'" 1 
ATOM   594  N  N9    . G   B 2 17 ? -23.120 16.672  33.913  1.00 120.10 ? 86  G   B N9    1 
ATOM   595  C  C8    . G   B 2 17 ? -22.851 15.592  34.715  1.00 118.32 ? 86  G   B C8    1 
ATOM   596  N  N7    . G   B 2 17 ? -23.300 14.469  34.225  1.00 119.25 ? 86  G   B N7    1 
ATOM   597  C  C5    . G   B 2 17 ? -23.897 14.831  33.024  1.00 118.71 ? 86  G   B C5    1 
ATOM   598  C  C6    . G   B 2 17 ? -24.560 14.034  32.040  1.00 118.34 ? 86  G   B C6    1 
ATOM   599  O  O6    . G   B 2 17 ? -24.750 12.812  32.032  1.00 117.34 ? 86  G   B O6    1 
ATOM   600  N  N1    . G   B 2 17 ? -25.021 14.809  30.982  1.00 118.73 ? 86  G   B N1    1 
ATOM   601  C  C2    . G   B 2 17 ? -24.864 16.168  30.871  1.00 119.46 ? 86  G   B C2    1 
ATOM   602  N  N2    . G   B 2 17 ? -25.381 16.733  29.769  1.00 118.31 ? 86  G   B N2    1 
ATOM   603  N  N3    . G   B 2 17 ? -24.246 16.919  31.775  1.00 119.53 ? 86  G   B N3    1 
ATOM   604  C  C4    . G   B 2 17 ? -23.792 16.187  32.818  1.00 119.32 ? 86  G   B C4    1 
ATOM   605  P  P     . U   B 2 18 ? -25.000 19.694  37.935  1.00 126.77 ? 87  U   B P     1 
ATOM   606  O  OP1   . U   B 2 18 ? -24.904 20.139  39.346  1.00 126.49 ? 87  U   B OP1   1 
ATOM   607  O  OP2   . U   B 2 18 ? -25.615 18.379  37.627  1.00 124.82 ? 87  U   B OP2   1 
ATOM   608  O  "O5'" . U   B 2 18 ? -25.747 20.814  37.081  1.00 130.68 ? 87  U   B "O5'" 1 
ATOM   609  C  "C5'" . U   B 2 18 ? -27.147 20.688  36.724  1.00 136.08 ? 87  U   B "C5'" 1 
ATOM   610  C  "C4'" . U   B 2 18 ? -27.289 20.509  35.229  1.00 138.59 ? 87  U   B "C4'" 1 
ATOM   611  O  "O4'" . U   B 2 18 ? -26.471 19.396  34.810  1.00 137.79 ? 87  U   B "O4'" 1 
ATOM   612  C  "C3'" . U   B 2 18 ? -28.690 20.188  34.724  1.00 140.86 ? 87  U   B "C3'" 1 
ATOM   613  O  "O3'" . U   B 2 18 ? -29.386 21.416  34.467  1.00 144.18 ? 87  U   B "O3'" 1 
ATOM   614  C  "C2'" . U   B 2 18 ? -28.413 19.432  33.428  1.00 140.54 ? 87  U   B "C2'" 1 
ATOM   615  O  "O2'" . U   B 2 18 ? -28.205 20.277  32.317  1.00 141.34 ? 87  U   B "O2'" 1 
ATOM   616  C  "C1'" . U   B 2 18 ? -27.110 18.704  33.761  1.00 139.67 ? 87  U   B "C1'" 1 
ATOM   617  N  N1    . U   B 2 18 ? -27.188 17.287  34.137  1.00 141.05 ? 87  U   B N1    1 
ATOM   618  C  C2    . U   B 2 18 ? -27.695 16.386  33.216  1.00 142.50 ? 87  U   B C2    1 
ATOM   619  O  O2    . U   B 2 18 ? -28.111 16.712  32.114  1.00 143.38 ? 87  U   B O2    1 
ATOM   620  N  N3    . U   B 2 18 ? -27.693 15.080  33.634  1.00 143.99 ? 87  U   B N3    1 
ATOM   621  C  C4    . U   B 2 18 ? -27.249 14.597  34.851  1.00 145.04 ? 87  U   B C4    1 
ATOM   622  O  O4    . U   B 2 18 ? -27.307 13.389  35.080  1.00 147.98 ? 87  U   B O4    1 
ATOM   623  C  C5    . U   B 2 18 ? -26.755 15.593  35.744  1.00 144.52 ? 87  U   B C5    1 
ATOM   624  C  C6    . U   B 2 18 ? -26.745 16.870  35.368  1.00 142.50 ? 87  U   B C6    1 
ATOM   625  P  P     . C   B 2 19 ? -30.747 21.418  33.599  1.00 146.76 ? 88  C   B P     1 
ATOM   626  O  OP1   . C   B 2 19 ? -31.131 20.019  33.252  1.00 146.81 ? 88  C   B OP1   1 
ATOM   627  O  OP2   . C   B 2 19 ? -30.580 22.416  32.508  1.00 145.64 ? 88  C   B OP2   1 
ATOM   628  O  "O5'" . C   B 2 19 ? -31.824 21.993  34.625  1.00 148.28 ? 88  C   B "O5'" 1 
ATOM   629  C  "C5'" . C   B 2 19 ? -33.231 21.758  34.435  1.00 149.08 ? 88  C   B "C5'" 1 
ATOM   630  C  "C4'" . C   B 2 19 ? -33.728 20.756  35.444  1.00 149.57 ? 88  C   B "C4'" 1 
ATOM   631  O  "O4'" . C   B 2 19 ? -35.157 20.574  35.283  1.00 150.20 ? 88  C   B "O4'" 1 
ATOM   632  C  "C3'" . C   B 2 19 ? -33.156 19.355  35.295  1.00 149.99 ? 88  C   B "C3'" 1 
ATOM   633  O  "O3'" . C   B 2 19 ? -31.790 19.137  35.646  1.00 150.32 ? 88  C   B "O3'" 1 
ATOM   634  C  "C2'" . C   B 2 19 ? -34.216 18.489  35.948  1.00 150.29 ? 88  C   B "C2'" 1 
ATOM   635  O  "O2'" . C   B 2 19 ? -34.103 18.529  37.354  1.00 150.99 ? 88  C   B "O2'" 1 
ATOM   636  C  "C1'" . C   B 2 19 ? -35.497 19.218  35.527  1.00 150.23 ? 88  C   B "C1'" 1 
ATOM   637  N  N1    . C   B 2 19 ? -36.070 18.667  34.285  1.00 149.36 ? 88  C   B N1    1 
ATOM   638  C  C2    . C   B 2 19 ? -37.374 18.157  34.305  1.00 148.19 ? 88  C   B C2    1 
ATOM   639  O  O2    . C   B 2 19 ? -38.016 18.188  35.367  1.00 145.36 ? 88  C   B O2    1 
ATOM   640  N  N3    . C   B 2 19 ? -37.899 17.645  33.162  1.00 147.97 ? 88  C   B N3    1 
ATOM   641  C  C4    . C   B 2 19 ? -37.174 17.635  32.037  1.00 147.50 ? 88  C   B C4    1 
ATOM   642  N  N4    . C   B 2 19 ? -37.730 17.123  30.935  1.00 145.63 ? 88  C   B N4    1 
ATOM   643  C  C5    . C   B 2 19 ? -35.844 18.150  31.991  1.00 147.52 ? 88  C   B C5    1 
ATOM   644  C  C6    . C   B 2 19 ? -35.337 18.650  33.127  1.00 148.84 ? 88  C   B C6    1 
ATOM   645  O  OP3   . C   C 3 1  ? -28.443 10.440  24.422  1.00 139.93 ? 90  C   C OP3   1 
ATOM   646  P  P     . C   C 3 1  ? -27.562 10.346  23.079  1.00 141.45 ? 90  C   C P     1 
ATOM   647  O  OP1   . C   C 3 1  ? -26.636 9.184   23.220  1.00 140.66 ? 90  C   C OP1   1 
ATOM   648  O  OP2   . C   C 3 1  ? -28.489 10.406  21.913  1.00 141.04 ? 90  C   C OP2   1 
ATOM   649  O  "O5'" . C   C 3 1  ? -26.705 11.695  23.093  1.00 140.37 ? 90  C   C "O5'" 1 
ATOM   650  C  "C5'" . C   C 3 1  ? -26.955 12.741  22.128  1.00 137.87 ? 90  C   C "C5'" 1 
ATOM   651  C  "C4'" . C   C 3 1  ? -27.160 14.068  22.823  1.00 135.86 ? 90  C   C "C4'" 1 
ATOM   652  O  "O4'" . C   C 3 1  ? -27.951 13.837  24.021  1.00 135.31 ? 90  C   C "O4'" 1 
ATOM   653  C  "C3'" . C   C 3 1  ? -25.918 14.796  23.324  1.00 134.88 ? 90  C   C "C3'" 1 
ATOM   654  O  "O3'" . C   C 3 1  ? -25.317 15.607  22.304  1.00 134.34 ? 90  C   C "O3'" 1 
ATOM   655  C  "C2'" . C   C 3 1  ? -26.483 15.648  24.455  1.00 134.79 ? 90  C   C "C2'" 1 
ATOM   656  O  "O2'" . C   C 3 1  ? -27.130 16.816  23.983  1.00 134.38 ? 90  C   C "O2'" 1 
ATOM   657  C  "C1'" . C   C 3 1  ? -27.537 14.718  25.052  1.00 134.50 ? 90  C   C "C1'" 1 
ATOM   658  N  N1    . C   C 3 1  ? -27.049 13.909  26.187  1.00 133.48 ? 90  C   C N1    1 
ATOM   659  C  C2    . C   C 3 1  ? -26.398 14.543  27.260  1.00 133.21 ? 90  C   C C2    1 
ATOM   660  O  O2    . C   C 3 1  ? -26.250 15.771  27.242  1.00 134.84 ? 90  C   C O2    1 
ATOM   661  N  N3    . C   C 3 1  ? -25.951 13.800  28.292  1.00 132.17 ? 90  C   C N3    1 
ATOM   662  C  C4    . C   C 3 1  ? -26.131 12.483  28.291  1.00 133.10 ? 90  C   C C4    1 
ATOM   663  N  N4    . C   C 3 1  ? -25.678 11.794  29.338  1.00 135.29 ? 90  C   C N4    1 
ATOM   664  C  C5    . C   C 3 1  ? -26.787 11.812  27.219  1.00 134.27 ? 90  C   C C5    1 
ATOM   665  C  C6    . C   C 3 1  ? -27.225 12.557  26.197  1.00 133.21 ? 90  C   C C6    1 
ATOM   666  P  P     . C   C 3 2  ? -24.071 16.576  22.669  1.00 133.50 ? 91  C   C P     1 
ATOM   667  O  OP1   . C   C 3 2  ? -23.891 17.576  21.582  1.00 133.09 ? 91  C   C OP1   1 
ATOM   668  O  OP2   . C   C 3 2  ? -22.919 15.748  23.092  1.00 133.48 ? 91  C   C OP2   1 
ATOM   669  O  "O5'" . C   C 3 2  ? -24.576 17.350  23.964  1.00 133.14 ? 91  C   C "O5'" 1 
ATOM   670  C  "C5'" . C   C 3 2  ? -24.687 18.779  23.975  1.00 131.66 ? 91  C   C "C5'" 1 
ATOM   671  C  "C4'" . C   C 3 2  ? -23.604 19.353  24.837  1.00 129.22 ? 91  C   C "C4'" 1 
ATOM   672  O  "O4'" . C   C 3 2  ? -23.891 19.089  26.234  1.00 127.76 ? 91  C   C "O4'" 1 
ATOM   673  C  "C3'" . C   C 3 2  ? -22.253 18.713  24.610  1.00 127.99 ? 91  C   C "C3'" 1 
ATOM   674  O  "O3'" . C   C 3 2  ? -21.593 19.241  23.479  1.00 128.72 ? 91  C   C "O3'" 1 
ATOM   675  C  "C2'" . C   C 3 2  ? -21.541 18.974  25.928  1.00 126.30 ? 91  C   C "C2'" 1 
ATOM   676  O  "O2'" . C   C 3 2  ? -21.016 20.282  26.020  1.00 125.20 ? 91  C   C "O2'" 1 
ATOM   677  C  "C1'" . C   C 3 2  ? -22.686 18.805  26.924  1.00 125.03 ? 91  C   C "C1'" 1 
ATOM   678  N  N1    . C   C 3 2  ? -22.757 17.411  27.371  1.00 122.22 ? 91  C   C N1    1 
ATOM   679  C  C2    . C   C 3 2  ? -22.303 17.077  28.650  1.00 120.92 ? 91  C   C C2    1 
ATOM   680  O  O2    . C   C 3 2  ? -21.854 17.973  29.381  1.00 121.63 ? 91  C   C O2    1 
ATOM   681  N  N3    . C   C 3 2  ? -22.360 15.787  29.055  1.00 118.17 ? 91  C   C N3    1 
ATOM   682  C  C4    . C   C 3 2  ? -22.843 14.855  28.235  1.00 118.28 ? 91  C   C C4    1 
ATOM   683  N  N4    . C   C 3 2  ? -22.875 13.602  28.669  1.00 117.92 ? 91  C   C N4    1 
ATOM   684  C  C5    . C   C 3 2  ? -23.313 15.169  26.929  1.00 120.28 ? 91  C   C C5    1 
ATOM   685  C  C6    . C   C 3 2  ? -23.254 16.446  26.542  1.00 120.60 ? 91  C   C C6    1 
ATOM   686  P  P     . C   C 3 3  ? -20.138 18.694  23.101  1.00 128.21 ? 92  C   C P     1 
ATOM   687  O  OP1   . C   C 3 3  ? -19.765 19.264  21.779  1.00 128.94 ? 92  C   C OP1   1 
ATOM   688  O  OP2   . C   C 3 3  ? -20.177 17.218  23.282  1.00 127.14 ? 92  C   C OP2   1 
ATOM   689  O  "O5'" . C   C 3 3  ? -19.232 19.354  24.237  1.00 124.51 ? 92  C   C "O5'" 1 
ATOM   690  C  "C5'" . C   C 3 3  ? -18.112 18.670  24.799  1.00 118.67 ? 92  C   C "C5'" 1 
ATOM   691  C  "C4'" . C   C 3 3  ? -18.008 18.966  26.277  1.00 115.61 ? 92  C   C "C4'" 1 
ATOM   692  O  "O4'" . C   C 3 3  ? -19.050 18.266  26.992  1.00 114.28 ? 92  C   C "O4'" 1 
ATOM   693  C  "C3'" . C   C 3 3  ? -16.726 18.488  26.926  1.00 114.57 ? 92  C   C "C3'" 1 
ATOM   694  O  "O3'" . C   C 3 3  ? -15.730 19.460  26.739  1.00 113.87 ? 92  C   C "O3'" 1 
ATOM   695  C  "C2'" . C   C 3 3  ? -17.122 18.323  28.382  1.00 112.66 ? 92  C   C "C2'" 1 
ATOM   696  O  "O2'" . C   C 3 3  ? -17.125 19.561  29.066  1.00 109.07 ? 92  C   C "O2'" 1 
ATOM   697  C  "C1'" . C   C 3 3  ? -18.549 17.799  28.234  1.00 113.21 ? 92  C   C "C1'" 1 
ATOM   698  N  N1    . C   C 3 3  ? -18.645 16.327  28.211  1.00 114.27 ? 92  C   C N1    1 
ATOM   699  C  C2    . C   C 3 3  ? -18.032 15.570  29.224  1.00 115.80 ? 92  C   C C2    1 
ATOM   700  O  O2    . C   C 3 3  ? -17.402 16.147  30.117  1.00 116.43 ? 92  C   C O2    1 
ATOM   701  N  N3    . C   C 3 3  ? -18.149 14.222  29.201  1.00 115.97 ? 92  C   C N3    1 
ATOM   702  C  C4    . C   C 3 3  ? -18.839 13.628  28.227  1.00 116.39 ? 92  C   C C4    1 
ATOM   703  N  N4    . C   C 3 3  ? -18.939 12.300  28.250  1.00 117.38 ? 92  C   C N4    1 
ATOM   704  C  C5    . C   C 3 3  ? -19.460 14.368  27.184  1.00 116.63 ? 92  C   C C5    1 
ATOM   705  C  C6    . C   C 3 3  ? -19.337 15.701  27.214  1.00 115.80 ? 92  C   C C6    1 
ATOM   706  P  P     . C   C 3 4  ? -14.703 19.300  25.524  1.00 112.13 ? 93  C   C P     1 
ATOM   707  O  OP1   . C   C 3 4  ? -14.796 20.490  24.633  1.00 110.47 ? 93  C   C OP1   1 
ATOM   708  O  OP2   . C   C 3 4  ? -14.872 17.935  24.945  1.00 109.98 ? 93  C   C OP2   1 
ATOM   709  O  "O5'" . C   C 3 4  ? -13.315 19.337  26.283  1.00 111.18 ? 93  C   C "O5'" 1 
ATOM   710  C  "C5'" . C   C 3 4  ? -12.531 18.158  26.379  1.00 108.94 ? 93  C   C "C5'" 1 
ATOM   711  C  "C4'" . C   C 3 4  ? -12.221 17.843  27.819  1.00 106.04 ? 93  C   C "C4'" 1 
ATOM   712  O  "O4'" . C   C 3 4  ? -13.430 17.588  28.561  1.00 102.90 ? 93  C   C "O4'" 1 
ATOM   713  C  "C3'" . C   C 3 4  ? -11.398 16.592  27.990  1.00 104.37 ? 93  C   C "C3'" 1 
ATOM   714  O  "O3'" . C   C 3 4  ? -10.078 16.926  27.739  1.00 107.45 ? 93  C   C "O3'" 1 
ATOM   715  C  "C2'" . C   C 3 4  ? -11.726 16.147  29.397  1.00 101.02 ? 93  C   C "C2'" 1 
ATOM   716  O  "O2'" . C   C 3 4  ? -11.000 16.846  30.386  1.00 98.21  ? 93  C   C "O2'" 1 
ATOM   717  C  "C1'" . C   C 3 4  ? -13.210 16.503  29.454  1.00 99.68  ? 93  C   C "C1'" 1 
ATOM   718  N  N1    . C   C 3 4  ? -13.968 15.388  28.898  1.00 93.21  ? 93  C   C N1    1 
ATOM   719  C  C2    . C   C 3 4  ? -13.851 14.133  29.466  1.00 87.58  ? 93  C   C C2    1 
ATOM   720  O  O2    . C   C 3 4  ? -13.099 13.986  30.441  1.00 84.12  ? 93  C   C O2    1 
ATOM   721  N  N3    . C   C 3 4  ? -14.553 13.115  28.936  1.00 86.37  ? 93  C   C N3    1 
ATOM   722  C  C4    . C   C 3 4  ? -15.339 13.331  27.874  1.00 88.69  ? 93  C   C C4    1 
ATOM   723  N  N4    . C   C 3 4  ? -16.016 12.317  27.369  1.00 91.35  ? 93  C   C N4    1 
ATOM   724  C  C5    . C   C 3 4  ? -15.467 14.605  27.278  1.00 89.28  ? 93  C   C C5    1 
ATOM   725  C  C6    . C   C 3 4  ? -14.774 15.593  27.813  1.00 91.99  ? 93  C   C C6    1 
ATOM   726  P  P     . A   C 3 5  ? -9.429  16.435  26.376  1.00 111.23 ? 94  A   C P     1 
ATOM   727  O  OP1   . A   C 3 5  ? -8.370  17.407  25.985  1.00 110.25 ? 94  A   C OP1   1 
ATOM   728  O  OP2   . A   C 3 5  ? -10.556 16.157  25.442  1.00 109.95 ? 94  A   C OP2   1 
ATOM   729  O  "O5'" . A   C 3 5  ? -8.776  15.074  26.869  1.00 111.67 ? 94  A   C "O5'" 1 
ATOM   730  C  "C5'" . A   C 3 5  ? -8.023  15.094  28.081  1.00 111.39 ? 94  A   C "C5'" 1 
ATOM   731  C  "C4'" . A   C 3 5  ? -8.308  13.883  28.928  1.00 110.98 ? 94  A   C "C4'" 1 
ATOM   732  O  "O4'" . A   C 3 5  ? -9.731  13.789  29.230  1.00 109.54 ? 94  A   C "O4'" 1 
ATOM   733  C  "C3'" . A   C 3 5  ? -8.006  12.559  28.261  1.00 111.12 ? 94  A   C "C3'" 1 
ATOM   734  O  "O3'" . A   C 3 5  ? -6.625  12.287  28.191  1.00 113.56 ? 94  A   C "O3'" 1 
ATOM   735  C  "C2'" . A   C 3 5  ? -8.855  11.586  29.065  1.00 109.43 ? 94  A   C "C2'" 1 
ATOM   736  O  "O2'" . A   C 3 5  ? -8.266  11.222  30.301  1.00 108.96 ? 94  A   C "O2'" 1 
ATOM   737  C  "C1'" . A   C 3 5  ? -10.108 12.422  29.303  1.00 106.89 ? 94  A   C "C1'" 1 
ATOM   738  N  N9    . A   C 3 5  ? -11.035 12.121  28.218  1.00 101.00 ? 94  A   C N9    1 
ATOM   739  C  C8    . A   C 3 5  ? -11.488 12.901  27.183  1.00 98.76  ? 94  A   C C8    1 
ATOM   740  N  N7    . A   C 3 5  ? -12.298 12.267  26.364  1.00 97.09  ? 94  A   C N7    1 
ATOM   741  C  C5    . A   C 3 5  ? -12.387 10.986  26.905  1.00 96.44  ? 94  A   C C5    1 
ATOM   742  C  C6    . A   C 3 5  ? -13.096 9.816   26.509  1.00 93.52  ? 94  A   C C6    1 
ATOM   743  N  N6    . A   C 3 5  ? -13.886 9.746   25.432  1.00 91.80  ? 94  A   C N6    1 
ATOM   744  N  N1    . A   C 3 5  ? -12.958 8.710   27.276  1.00 89.59  ? 94  A   C N1    1 
ATOM   745  C  C2    . A   C 3 5  ? -12.165 8.772   28.354  1.00 91.52  ? 94  A   C C2    1 
ATOM   746  N  N3    . A   C 3 5  ? -11.454 9.801   28.826  1.00 93.80  ? 94  A   C N3    1 
ATOM   747  C  C4    . A   C 3 5  ? -11.614 10.888  28.047  1.00 97.77  ? 94  A   C C4    1 
ATOM   748  P  P     . U   C 3 6  ? -5.916  12.276  26.747  1.00 115.29 ? 95  U   C P     1 
ATOM   749  O  OP1   . U   C 3 6  ? -4.507  12.703  26.937  1.00 115.21 ? 95  U   C OP1   1 
ATOM   750  O  OP2   . U   C 3 6  ? -6.799  13.017  25.806  1.00 113.07 ? 95  U   C OP2   1 
ATOM   751  O  "O5'" . U   C 3 6  ? -5.953  10.745  26.320  1.00 114.78 ? 95  U   C "O5'" 1 
ATOM   752  C  "C5'" . U   C 3 6  ? -5.509  9.743   27.236  1.00 115.44 ? 95  U   C "C5'" 1 
ATOM   753  C  "C4'" . U   C 3 6  ? -6.390  8.524   27.163  1.00 114.91 ? 95  U   C "C4'" 1 
ATOM   754  O  "O4'" . U   C 3 6  ? -7.781  8.917   27.285  1.00 113.66 ? 95  U   C "O4'" 1 
ATOM   755  C  "C3'" . U   C 3 6  ? -6.351  7.790   25.834  1.00 115.44 ? 95  U   C "C3'" 1 
ATOM   756  O  "O3'" . U   C 3 6  ? -5.250  6.905   25.776  1.00 116.52 ? 95  U   C "O3'" 1 
ATOM   757  C  "C2'" . U   C 3 6  ? -7.680  7.048   25.812  1.00 114.18 ? 95  U   C "C2'" 1 
ATOM   758  O  "O2'" . U   C 3 6  ? -7.702  5.837   26.543  1.00 115.50 ? 95  U   C "O2'" 1 
ATOM   759  C  "C1'" . U   C 3 6  ? -8.583  8.044   26.517  1.00 112.57 ? 95  U   C "C1'" 1 
ATOM   760  N  N1    . U   C 3 6  ? -9.404  8.795   25.574  1.00 110.01 ? 95  U   C N1    1 
ATOM   761  C  C2    . U   C 3 6  ? -10.438 8.090   25.023  1.00 110.49 ? 95  U   C C2    1 
ATOM   762  O  O2    . U   C 3 6  ? -10.642 6.918   25.300  1.00 107.38 ? 95  U   C O2    1 
ATOM   763  N  N3    . U   C 3 6  ? -11.220 8.791   24.143  1.00 113.09 ? 95  U   C N3    1 
ATOM   764  C  C4    . U   C 3 6  ? -11.067 10.108  23.767  1.00 115.14 ? 95  U   C C4    1 
ATOM   765  O  O4    . U   C 3 6  ? -11.867 10.603  22.965  1.00 114.77 ? 95  U   C O4    1 
ATOM   766  C  C5    . U   C 3 6  ? -9.954  10.780  24.388  1.00 115.46 ? 95  U   C C5    1 
ATOM   767  C  C6    . U   C 3 6  ? -9.178  10.108  25.252  1.00 112.39 ? 95  U   C C6    1 
ATOM   768  P  P     . G   C 3 7  ? -4.522  6.645   24.370  1.00 116.73 ? 96  G   C P     1 
ATOM   769  O  OP1   . G   C 3 7  ? -3.972  5.257   24.466  1.00 117.37 ? 96  G   C OP1   1 
ATOM   770  O  OP2   . G   C 3 7  ? -3.612  7.787   24.081  1.00 116.75 ? 96  G   C OP2   1 
ATOM   771  O  "O5'" . G   C 3 7  ? -5.707  6.695   23.302  1.00 111.90 ? 96  G   C "O5'" 1 
ATOM   772  C  "C5'" . G   C 3 7  ? -5.801  5.703   22.270  1.00 106.71 ? 96  G   C "C5'" 1 
ATOM   773  C  "C4'" . G   C 3 7  ? -6.209  4.362   22.860  1.00 103.17 ? 96  G   C "C4'" 1 
ATOM   774  O  "O4'" . G   C 3 7  ? -7.396  4.516   23.680  1.00 103.29 ? 96  G   C "O4'" 1 
ATOM   775  C  "C3'" . G   C 3 7  ? -6.553  3.269   21.867  1.00 99.40  ? 96  G   C "C3'" 1 
ATOM   776  O  "O3'" . G   C 3 7  ? -5.398  2.635   21.352  1.00 92.91  ? 96  G   C "O3'" 1 
ATOM   777  C  "C2'" . G   C 3 7  ? -7.482  2.372   22.670  1.00 99.03  ? 96  G   C "C2'" 1 
ATOM   778  O  "O2'" . G   C 3 7  ? -6.762  1.514   23.530  1.00 97.87  ? 96  G   C "O2'" 1 
ATOM   779  C  "C1'" . G   C 3 7  ? -8.269  3.414   23.479  1.00 99.82  ? 96  G   C "C1'" 1 
ATOM   780  N  N9    . G   C 3 7  ? -9.383  3.942   22.691  1.00 97.12  ? 96  G   C N9    1 
ATOM   781  C  C8    . G   C 3 7  ? -9.624  5.269   22.422  1.00 94.96  ? 96  G   C C8    1 
ATOM   782  N  N7    . G   C 3 7  ? -10.654 5.457   21.651  1.00 92.92  ? 96  G   C N7    1 
ATOM   783  C  C5    . G   C 3 7  ? -11.135 4.184   21.406  1.00 92.59  ? 96  G   C C5    1 
ATOM   784  C  C6    . G   C 3 7  ? -12.228 3.772   20.643  1.00 92.44  ? 96  G   C C6    1 
ATOM   785  O  O6    . G   C 3 7  ? -13.029 4.468   20.022  1.00 94.00  ? 96  G   C O6    1 
ATOM   786  N  N1    . G   C 3 7  ? -12.360 2.392   20.641  1.00 93.05  ? 96  G   C N1    1 
ATOM   787  C  C2    . G   C 3 7  ? -11.544 1.525   21.307  1.00 94.50  ? 96  G   C C2    1 
ATOM   788  N  N2    . G   C 3 7  ? -11.833 0.225   21.178  1.00 96.86  ? 96  G   C N2    1 
ATOM   789  N  N3    . G   C 3 7  ? -10.515 1.899   22.042  1.00 95.77  ? 96  G   C N3    1 
ATOM   790  C  C4    . G   C 3 7  ? -10.368 3.236   22.045  1.00 94.91  ? 96  G   C C4    1 
ATOM   791  P  P     . C   C 3 8  ? -5.134  2.693   19.777  1.00 87.51  ? 97  C   C P     1 
ATOM   792  O  OP1   . C   C 3 8  ? -3.825  2.076   19.447  1.00 86.66  ? 97  C   C OP1   1 
ATOM   793  O  OP2   . C   C 3 8  ? -5.413  4.090   19.368  1.00 87.22  ? 97  C   C OP2   1 
ATOM   794  O  "O5'" . C   C 3 8  ? -6.305  1.791   19.199  1.00 86.27  ? 97  C   C "O5'" 1 
ATOM   795  C  "C5'" . C   C 3 8  ? -6.512  0.462   19.686  1.00 85.12  ? 97  C   C "C5'" 1 
ATOM   796  C  "C4'" . C   C 3 8  ? -7.614  -0.194  18.906  1.00 85.11  ? 97  C   C "C4'" 1 
ATOM   797  O  "O4'" . C   C 3 8  ? -8.889  0.321   19.353  1.00 87.58  ? 97  C   C "O4'" 1 
ATOM   798  C  "C3'" . C   C 3 8  ? -7.593  0.106   17.419  1.00 83.98  ? 97  C   C "C3'" 1 
ATOM   799  O  "O3'" . C   C 3 8  ? -6.747  -0.766  16.699  1.00 81.77  ? 97  C   C "O3'" 1 
ATOM   800  C  "C2'" . C   C 3 8  ? -9.037  -0.107  17.023  1.00 85.55  ? 97  C   C "C2'" 1 
ATOM   801  O  "O2'" . C   C 3 8  ? -9.286  -1.483  16.869  1.00 87.37  ? 97  C   C "O2'" 1 
ATOM   802  C  "C1'" . C   C 3 8  ? -9.779  0.419   18.252  1.00 87.30  ? 97  C   C "C1'" 1 
ATOM   803  N  N1    . C   C 3 8  ? -10.170 1.825   18.076  1.00 88.04  ? 97  C   C N1    1 
ATOM   804  C  C2    . C   C 3 8  ? -10.969 2.151   16.997  1.00 88.30  ? 97  C   C C2    1 
ATOM   805  O  O2    . C   C 3 8  ? -11.334 1.259   16.252  1.00 92.81  ? 97  C   C O2    1 
ATOM   806  N  N3    . C   C 3 8  ? -11.325 3.428   16.788  1.00 89.73  ? 97  C   C N3    1 
ATOM   807  C  C4    . C   C 3 8  ? -10.907 4.375   17.621  1.00 92.14  ? 97  C   C C4    1 
ATOM   808  N  N4    . C   C 3 8  ? -11.273 5.630   17.372  1.00 94.17  ? 97  C   C N4    1 
ATOM   809  C  C5    . C   C 3 8  ? -10.093 4.077   18.749  1.00 91.42  ? 97  C   C C5    1 
ATOM   810  C  C6    . C   C 3 8  ? -9.751  2.797   18.938  1.00 90.67  ? 97  C   C C6    1 
ATOM   811  P  P     . G   C 3 9  ? -5.956  -0.208  15.417  1.00 82.11  ? 98  G   C P     1 
ATOM   812  O  OP1   . G   C 3 9  ? -5.196  -1.316  14.796  1.00 83.67  ? 98  G   C OP1   1 
ATOM   813  O  OP2   . G   C 3 9  ? -5.244  1.027   15.843  1.00 80.31  ? 98  G   C OP2   1 
ATOM   814  O  "O5'" . G   C 3 9  ? -7.105  0.175   14.392  1.00 80.94  ? 98  G   C "O5'" 1 
ATOM   815  C  "C5'" . G   C 3 9  ? -8.020  -0.822  13.912  1.00 82.06  ? 98  G   C "C5'" 1 
ATOM   816  C  "C4'" . G   C 3 9  ? -9.075  -0.172  13.068  1.00 80.67  ? 98  G   C "C4'" 1 
ATOM   817  O  "O4'" . G   C 3 9  ? -9.899  0.687   13.885  1.00 80.92  ? 98  G   C "O4'" 1 
ATOM   818  C  "C3'" . G   C 3 9  ? -8.526  0.699   11.969  1.00 80.33  ? 98  G   C "C3'" 1 
ATOM   819  O  "O3'" . G   C 3 9  ? -8.279  -0.182  10.881  1.00 80.95  ? 98  G   C "O3'" 1 
ATOM   820  C  "C2'" . G   C 3 9  ? -9.671  1.686   11.749  1.00 80.11  ? 98  G   C "C2'" 1 
ATOM   821  O  "O2'" . G   C 3 9  ? -10.708 1.131   10.974  1.00 77.57  ? 98  G   C "O2'" 1 
ATOM   822  C  "C1'" . G   C 3 9  ? -10.217 1.865   13.172  1.00 80.21  ? 98  G   C "C1'" 1 
ATOM   823  N  N9    . G   C 3 9  ? -9.646  2.972   13.938  1.00 81.24  ? 98  G   C N9    1 
ATOM   824  C  C8    . G   C 3 9  ? -8.936  2.854   15.110  1.00 81.70  ? 98  G   C C8    1 
ATOM   825  N  N7    . G   C 3 9  ? -8.538  3.998   15.588  1.00 82.91  ? 98  G   C N7    1 
ATOM   826  C  C5    . G   C 3 9  ? -9.010  4.931   14.678  1.00 83.37  ? 98  G   C C5    1 
ATOM   827  C  C6    . G   C 3 9  ? -8.873  6.337   14.662  1.00 83.87  ? 98  G   C C6    1 
ATOM   828  O  O6    . G   C 3 9  ? -8.278  7.065   15.467  1.00 86.63  ? 98  G   C O6    1 
ATOM   829  N  N1    . G   C 3 9  ? -9.505  6.894   13.561  1.00 83.87  ? 98  G   C N1    1 
ATOM   830  C  C2    . G   C 3 9  ? -10.175 6.192   12.598  1.00 83.07  ? 98  G   C C2    1 
ATOM   831  N  N2    . G   C 3 9  ? -10.720 6.920   11.624  1.00 84.81  ? 98  G   C N2    1 
ATOM   832  N  N3    . G   C 3 9  ? -10.301 4.877   12.591  1.00 82.81  ? 98  G   C N3    1 
ATOM   833  C  C4    . G   C 3 9  ? -9.700  4.314   13.654  1.00 82.33  ? 98  G   C C4    1 
ATOM   834  P  P     . A   C 3 10 ? -7.335  0.278   9.673   1.00 82.60  ? 99  A   C P     1 
ATOM   835  O  OP1   . A   C 3 10 ? -6.908  -0.926  8.905   1.00 83.44  ? 99  A   C OP1   1 
ATOM   836  O  OP2   . A   C 3 10 ? -6.303  1.195   10.224  1.00 85.33  ? 99  A   C OP2   1 
ATOM   837  O  "O5'" . A   C 3 10 ? -8.334  1.114   8.763   1.00 81.51  ? 99  A   C "O5'" 1 
ATOM   838  C  "C5'" . A   C 3 10 ? -8.849  0.576   7.528   1.00 81.88  ? 99  A   C "C5'" 1 
ATOM   839  C  "C4'" . A   C 3 10 ? -10.275 0.100   7.708   1.00 81.16  ? 99  A   C "C4'" 1 
ATOM   840  O  "O4'" . A   C 3 10 ? -11.021 1.044   8.521   1.00 82.28  ? 99  A   C "O4'" 1 
ATOM   841  C  "C3'" . A   C 3 10 ? -11.085 -0.011  6.426   1.00 79.23  ? 99  A   C "C3'" 1 
ATOM   842  O  "O3'" . A   C 3 10 ? -10.877 -1.224  5.765   1.00 76.51  ? 99  A   C "O3'" 1 
ATOM   843  C  "C2'" . A   C 3 10 ? -12.513 0.111   6.922   1.00 81.19  ? 99  A   C "C2'" 1 
ATOM   844  O  "O2'" . A   C 3 10 ? -12.985 -1.103  7.467   1.00 81.14  ? 99  A   C "O2'" 1 
ATOM   845  C  "C1'" . A   C 3 10 ? -12.358 1.134   8.049   1.00 83.06  ? 99  A   C "C1'" 1 
ATOM   846  N  N9    . A   C 3 10 ? -12.592 2.506   7.588   1.00 83.64  ? 99  A   C N9    1 
ATOM   847  C  C8    . A   C 3 10 ? -11.728 3.563   7.672   1.00 85.09  ? 99  A   C C8    1 
ATOM   848  N  N7    . A   C 3 10 ? -12.198 4.675   7.169   1.00 89.93  ? 99  A   C N7    1 
ATOM   849  C  C5    . A   C 3 10 ? -13.466 4.328   6.721   1.00 88.79  ? 99  A   C C5    1 
ATOM   850  C  C6    . A   C 3 10 ? -14.479 5.067   6.078   1.00 88.94  ? 99  A   C C6    1 
ATOM   851  N  N6    . A   C 3 10 ? -14.370 6.356   5.759   1.00 87.59  ? 99  A   C N6    1 
ATOM   852  N  N1    . A   C 3 10 ? -15.618 4.423   5.763   1.00 89.24  ? 99  A   C N1    1 
ATOM   853  C  C2    . A   C 3 10 ? -15.723 3.128   6.071   1.00 88.68  ? 99  A   C C2    1 
ATOM   854  N  N3    . A   C 3 10 ? -14.845 2.328   6.670   1.00 87.52  ? 99  A   C N3    1 
ATOM   855  C  C4    . A   C 3 10 ? -13.723 2.998   6.974   1.00 85.46  ? 99  A   C C4    1 
ATOM   856  P  P     . G   C 3 11 ? -10.542 -1.202  4.209   1.00 78.52  ? 100 G   C P     1 
ATOM   857  O  OP1   . G   C 3 11 ? -10.324 -2.578  3.697   1.00 78.86  ? 100 G   C OP1   1 
ATOM   858  O  OP2   . G   C 3 11 ? -9.480  -0.167  4.039   1.00 80.99  ? 100 G   C OP2   1 
ATOM   859  O  "O5'" . G   C 3 11 ? -11.879 -0.661  3.554   1.00 81.91  ? 100 G   C "O5'" 1 
ATOM   860  C  "C5'" . G   C 3 11 ? -12.978 -1.538  3.245   1.00 82.57  ? 100 G   C "C5'" 1 
ATOM   861  C  "C4'" . G   C 3 11 ? -14.072 -0.737  2.597   1.00 83.47  ? 100 G   C "C4'" 1 
ATOM   862  O  "O4'" . G   C 3 11 ? -14.497 0.283   3.531   1.00 83.88  ? 100 G   C "O4'" 1 
ATOM   863  C  "C3'" . G   C 3 11 ? -13.658 0.019   1.351   1.00 84.26  ? 100 G   C "C3'" 1 
ATOM   864  O  "O3'" . G   C 3 11 ? -13.823 -0.798  0.203   1.00 86.47  ? 100 G   C "O3'" 1 
ATOM   865  C  "C2'" . G   C 3 11 ? -14.641 1.174   1.344   1.00 85.15  ? 100 G   C "C2'" 1 
ATOM   866  O  "O2'" . G   C 3 11 ? -15.895 0.727   0.873   1.00 86.22  ? 100 G   C "O2'" 1 
ATOM   867  C  "C1'" . G   C 3 11 ? -14.764 1.481   2.840   1.00 85.86  ? 100 G   C "C1'" 1 
ATOM   868  N  N9    . G   C 3 11 ? -13.791 2.461   3.324   1.00 88.80  ? 100 G   C N9    1 
ATOM   869  C  C8    . G   C 3 11 ? -12.829 2.237   4.277   1.00 89.28  ? 100 G   C C8    1 
ATOM   870  N  N7    . G   C 3 11 ? -12.094 3.284   4.521   1.00 90.23  ? 100 G   C N7    1 
ATOM   871  C  C5    . G   C 3 11 ? -12.600 4.263   3.679   1.00 90.97  ? 100 G   C C5    1 
ATOM   872  C  C6    . G   C 3 11 ? -12.201 5.605   3.494   1.00 92.23  ? 100 G   C C6    1 
ATOM   873  O  O6    . G   C 3 11 ? -11.292 6.219   4.046   1.00 93.19  ? 100 G   C O6    1 
ATOM   874  N  N1    . G   C 3 11 ? -12.980 6.242   2.548   1.00 94.57  ? 100 G   C N1    1 
ATOM   875  C  C2    . G   C 3 11 ? -14.011 5.666   1.862   1.00 95.98  ? 100 G   C C2    1 
ATOM   876  N  N2    . G   C 3 11 ? -14.653 6.461   0.994   1.00 102.03 ? 100 G   C N2    1 
ATOM   877  N  N3    . G   C 3 11 ? -14.389 4.412   2.012   1.00 94.42  ? 100 G   C N3    1 
ATOM   878  C  C4    . G   C 3 11 ? -13.648 3.772   2.933   1.00 90.78  ? 100 G   C C4    1 
ATOM   879  P  P     . A   C 3 12 ? -12.591 -1.012  -0.806  1.00 88.10  ? 101 A   C P     1 
ATOM   880  O  OP1   . A   C 3 12 ? -12.942 -2.069  -1.815  1.00 86.44  ? 101 A   C OP1   1 
ATOM   881  O  OP2   . A   C 3 12 ? -11.391 -1.168  0.058   1.00 87.23  ? 101 A   C OP2   1 
ATOM   882  O  "O5'" . A   C 3 12 ? -12.428 0.386   -1.546  1.00 86.79  ? 101 A   C "O5'" 1 
ATOM   883  C  "C5'" . A   C 3 12 ? -13.524 0.991   -2.237  1.00 87.66  ? 101 A   C "C5'" 1 
ATOM   884  C  "C4'" . A   C 3 12 ? -13.286 2.476   -2.386  1.00 87.90  ? 101 A   C "C4'" 1 
ATOM   885  O  "O4'" . A   C 3 12 ? -13.464 3.140   -1.108  1.00 86.05  ? 101 A   C "O4'" 1 
ATOM   886  C  "C3'" . A   C 3 12 ? -11.880 2.856   -2.807  1.00 87.89  ? 101 A   C "C3'" 1 
ATOM   887  O  "O3'" . A   C 3 12 ? -11.697 2.834   -4.200  1.00 92.17  ? 101 A   C "O3'" 1 
ATOM   888  C  "C2'" . A   C 3 12 ? -11.751 4.271   -2.305  1.00 86.56  ? 101 A   C "C2'" 1 
ATOM   889  O  "O2'" . A   C 3 12 ? -12.380 5.133   -3.221  1.00 87.38  ? 101 A   C "O2'" 1 
ATOM   890  C  "C1'" . A   C 3 12 ? -12.547 4.210   -1.005  1.00 86.35  ? 101 A   C "C1'" 1 
ATOM   891  N  N9    . A   C 3 12 ? -11.682 3.976   0.142   1.00 85.59  ? 101 A   C N9    1 
ATOM   892  C  C8    . A   C 3 12 ? -11.682 2.924   1.019   1.00 88.46  ? 101 A   C C8    1 
ATOM   893  N  N7    . A   C 3 12 ? -10.760 3.013   1.944   1.00 89.70  ? 101 A   C N7    1 
ATOM   894  C  C5    . A   C 3 12 ? -10.114 4.208   1.656   1.00 86.73  ? 101 A   C C5    1 
ATOM   895  C  C6    . A   C 3 12 ? -9.047  4.880   2.268   1.00 87.02  ? 101 A   C C6    1 
ATOM   896  N  N6    . A   C 3 12 ? -8.405  4.429   3.344   1.00 87.72  ? 101 A   C N6    1 
ATOM   897  N  N1    . A   C 3 12 ? -8.653  6.048   1.733   1.00 87.26  ? 101 A   C N1    1 
ATOM   898  C  C2    . A   C 3 12 ? -9.290  6.494   0.658   1.00 87.00  ? 101 A   C C2    1 
ATOM   899  N  N3    . A   C 3 12 ? -10.303 5.955   -0.008  1.00 83.87  ? 101 A   C N3    1 
ATOM   900  C  C4    . A   C 3 12 ? -10.672 4.803   0.551   1.00 83.97  ? 101 A   C C4    1 
ATOM   901  P  P     . G   C 3 13 ? -10.227 2.579   -4.781  1.00 98.81  ? 102 G   C P     1 
ATOM   902  O  OP1   . G   C 3 13 ? -10.241 2.801   -6.248  1.00 99.88  ? 102 G   C OP1   1 
ATOM   903  O  OP2   . G   C 3 13 ? -9.769  1.270   -4.243  1.00 101.75 ? 102 G   C OP2   1 
ATOM   904  O  "O5'" . G   C 3 13 ? -9.338  3.715   -4.101  1.00 98.26  ? 102 G   C "O5'" 1 
ATOM   905  C  "C5'" . G   C 3 13 ? -9.486  5.074   -4.515  1.00 99.58  ? 102 G   C "C5'" 1 
ATOM   906  C  "C4'" . G   C 3 13 ? -8.256  5.878   -4.184  1.00 98.92  ? 102 G   C "C4'" 1 
ATOM   907  O  "O4'" . G   C 3 13 ? -8.185  6.091   -2.751  1.00 98.40  ? 102 G   C "O4'" 1 
ATOM   908  C  "C3'" . G   C 3 13 ? -6.919  5.260   -4.561  1.00 98.84  ? 102 G   C "C3'" 1 
ATOM   909  O  "O3'" . G   C 3 13 ? -6.604  5.542   -5.935  1.00 99.01  ? 102 G   C "O3'" 1 
ATOM   910  C  "C2'" . G   C 3 13 ? -5.966  5.958   -3.591  1.00 100.03 ? 102 G   C "C2'" 1 
ATOM   911  O  "O2'" . G   C 3 13 ? -5.608  7.251   -4.033  1.00 101.73 ? 102 G   C "O2'" 1 
ATOM   912  C  "C1'" . G   C 3 13 ? -6.834  6.113   -2.338  1.00 99.27  ? 102 G   C "C1'" 1 
ATOM   913  N  N9    . G   C 3 13 ? -6.653  5.083   -1.321  1.00 98.47  ? 102 G   C N9    1 
ATOM   914  C  C8    . G   C 3 13 ? -7.341  3.901   -1.227  1.00 100.10 ? 102 G   C C8    1 
ATOM   915  N  N7    . G   C 3 13 ? -6.970  3.172   -0.211  1.00 99.05  ? 102 G   C N7    1 
ATOM   916  C  C5    . G   C 3 13 ? -5.979  3.917   0.401   1.00 96.09  ? 102 G   C C5    1 
ATOM   917  C  C6    . G   C 3 13 ? -5.215  3.635   1.544   1.00 97.99  ? 102 G   C C6    1 
ATOM   918  O  O6    . G   C 3 13 ? -5.267  2.632   2.279   1.00 99.90  ? 102 G   C O6    1 
ATOM   919  N  N1    . G   C 3 13 ? -4.319  4.657   1.821   1.00 97.47  ? 102 G   C N1    1 
ATOM   920  C  C2    . G   C 3 13 ? -4.191  5.808   1.095   1.00 96.23  ? 102 G   C C2    1 
ATOM   921  N  N2    . G   C 3 13 ? -3.286  6.678   1.543   1.00 96.65  ? 102 G   C N2    1 
ATOM   922  N  N3    . G   C 3 13 ? -4.900  6.085   0.018   1.00 95.38  ? 102 G   C N3    1 
ATOM   923  C  C4    . G   C 3 13 ? -5.769  5.100   -0.271  1.00 95.91  ? 102 G   C C4    1 
ATOM   924  P  P     . U   C 3 14 ? -5.417  4.740   -6.680  1.00 99.20  ? 103 U   C P     1 
ATOM   925  O  OP1   . U   C 3 14 ? -5.236  5.310   -8.045  1.00 95.45  ? 103 U   C OP1   1 
ATOM   926  O  OP2   . U   C 3 14 ? -5.707  3.288   -6.537  1.00 97.98  ? 103 U   C OP2   1 
ATOM   927  O  "O5'" . U   C 3 14 ? -4.124  5.123   -5.815  1.00 98.08  ? 103 U   C "O5'" 1 
ATOM   928  C  "C5'" . U   C 3 14 ? -3.552  6.429   -5.948  1.00 96.73  ? 103 U   C "C5'" 1 
ATOM   929  C  "C4'" . U   C 3 14 ? -2.619  6.793   -4.798  1.00 96.31  ? 103 U   C "C4'" 1 
ATOM   930  O  "O4'" . U   C 3 14 ? -3.258  6.566   -3.503  1.00 95.63  ? 103 U   C "O4'" 1 
ATOM   931  C  "C3'" . U   C 3 14 ? -1.315  6.018   -4.692  1.00 95.99  ? 103 U   C "C3'" 1 
ATOM   932  O  "O3'" . U   C 3 14 ? -0.315  6.495   -5.580  1.00 97.73  ? 103 U   C "O3'" 1 
ATOM   933  C  "C2'" . U   C 3 14 ? -0.921  6.231   -3.236  1.00 96.03  ? 103 U   C "C2'" 1 
ATOM   934  O  "O2'" . U   C 3 14 ? -0.295  7.480   -3.018  1.00 95.01  ? 103 U   C "O2'" 1 
ATOM   935  C  "C1'" . U   C 3 14 ? -2.277  6.222   -2.534  1.00 95.75  ? 103 U   C "C1'" 1 
ATOM   936  N  N1    . U   C 3 14 ? -2.556  4.906   -1.931  1.00 95.55  ? 103 U   C N1    1 
ATOM   937  C  C2    . U   C 3 14 ? -2.053  4.683   -0.659  1.00 95.09  ? 103 U   C C2    1 
ATOM   938  O  O2    . U   C 3 14 ? -1.437  5.529   -0.036  1.00 98.16  ? 103 U   C O2    1 
ATOM   939  N  N3    . U   C 3 14 ? -2.288  3.435   -0.148  1.00 92.94  ? 103 U   C N3    1 
ATOM   940  C  C4    . U   C 3 14 ? -2.959  2.409   -0.761  1.00 94.11  ? 103 U   C C4    1 
ATOM   941  O  O4    . U   C 3 14 ? -3.074  1.332   -0.176  1.00 97.10  ? 103 U   C O4    1 
ATOM   942  C  C5    . U   C 3 14 ? -3.460  2.715   -2.060  1.00 92.58  ? 103 U   C C5    1 
ATOM   943  C  C6    . U   C 3 14 ? -3.251  3.926   -2.587  1.00 93.51  ? 103 U   C C6    1 
ATOM   944  P  P     . A   C 3 15 ? 0.872   5.510   -6.027  1.00 98.86  ? 104 A   C P     1 
ATOM   945  O  OP1   . A   C 3 15 ? 1.825   6.250   -6.894  1.00 99.29  ? 104 A   C OP1   1 
ATOM   946  O  OP2   . A   C 3 15 ? 0.222   4.276   -6.542  1.00 97.68  ? 104 A   C OP2   1 
ATOM   947  O  "O5'" . A   C 3 15 ? 1.614   5.186   -4.656  1.00 98.92  ? 104 A   C "O5'" 1 
ATOM   948  C  "C5'" . A   C 3 15 ? 2.243   6.243   -3.909  1.00 100.43 ? 104 A   C "C5'" 1 
ATOM   949  C  "C4'" . A   C 3 15 ? 3.084   5.682   -2.781  1.00 102.78 ? 104 A   C "C4'" 1 
ATOM   950  O  "O4'" . A   C 3 15 ? 2.236   5.182   -1.710  1.00 102.81 ? 104 A   C "O4'" 1 
ATOM   951  C  "C3'" . A   C 3 15 ? 3.967   4.501   -3.142  1.00 104.24 ? 104 A   C "C3'" 1 
ATOM   952  O  "O3'" . A   C 3 15 ? 5.179   4.914   -3.750  1.00 108.22 ? 104 A   C "O3'" 1 
ATOM   953  C  "C2'" . A   C 3 15 ? 4.185   3.823   -1.792  1.00 103.29 ? 104 A   C "C2'" 1 
ATOM   954  O  "O2'" . A   C 3 15 ? 5.181   4.443   -1.002  1.00 104.31 ? 104 A   C "O2'" 1 
ATOM   955  C  "C1'" . A   C 3 15 ? 2.832   4.036   -1.117  1.00 100.94 ? 104 A   C "C1'" 1 
ATOM   956  N  N9    . A   C 3 15 ? 1.946   2.885   -1.306  1.00 96.64  ? 104 A   C N9    1 
ATOM   957  C  C8    . A   C 3 15 ? 1.073   2.647   -2.339  1.00 94.69  ? 104 A   C C8    1 
ATOM   958  N  N7    . A   C 3 15 ? 0.419   1.517   -2.228  1.00 90.90  ? 104 A   C N7    1 
ATOM   959  C  C5    . A   C 3 15 ? 0.894   0.971   -1.050  1.00 88.00  ? 104 A   C C5    1 
ATOM   960  C  C6    . A   C 3 15 ? 0.598   -0.214  -0.385  1.00 86.66  ? 104 A   C C6    1 
ATOM   961  N  N6    . A   C 3 15 ? -0.280  -1.113  -0.832  1.00 88.33  ? 104 A   C N6    1 
ATOM   962  N  N1    . A   C 3 15 ? 1.240   -0.459  0.773   1.00 86.58  ? 104 A   C N1    1 
ATOM   963  C  C2    . A   C 3 15 ? 2.122   0.437   1.217   1.00 85.84  ? 104 A   C C2    1 
ATOM   964  N  N3    . A   C 3 15 ? 2.491   1.588   0.679   1.00 87.66  ? 104 A   C N3    1 
ATOM   965  C  C4    . A   C 3 15 ? 1.831   1.802   -0.468  1.00 90.72  ? 104 A   C C4    1 
ATOM   966  P  P     . G   C 3 16 ? 5.843   3.993   -4.884  1.00 111.24 ? 105 G   C P     1 
ATOM   967  O  OP1   . G   C 3 16 ? 7.247   4.424   -5.078  1.00 112.53 ? 105 G   C OP1   1 
ATOM   968  O  OP2   . G   C 3 16 ? 4.918   3.950   -6.051  1.00 112.41 ? 105 G   C OP2   1 
ATOM   969  O  "O5'" . G   C 3 16 ? 5.883   2.563   -4.203  1.00 108.17 ? 105 G   C "O5'" 1 
ATOM   970  C  "C5'" . G   C 3 16 ? 6.609   2.373   -2.998  1.00 107.49 ? 105 G   C "C5'" 1 
ATOM   971  C  "C4'" . G   C 3 16 ? 6.349   1.001   -2.483  1.00 108.83 ? 105 G   C "C4'" 1 
ATOM   972  O  "O4'" . G   C 3 16 ? 4.981   0.907   -2.023  1.00 109.19 ? 105 G   C "O4'" 1 
ATOM   973  C  "C3'" . G   C 3 16 ? 6.436   -0.061  -3.554  1.00 110.02 ? 105 G   C "C3'" 1 
ATOM   974  O  "O3'" . G   C 3 16 ? 7.755   -0.462  -3.784  1.00 112.96 ? 105 G   C "O3'" 1 
ATOM   975  C  "C2'" . G   C 3 16 ? 5.580   -1.181  -2.988  1.00 109.70 ? 105 G   C "C2'" 1 
ATOM   976  O  "O2'" . G   C 3 16 ? 6.285   -1.955  -2.031  1.00 109.29 ? 105 G   C "O2'" 1 
ATOM   977  C  "C1'" . G   C 3 16 ? 4.462   -0.382  -2.318  1.00 108.15 ? 105 G   C "C1'" 1 
ATOM   978  N  N9    . G   C 3 16 ? 3.320   -0.208  -3.210  1.00 104.73 ? 105 G   C N9    1 
ATOM   979  C  C8    . G   C 3 16 ? 2.952   0.952   -3.846  1.00 103.77 ? 105 G   C C8    1 
ATOM   980  N  N7    . G   C 3 16 ? 1.891   0.809   -4.592  1.00 104.63 ? 105 G   C N7    1 
ATOM   981  C  C5    . G   C 3 16 ? 1.535   -0.528  -4.439  1.00 103.23 ? 105 G   C C5    1 
ATOM   982  C  C6    . G   C 3 16 ? 0.453   -1.274  -5.008  1.00 102.98 ? 105 G   C C6    1 
ATOM   983  O  O6    . G   C 3 16 ? -0.440  -0.885  -5.783  1.00 107.40 ? 105 G   C O6    1 
ATOM   984  N  N1    . G   C 3 16 ? 0.470   -2.598  -4.586  1.00 96.73  ? 105 G   C N1    1 
ATOM   985  C  C2    . G   C 3 16 ? 1.387   -3.136  -3.738  1.00 94.15  ? 105 G   C C2    1 
ATOM   986  N  N2    . G   C 3 16 ? 1.224   -4.428  -3.469  1.00 93.52  ? 105 G   C N2    1 
ATOM   987  N  N3    . G   C 3 16 ? 2.391   -2.461  -3.196  1.00 96.22  ? 105 G   C N3    1 
ATOM   988  C  C4    . G   C 3 16 ? 2.404   -1.171  -3.589  1.00 101.57 ? 105 G   C C4    1 
ATOM   989  P  P     . G   C 3 17 ? 8.084   -1.320  -5.087  1.00 113.24 ? 106 G   C P     1 
ATOM   990  O  OP1   . G   C 3 17 ? 9.553   -1.288  -5.286  1.00 114.57 ? 106 G   C OP1   1 
ATOM   991  O  OP2   . G   C 3 17 ? 7.175   -0.877  -6.179  1.00 111.64 ? 106 G   C OP2   1 
ATOM   992  O  "O5'" . G   C 3 17 ? 7.671   -2.786  -4.658  1.00 110.69 ? 106 G   C "O5'" 1 
ATOM   993  C  "C5'" . G   C 3 17 ? 7.664   -3.815  -5.612  1.00 110.60 ? 106 G   C "C5'" 1 
ATOM   994  C  "C4'" . G   C 3 17 ? 6.713   -4.877  -5.187  1.00 111.48 ? 106 G   C "C4'" 1 
ATOM   995  O  "O4'" . G   C 3 17 ? 5.459   -4.274  -4.806  1.00 110.99 ? 106 G   C "O4'" 1 
ATOM   996  C  "C3'" . G   C 3 17 ? 6.366   -5.847  -6.287  1.00 112.75 ? 106 G   C "C3'" 1 
ATOM   997  O  "O3'" . G   C 3 17 ? 7.378   -6.834  -6.366  1.00 113.90 ? 106 G   C "O3'" 1 
ATOM   998  C  "C2'" . G   C 3 17 ? 4.997   -6.365  -5.857  1.00 111.89 ? 106 G   C "C2'" 1 
ATOM   999  O  "O2'" . G   C 3 17 ? 5.052   -7.437  -4.931  1.00 110.72 ? 106 G   C "O2'" 1 
ATOM   1000 C  "C1'" . G   C 3 17 ? 4.390   -5.111  -5.214  1.00 110.97 ? 106 G   C "C1'" 1 
ATOM   1001 N  N9    . G   C 3 17 ? 3.542   -4.332  -6.110  1.00 108.91 ? 106 G   C N9    1 
ATOM   1002 C  C8    . G   C 3 17 ? 3.703   -3.009  -6.464  1.00 108.06 ? 106 G   C C8    1 
ATOM   1003 N  N7    . G   C 3 17 ? 2.779   -2.579  -7.277  1.00 104.75 ? 106 G   C N7    1 
ATOM   1004 C  C5    . G   C 3 17 ? 1.962   -3.682  -7.475  1.00 105.45 ? 106 G   C C5    1 
ATOM   1005 C  C6    . G   C 3 17 ? 0.807   -3.819  -8.254  1.00 104.22 ? 106 G   C C6    1 
ATOM   1006 O  O6    . G   C 3 17 ? 0.258   -2.962  -8.949  1.00 103.48 ? 106 G   C O6    1 
ATOM   1007 N  N1    . G   C 3 17 ? 0.281   -5.109  -8.173  1.00 103.63 ? 106 G   C N1    1 
ATOM   1008 C  C2    . G   C 3 17 ? 0.815   -6.138  -7.428  1.00 104.29 ? 106 G   C C2    1 
ATOM   1009 N  N2    . G   C 3 17 ? 0.175   -7.313  -7.469  1.00 103.22 ? 106 G   C N2    1 
ATOM   1010 N  N3    . G   C 3 17 ? 1.902   -6.018  -6.694  1.00 105.27 ? 106 G   C N3    1 
ATOM   1011 C  C4    . G   C 3 17 ? 2.420   -4.772  -6.761  1.00 106.92 ? 106 G   C C4    1 
ATOM   1012 P  P     . G   C 3 18 ? 8.133   -7.070  -7.756  1.00 114.11 ? 107 G   C P     1 
ATOM   1013 O  OP1   . G   C 3 18 ? 9.373   -7.820  -7.430  1.00 114.90 ? 107 G   C OP1   1 
ATOM   1014 O  OP2   . G   C 3 18 ? 8.217   -5.765  -8.483  1.00 111.20 ? 107 G   C OP2   1 
ATOM   1015 O  "O5'" . G   C 3 18 ? 7.111   -8.012  -8.526  1.00 115.10 ? 107 G   C "O5'" 1 
ATOM   1016 C  "C5'" . G   C 3 18 ? 5.766   -8.087  -8.057  1.00 116.84 ? 107 G   C "C5'" 1 
ATOM   1017 C  "C4'" . G   C 3 18 ? 4.876   -8.797  -9.033  1.00 117.84 ? 107 G   C "C4'" 1 
ATOM   1018 O  "O4'" . G   C 3 18 ? 3.557   -8.230  -8.867  1.00 117.20 ? 107 G   C "O4'" 1 
ATOM   1019 C  "C3'" . G   C 3 18 ? 5.165   -8.718  -10.528 1.00 118.93 ? 107 G   C "C3'" 1 
ATOM   1020 O  "O3'" . G   C 3 18 ? 6.044   -9.756  -10.972 1.00 121.24 ? 107 G   C "O3'" 1 
ATOM   1021 C  "C2'" . G   C 3 18 ? 3.774   -8.914  -11.108 1.00 118.67 ? 107 G   C "C2'" 1 
ATOM   1022 O  "O2'" . G   C 3 18 ? 3.346   -10.270 -11.053 1.00 119.77 ? 107 G   C "O2'" 1 
ATOM   1023 C  "C1'" . G   C 3 18 ? 2.934   -8.111  -10.122 1.00 116.25 ? 107 G   C "C1'" 1 
ATOM   1024 N  N9    . G   C 3 18 ? 2.989   -6.697  -10.457 1.00 112.33 ? 107 G   C N9    1 
ATOM   1025 C  C8    . G   C 3 18 ? 3.939   -5.800  -10.037 1.00 110.67 ? 107 G   C C8    1 
ATOM   1026 N  N7    . G   C 3 18 ? 3.733   -4.591  -10.475 1.00 111.13 ? 107 G   C N7    1 
ATOM   1027 C  C5    . G   C 3 18 ? 2.577   -4.698  -11.237 1.00 112.58 ? 107 G   C C5    1 
ATOM   1028 C  C6    . G   C 3 18 ? 1.860   -3.710  -11.964 1.00 112.89 ? 107 G   C C6    1 
ATOM   1029 O  O6    . G   C 3 18 ? 2.108   -2.500  -12.076 1.00 111.64 ? 107 G   C O6    1 
ATOM   1030 N  N1    . G   C 3 18 ? 0.747   -4.253  -12.601 1.00 113.19 ? 107 G   C N1    1 
ATOM   1031 C  C2    . G   C 3 18 ? 0.368   -5.573  -12.542 1.00 112.45 ? 107 G   C C2    1 
ATOM   1032 N  N2    . G   C 3 18 ? -0.735  -5.892  -13.225 1.00 112.46 ? 107 G   C N2    1 
ATOM   1033 N  N3    . G   C 3 18 ? 1.024   -6.502  -11.864 1.00 111.91 ? 107 G   C N3    1 
ATOM   1034 C  C4    . G   C 3 18 ? 2.111   -5.997  -11.240 1.00 112.57 ? 107 G   C C4    1 
ATOM   1035 P  P     . A   C 3 19 ? 6.696   -9.684  -12.449 1.00 121.59 ? 108 A   C P     1 
ATOM   1036 O  OP1   . A   C 3 19 ? 7.196   -11.035 -12.800 1.00 122.11 ? 108 A   C OP1   1 
ATOM   1037 O  OP2   . A   C 3 19 ? 7.619   -8.521  -12.489 1.00 120.85 ? 108 A   C OP2   1 
ATOM   1038 O  "O5'" . A   C 3 19 ? 5.485   -9.368  -13.427 1.00 121.21 ? 108 A   C "O5'" 1 
ATOM   1039 C  "C5'" . A   C 3 19 ? 4.348   -10.234 -13.500 1.00 122.60 ? 108 A   C "C5'" 1 
ATOM   1040 C  "C4'" . A   C 3 19 ? 3.320   -9.633  -14.417 1.00 124.47 ? 108 A   C "C4'" 1 
ATOM   1041 O  "O4'" . A   C 3 19 ? 2.785   -8.409  -13.848 1.00 125.93 ? 108 A   C "O4'" 1 
ATOM   1042 C  "C3'" . A   C 3 19 ? 3.897   -9.206  -15.742 1.00 125.79 ? 108 A   C "C3'" 1 
ATOM   1043 O  "O3'" . A   C 3 19 ? 3.953   -10.316 -16.605 1.00 127.19 ? 108 A   C "O3'" 1 
ATOM   1044 C  "C2'" . A   C 3 19 ? 2.926   -8.127  -16.204 1.00 126.25 ? 108 A   C "C2'" 1 
ATOM   1045 O  "O2'" . A   C 3 19 ? 1.786   -8.675  -16.839 1.00 125.67 ? 108 A   C "O2'" 1 
ATOM   1046 C  "C1'" . A   C 3 19 ? 2.546   -7.459  -14.876 1.00 125.76 ? 108 A   C "C1'" 1 
ATOM   1047 N  N9    . A   C 3 19 ? 3.323   -6.252  -14.569 1.00 126.15 ? 108 A   C N9    1 
ATOM   1048 C  C8    . A   C 3 19 ? 4.413   -6.157  -13.734 1.00 126.90 ? 108 A   C C8    1 
ATOM   1049 N  N7    . A   C 3 19 ? 4.918   -4.948  -13.655 1.00 126.97 ? 108 A   C N7    1 
ATOM   1050 C  C5    . A   C 3 19 ? 4.106   -4.192  -14.493 1.00 127.36 ? 108 A   C C5    1 
ATOM   1051 C  C6    . A   C 3 19 ? 4.123   -2.827  -14.848 1.00 127.22 ? 108 A   C C6    1 
ATOM   1052 N  N6    . A   C 3 19 ? 5.017   -1.947  -14.390 1.00 128.26 ? 108 A   C N6    1 
ATOM   1053 N  N1    . A   C 3 19 ? 3.174   -2.392  -15.705 1.00 127.07 ? 108 A   C N1    1 
ATOM   1054 C  C2    . A   C 3 19 ? 2.278   -3.272  -16.170 1.00 126.86 ? 108 A   C C2    1 
ATOM   1055 N  N3    . A   C 3 19 ? 2.161   -4.576  -15.914 1.00 126.99 ? 108 A   C N3    1 
ATOM   1056 C  C4    . A   C 3 19 ? 3.118   -4.981  -15.058 1.00 126.92 ? 108 A   C C4    1 
ATOM   1057 P  P     . A   C 3 20 ? 4.865   -10.243 -17.908 1.00 128.88 ? 109 A   C P     1 
ATOM   1058 O  OP1   . A   C 3 20 ? 4.745   -11.541 -18.607 1.00 130.16 ? 109 A   C OP1   1 
ATOM   1059 O  OP2   . A   C 3 20 ? 6.208   -9.733  -17.520 1.00 128.99 ? 109 A   C OP2   1 
ATOM   1060 O  "O5'" . A   C 3 20 ? 4.142   -9.130  -18.771 1.00 128.35 ? 109 A   C "O5'" 1 
ATOM   1061 C  "C5'" . A   C 3 20 ? 4.876   -8.345  -19.685 1.00 130.55 ? 109 A   C "C5'" 1 
ATOM   1062 C  "C4'" . A   C 3 20 ? 4.077   -7.137  -20.057 1.00 133.30 ? 109 A   C "C4'" 1 
ATOM   1063 O  "O4'" . A   C 3 20 ? 3.877   -6.305  -18.891 1.00 133.64 ? 109 A   C "O4'" 1 
ATOM   1064 C  "C3'" . A   C 3 20 ? 4.781   -6.239  -21.047 1.00 135.65 ? 109 A   C "C3'" 1 
ATOM   1065 O  "O3'" . A   C 3 20 ? 4.534   -6.728  -22.350 1.00 137.56 ? 109 A   C "O3'" 1 
ATOM   1066 C  "C2'" . A   C 3 20 ? 4.140   -4.882  -20.788 1.00 135.43 ? 109 A   C "C2'" 1 
ATOM   1067 O  "O2'" . A   C 3 20 ? 2.904   -4.728  -21.457 1.00 135.65 ? 109 A   C "O2'" 1 
ATOM   1068 C  "C1'" . A   C 3 20 ? 3.900   -4.942  -19.279 1.00 134.63 ? 109 A   C "C1'" 1 
ATOM   1069 N  N9    . A   C 3 20 ? 4.853   -4.217  -18.432 1.00 133.52 ? 109 A   C N9    1 
ATOM   1070 C  C8    . A   C 3 20 ? 5.081   -2.863  -18.417 1.00 133.36 ? 109 A   C C8    1 
ATOM   1071 N  N7    . A   C 3 20 ? 5.964   -2.484  -17.526 1.00 133.13 ? 109 A   C N7    1 
ATOM   1072 C  C5    . A   C 3 20 ? 6.351   -3.668  -16.917 1.00 134.01 ? 109 A   C C5    1 
ATOM   1073 C  C6    . A   C 3 20 ? 7.270   -3.947  -15.885 1.00 135.30 ? 109 A   C C6    1 
ATOM   1074 N  N6    . A   C 3 20 ? 7.991   -3.011  -15.261 1.00 135.20 ? 109 A   C N6    1 
ATOM   1075 N  N1    . A   C 3 20 ? 7.420   -5.238  -15.510 1.00 135.69 ? 109 A   C N1    1 
ATOM   1076 C  C2    . A   C 3 20 ? 6.697   -6.175  -16.138 1.00 134.91 ? 109 A   C C2    1 
ATOM   1077 N  N3    . A   C 3 20 ? 5.806   -6.038  -17.122 1.00 133.55 ? 109 A   C N3    1 
ATOM   1078 C  C4    . A   C 3 20 ? 5.680   -4.748  -17.470 1.00 133.27 ? 109 A   C C4    1 
ATOM   1079 P  P     . C   C 3 21 ? 5.772   -7.084  -23.298 1.00 139.03 ? 110 C   C P     1 
ATOM   1080 O  OP1   . C   C 3 21 ? 5.223   -7.575  -24.587 1.00 139.46 ? 110 C   C OP1   1 
ATOM   1081 O  OP2   . C   C 3 21 ? 6.711   -7.948  -22.519 1.00 138.18 ? 110 C   C OP2   1 
ATOM   1082 O  "O5'" . C   C 3 21 ? 6.434   -5.656  -23.546 1.00 139.40 ? 110 C   C "O5'" 1 
ATOM   1083 C  "C5'" . C   C 3 21 ? 5.706   -4.638  -24.254 1.00 139.58 ? 110 C   C "C5'" 1 
ATOM   1084 C  "C4'" . C   C 3 21 ? 6.292   -3.276  -23.988 1.00 139.89 ? 110 C   C "C4'" 1 
ATOM   1085 O  "O4'" . C   C 3 21 ? 6.027   -2.891  -22.612 1.00 140.12 ? 110 C   C "O4'" 1 
ATOM   1086 C  "C3'" . C   C 3 21 ? 7.805   -3.184  -24.109 1.00 140.89 ? 110 C   C "C3'" 1 
ATOM   1087 O  "O3'" . C   C 3 21 ? 8.273   -3.021  -25.440 1.00 140.76 ? 110 C   C "O3'" 1 
ATOM   1088 C  "C2'" . C   C 3 21 ? 8.136   -1.980  -23.241 1.00 141.14 ? 110 C   C "C2'" 1 
ATOM   1089 O  "O2'" . C   C 3 21 ? 7.969   -0.744  -23.908 1.00 142.18 ? 110 C   C "O2'" 1 
ATOM   1090 C  "C1'" . C   C 3 21 ? 7.114   -2.122  -22.117 1.00 140.00 ? 110 C   C "C1'" 1 
ATOM   1091 N  N1    . C   C 3 21 ? 7.719   -2.802  -20.967 1.00 137.74 ? 110 C   C N1    1 
ATOM   1092 C  C2    . C   C 3 21 ? 8.506   -2.047  -20.101 1.00 136.87 ? 110 C   C C2    1 
ATOM   1093 O  O2    . C   C 3 21 ? 8.641   -0.836  -20.327 1.00 135.28 ? 110 C   C O2    1 
ATOM   1094 N  N3    . C   C 3 21 ? 9.097   -2.648  -19.051 1.00 136.60 ? 110 C   C N3    1 
ATOM   1095 C  C4    . C   C 3 21 ? 8.922   -3.952  -18.846 1.00 137.13 ? 110 C   C C4    1 
ATOM   1096 N  N4    . C   C 3 21 ? 9.535   -4.504  -17.794 1.00 137.78 ? 110 C   C N4    1 
ATOM   1097 C  C5    . C   C 3 21 ? 8.113   -4.749  -19.711 1.00 136.78 ? 110 C   C C5    1 
ATOM   1098 C  C6    . C   C 3 21 ? 7.536   -4.138  -20.748 1.00 136.11 ? 110 C   C C6    1 
ATOM   1099 P  P     . U   C 3 22 ? 9.799   -3.397  -25.785 1.00 140.34 ? 111 U   C P     1 
ATOM   1100 O  OP1   . U   C 3 22 ? 10.114  -2.891  -27.145 1.00 140.82 ? 111 U   C OP1   1 
ATOM   1101 O  OP2   . U   C 3 22 ? 10.011  -4.839  -25.462 1.00 140.43 ? 111 U   C OP2   1 
ATOM   1102 O  "O5'" . U   C 3 22 ? 10.637  -2.542  -24.740 1.00 137.36 ? 111 U   C "O5'" 1 
ATOM   1103 C  "C5'" . U   C 3 22 ? 10.657  -1.115  -24.828 1.00 133.85 ? 111 U   C "C5'" 1 
ATOM   1104 C  "C4'" . U   C 3 22 ? 11.722  -0.573  -23.930 1.00 131.54 ? 111 U   C "C4'" 1 
ATOM   1105 O  "O4'" . U   C 3 22 ? 11.349  -0.803  -22.549 1.00 130.18 ? 111 U   C "O4'" 1 
ATOM   1106 C  "C3'" . U   C 3 22 ? 13.056  -1.280  -24.083 1.00 131.11 ? 111 U   C "C3'" 1 
ATOM   1107 O  "O3'" . U   C 3 22 ? 13.813  -0.720  -25.151 1.00 130.68 ? 111 U   C "O3'" 1 
ATOM   1108 C  "C2'" . U   C 3 22 ? 13.715  -1.042  -22.732 1.00 130.63 ? 111 U   C "C2'" 1 
ATOM   1109 O  "O2'" . U   C 3 22 ? 14.365  0.210   -22.644 1.00 132.25 ? 111 U   C "O2'" 1 
ATOM   1110 C  "C1'" . U   C 3 22 ? 12.510  -1.078  -21.789 1.00 128.59 ? 111 U   C "C1'" 1 
ATOM   1111 N  N1    . U   C 3 22 ? 12.348  -2.367  -21.103 1.00 123.95 ? 111 U   C N1    1 
ATOM   1112 C  C2    . U   C 3 22 ? 13.157  -2.589  -20.008 1.00 121.29 ? 111 U   C C2    1 
ATOM   1113 O  O2    . U   C 3 22 ? 13.969  -1.772  -19.616 1.00 118.86 ? 111 U   C O2    1 
ATOM   1114 N  N3    . U   C 3 22 ? 12.984  -3.799  -19.391 1.00 119.45 ? 111 U   C N3    1 
ATOM   1115 C  C4    . U   C 3 22 ? 12.108  -4.792  -19.750 1.00 119.33 ? 111 U   C C4    1 
ATOM   1116 O  O4    . U   C 3 22 ? 12.086  -5.845  -19.100 1.00 116.50 ? 111 U   C O4    1 
ATOM   1117 C  C5    . U   C 3 22 ? 11.300  -4.485  -20.899 1.00 120.63 ? 111 U   C C5    1 
ATOM   1118 C  C6    . U   C 3 22 ? 11.445  -3.309  -21.519 1.00 121.57 ? 111 U   C C6    1 
ATOM   1119 P  P     . G   C 3 23 ? 14.832  -1.649  -25.982 1.00 129.89 ? 112 G   C P     1 
ATOM   1120 O  OP1   . G   C 3 23 ? 15.939  -0.789  -26.488 1.00 129.93 ? 112 G   C OP1   1 
ATOM   1121 O  OP2   . G   C 3 23 ? 14.030  -2.455  -26.938 1.00 129.63 ? 112 G   C OP2   1 
ATOM   1122 O  "O5'" . G   C 3 23 ? 15.441  -2.624  -24.883 1.00 126.28 ? 112 G   C "O5'" 1 
ATOM   1123 C  "C5'" . G   C 3 23 ? 16.859  -2.672  -24.656 1.00 120.79 ? 112 G   C "C5'" 1 
ATOM   1124 C  "C4'" . G   C 3 23 ? 17.235  -1.776  -23.499 1.00 116.63 ? 112 G   C "C4'" 1 
ATOM   1125 O  "O4'" . G   C 3 23 ? 16.320  -1.982  -22.395 1.00 115.37 ? 112 G   C "O4'" 1 
ATOM   1126 C  "C3'" . G   C 3 23 ? 18.614  -2.031  -22.923 1.00 114.70 ? 112 G   C "C3'" 1 
ATOM   1127 O  "O3'" . G   C 3 23 ? 19.574  -1.286  -23.667 1.00 111.36 ? 112 G   C "O3'" 1 
ATOM   1128 C  "C2'" . G   C 3 23 ? 18.477  -1.533  -21.486 1.00 114.32 ? 112 G   C "C2'" 1 
ATOM   1129 O  "O2'" . G   C 3 23 ? 18.650  -0.135  -21.350 1.00 115.33 ? 112 G   C "O2'" 1 
ATOM   1130 C  "C1'" . G   C 3 23 ? 17.022  -1.889  -21.168 1.00 113.29 ? 112 G   C "C1'" 1 
ATOM   1131 N  N9    . G   C 3 23 ? 16.817  -3.149  -20.465 1.00 109.60 ? 112 G   C N9    1 
ATOM   1132 C  C8    . G   C 3 23 ? 15.942  -4.135  -20.837 1.00 110.21 ? 112 G   C C8    1 
ATOM   1133 N  N7    . G   C 3 23 ? 15.948  -5.158  -20.033 1.00 110.06 ? 112 G   C N7    1 
ATOM   1134 C  C5    . G   C 3 23 ? 16.888  -4.826  -19.070 1.00 107.90 ? 112 G   C C5    1 
ATOM   1135 C  C6    . G   C 3 23 ? 17.314  -5.549  -17.940 1.00 107.35 ? 112 G   C C6    1 
ATOM   1136 O  O6    . G   C 3 23 ? 16.934  -6.648  -17.559 1.00 106.74 ? 112 G   C O6    1 
ATOM   1137 N  N1    . G   C 3 23 ? 18.279  -4.860  -17.225 1.00 106.25 ? 112 G   C N1    1 
ATOM   1138 C  C2    . G   C 3 23 ? 18.765  -3.626  -17.555 1.00 107.95 ? 112 G   C C2    1 
ATOM   1139 N  N2    . G   C 3 23 ? 19.699  -3.134  -16.734 1.00 109.36 ? 112 G   C N2    1 
ATOM   1140 N  N3    . G   C 3 23 ? 18.369  -2.930  -18.611 1.00 108.65 ? 112 G   C N3    1 
ATOM   1141 C  C4    . G   C 3 23 ? 17.434  -3.590  -19.321 1.00 108.06 ? 112 G   C C4    1 
ATOM   1142 P  P     . C   C 3 24 ? 20.914  -2.001  -24.187 1.00 108.70 ? 113 C   C P     1 
ATOM   1143 O  OP1   . C   C 3 24 ? 21.670  -1.002  -24.987 1.00 107.93 ? 113 C   C OP1   1 
ATOM   1144 O  OP2   . C   C 3 24 ? 20.536  -3.305  -24.792 1.00 109.45 ? 113 C   C OP2   1 
ATOM   1145 O  "O5'" . C   C 3 24 ? 21.728  -2.309  -22.858 1.00 104.54 ? 113 C   C "O5'" 1 
ATOM   1146 C  "C5'" . C   C 3 24 ? 22.298  -1.244  -22.104 1.00 99.72  ? 113 C   C "C5'" 1 
ATOM   1147 C  "C4'" . C   C 3 24 ? 22.963  -1.779  -20.869 1.00 96.04  ? 113 C   C "C4'" 1 
ATOM   1148 O  "O4'" . C   C 3 24 ? 21.955  -2.275  -19.949 1.00 94.66  ? 113 C   C "O4'" 1 
ATOM   1149 C  "C3'" . C   C 3 24 ? 23.857  -2.987  -21.108 1.00 94.46  ? 113 C   C "C3'" 1 
ATOM   1150 O  "O3'" . C   C 3 24 ? 25.147  -2.633  -21.581 1.00 90.71  ? 113 C   C "O3'" 1 
ATOM   1151 C  "C2'" . C   C 3 24 ? 23.889  -3.661  -19.743 1.00 94.52  ? 113 C   C "C2'" 1 
ATOM   1152 O  "O2'" . C   C 3 24 ? 24.813  -3.110  -18.830 1.00 94.25  ? 113 C   C "O2'" 1 
ATOM   1153 C  "C1'" . C   C 3 24 ? 22.475  -3.391  -19.240 1.00 95.79  ? 113 C   C "C1'" 1 
ATOM   1154 N  N1    . C   C 3 24 ? 21.601  -4.551  -19.421 1.00 98.00  ? 113 C   C N1    1 
ATOM   1155 C  C2    . C   C 3 24 ? 21.794  -5.652  -18.586 1.00 98.83  ? 113 C   C C2    1 
ATOM   1156 O  O2    . C   C 3 24 ? 22.691  -5.605  -17.735 1.00 99.88  ? 113 C   C O2    1 
ATOM   1157 N  N3    . C   C 3 24 ? 21.007  -6.733  -18.725 1.00 100.67 ? 113 C   C N3    1 
ATOM   1158 C  C4    . C   C 3 24 ? 20.054  -6.742  -19.656 1.00 102.81 ? 113 C   C C4    1 
ATOM   1159 N  N4    . C   C 3 24 ? 19.293  -7.831  -19.752 1.00 106.92 ? 113 C   C N4    1 
ATOM   1160 C  C5    . C   C 3 24 ? 19.835  -5.636  -20.528 1.00 101.52 ? 113 C   C C5    1 
ATOM   1161 C  C6    . C   C 3 24 ? 20.624  -4.569  -20.376 1.00 100.35 ? 113 C   C C6    1 
ATOM   1162 P  P     . C   C 3 25 ? 25.891  -3.591  -22.630 1.00 87.31  ? 114 C   C P     1 
ATOM   1163 O  OP1   . C   C 3 25 ? 27.060  -2.844  -23.132 1.00 87.43  ? 114 C   C OP1   1 
ATOM   1164 O  OP2   . C   C 3 25 ? 24.873  -4.089  -23.587 1.00 87.05  ? 114 C   C OP2   1 
ATOM   1165 O  "O5'" . C   C 3 25 ? 26.441  -4.782  -21.731 1.00 80.78  ? 114 C   C "O5'" 1 
ATOM   1166 C  "C5'" . C   C 3 25 ? 27.591  -4.564  -20.931 1.00 76.87  ? 114 C   C "C5'" 1 
ATOM   1167 C  "C4'" . C   C 3 25 ? 27.774  -5.668  -19.927 1.00 76.90  ? 114 C   C "C4'" 1 
ATOM   1168 O  "O4'" . C   C 3 25 ? 26.552  -5.850  -19.169 1.00 77.92  ? 114 C   C "O4'" 1 
ATOM   1169 C  "C3'" . C   C 3 25 ? 28.021  -7.041  -20.512 1.00 76.77  ? 114 C   C "C3'" 1 
ATOM   1170 O  "O3'" . C   C 3 25 ? 29.363  -7.250  -20.856 1.00 76.59  ? 114 C   C "O3'" 1 
ATOM   1171 C  "C2'" . C   C 3 25 ? 27.595  -7.970  -19.392 1.00 76.67  ? 114 C   C "C2'" 1 
ATOM   1172 O  "O2'" . C   C 3 25 ? 28.610  -8.111  -18.421 1.00 73.95  ? 114 C   C "O2'" 1 
ATOM   1173 C  "C1'" . C   C 3 25 ? 26.404  -7.216  -18.814 1.00 77.98  ? 114 C   C "C1'" 1 
ATOM   1174 N  N1    . C   C 3 25 ? 25.150  -7.723  -19.367 1.00 81.23  ? 114 C   C N1    1 
ATOM   1175 C  C2    . C   C 3 25 ? 24.595  -8.876  -18.811 1.00 83.42  ? 114 C   C C2    1 
ATOM   1176 O  O2    . C   C 3 25 ? 25.167  -9.418  -17.858 1.00 82.04  ? 114 C   C O2    1 
ATOM   1177 N  N3    . C   C 3 25 ? 23.454  -9.376  -19.326 1.00 86.52  ? 114 C   C N3    1 
ATOM   1178 C  C4    . C   C 3 25 ? 22.867  -8.769  -20.352 1.00 87.96  ? 114 C   C C4    1 
ATOM   1179 N  N4    . C   C 3 25 ? 21.747  -9.308  -20.837 1.00 92.11  ? 114 C   C N4    1 
ATOM   1180 C  C5    . C   C 3 25 ? 23.401  -7.583  -20.931 1.00 88.96  ? 114 C   C C5    1 
ATOM   1181 C  C6    . C   C 3 25 ? 24.536  -7.097  -20.411 1.00 84.94  ? 114 C   C C6    1 
ATOM   1182 P  P     . A   C 3 26 ? 29.695  -8.277  -22.023 1.00 75.05  ? 115 A   C P     1 
ATOM   1183 O  OP1   . A   C 3 26 ? 31.105  -8.101  -22.459 1.00 75.72  ? 115 A   C OP1   1 
ATOM   1184 O  OP2   . A   C 3 26 ? 28.590  -8.121  -23.004 1.00 73.26  ? 115 A   C OP2   1 
ATOM   1185 O  "O5'" . A   C 3 26 ? 29.562  -9.684  -21.302 1.00 73.50  ? 115 A   C "O5'" 1 
ATOM   1186 C  "C5'" . A   C 3 26 ? 30.495  -10.074 -20.294 1.00 74.43  ? 115 A   C "C5'" 1 
ATOM   1187 C  "C4'" . A   C 3 26 ? 30.028  -11.348 -19.655 1.00 76.17  ? 115 A   C "C4'" 1 
ATOM   1188 O  "O4'" . A   C 3 26 ? 28.691  -11.127 -19.155 1.00 75.42  ? 115 A   C "O4'" 1 
ATOM   1189 C  "C3'" . A   C 3 26 ? 29.895  -12.540 -20.591 1.00 76.91  ? 115 A   C "C3'" 1 
ATOM   1190 O  "O3'" . A   C 3 26 ? 31.143  -13.228 -20.698 1.00 80.88  ? 115 A   C "O3'" 1 
ATOM   1191 C  "C2'" . A   C 3 26 ? 28.833  -13.378 -19.891 1.00 75.55  ? 115 A   C "C2'" 1 
ATOM   1192 O  "O2'" . A   C 3 26 ? 29.375  -14.155 -18.839 1.00 73.57  ? 115 A   C "O2'" 1 
ATOM   1193 C  "C1'" . A   C 3 26 ? 27.920  -12.294 -19.311 1.00 74.34  ? 115 A   C "C1'" 1 
ATOM   1194 N  N9    . A   C 3 26 ? 26.750  -11.935 -20.111 1.00 73.85  ? 115 A   C N9    1 
ATOM   1195 C  C8    . A   C 3 26 ? 26.570  -10.814 -20.894 1.00 73.21  ? 115 A   C C8    1 
ATOM   1196 N  N7    . A   C 3 26 ? 25.396  -10.758 -21.480 1.00 72.77  ? 115 A   C N7    1 
ATOM   1197 C  C5    . A   C 3 26 ? 24.760  -11.919 -21.057 1.00 74.71  ? 115 A   C C5    1 
ATOM   1198 C  C6    . A   C 3 26 ? 23.486  -12.451 -21.323 1.00 75.38  ? 115 A   C C6    1 
ATOM   1199 N  N6    . A   C 3 26 ? 22.583  -11.862 -22.113 1.00 77.63  ? 115 A   C N6    1 
ATOM   1200 N  N1    . A   C 3 26 ? 23.163  -13.627 -20.742 1.00 74.32  ? 115 A   C N1    1 
ATOM   1201 C  C2    . A   C 3 26 ? 24.069  -14.222 -19.948 1.00 74.56  ? 115 A   C C2    1 
ATOM   1202 N  N3    . A   C 3 26 ? 25.295  -13.826 -19.620 1.00 72.35  ? 115 A   C N3    1 
ATOM   1203 C  C4    . A   C 3 26 ? 25.585  -12.654 -20.215 1.00 74.52  ? 115 A   C C4    1 
ATOM   1204 P  P     . G   C 3 27 ? 31.669  -13.721 -22.144 1.00 81.56  ? 116 G   C P     1 
ATOM   1205 O  OP1   . G   C 3 27 ? 33.134  -14.048 -22.059 1.00 79.99  ? 116 G   C OP1   1 
ATOM   1206 O  OP2   . G   C 3 27 ? 31.183  -12.728 -23.147 1.00 80.05  ? 116 G   C OP2   1 
ATOM   1207 O  "O5'" . G   C 3 27 ? 30.854  -15.065 -22.366 1.00 82.33  ? 116 G   C "O5'" 1 
ATOM   1208 C  "C5'" . G   C 3 27 ? 29.495  -15.110 -21.971 1.00 83.64  ? 116 G   C "C5'" 1 
ATOM   1209 C  "C4'" . G   C 3 27 ? 28.969  -16.522 -21.944 1.00 85.70  ? 116 G   C "C4'" 1 
ATOM   1210 O  "O4'" . G   C 3 27 ? 27.677  -16.482 -21.314 1.00 86.80  ? 116 G   C "O4'" 1 
ATOM   1211 C  "C3'" . G   C 3 27 ? 28.804  -17.299 -23.238 1.00 86.49  ? 116 G   C "C3'" 1 
ATOM   1212 O  "O3'" . G   C 3 27 ? 29.961  -18.084 -23.524 1.00 88.72  ? 116 G   C "O3'" 1 
ATOM   1213 C  "C2'" . G   C 3 27 ? 27.650  -18.222 -22.892 1.00 85.84  ? 116 G   C "C2'" 1 
ATOM   1214 O  "O2'" . G   C 3 27 ? 28.081  -19.391 -22.213 1.00 82.60  ? 116 G   C "O2'" 1 
ATOM   1215 C  "C1'" . G   C 3 27 ? 26.788  -17.299 -22.026 1.00 86.06  ? 116 G   C "C1'" 1 
ATOM   1216 N  N9    . G   C 3 27 ? 25.997  -16.333 -22.777 1.00 84.61  ? 116 G   C N9    1 
ATOM   1217 C  C8    . G   C 3 27 ? 26.450  -15.105 -23.193 1.00 83.43  ? 116 G   C C8    1 
ATOM   1218 N  N7    . G   C 3 27 ? 25.536  -14.398 -23.788 1.00 86.25  ? 116 G   C N7    1 
ATOM   1219 C  C5    . G   C 3 27 ? 24.416  -15.210 -23.775 1.00 88.57  ? 116 G   C C5    1 
ATOM   1220 C  C6    . G   C 3 27 ? 23.111  -14.978 -24.280 1.00 91.52  ? 116 G   C C6    1 
ATOM   1221 O  O6    . G   C 3 27 ? 22.668  -13.968 -24.848 1.00 92.66  ? 116 G   C O6    1 
ATOM   1222 N  N1    . G   C 3 27 ? 22.282  -16.069 -24.063 1.00 93.82  ? 116 G   C N1    1 
ATOM   1223 C  C2    . G   C 3 27 ? 22.655  -17.233 -23.435 1.00 95.16  ? 116 G   C C2    1 
ATOM   1224 N  N2    . G   C 3 27 ? 21.701  -18.179 -23.322 1.00 96.92  ? 116 G   C N2    1 
ATOM   1225 N  N3    . G   C 3 27 ? 23.869  -17.456 -22.952 1.00 91.65  ? 116 G   C N3    1 
ATOM   1226 C  C4    . G   C 3 27 ? 24.690  -16.413 -23.161 1.00 86.79  ? 116 G   C C4    1 
ATOM   1227 P  P     . G   C 3 28 ? 30.170  -18.706 -24.994 1.00 89.79  ? 117 G   C P     1 
ATOM   1228 O  OP1   . G   C 3 28 ? 31.351  -19.585 -24.908 1.00 91.15  ? 117 G   C OP1   1 
ATOM   1229 O  OP2   . G   C 3 28 ? 30.154  -17.593 -25.979 1.00 90.07  ? 117 G   C OP2   1 
ATOM   1230 O  "O5'" . G   C 3 28 ? 28.862  -19.578 -25.253 1.00 91.03  ? 117 G   C "O5'" 1 
ATOM   1231 C  "C5'" . G   C 3 28 ? 27.596  -18.948 -25.148 1.00 93.97  ? 117 G   C "C5'" 1 
ATOM   1232 C  "C4'" . G   C 3 28 ? 26.498  -19.736 -25.793 1.00 95.70  ? 117 G   C "C4'" 1 
ATOM   1233 O  "O4'" . G   C 3 28 ? 25.264  -19.104 -25.402 1.00 95.94  ? 117 G   C "O4'" 1 
ATOM   1234 C  "C3'" . G   C 3 28 ? 26.470  -19.795 -27.309 1.00 98.00  ? 117 G   C "C3'" 1 
ATOM   1235 O  "O3'" . G   C 3 28 ? 27.230  -20.912 -27.759 1.00 102.61 ? 117 G   C "O3'" 1 
ATOM   1236 C  "C2'" . G   C 3 28 ? 24.979  -19.958 -27.589 1.00 96.59  ? 117 G   C "C2'" 1 
ATOM   1237 O  "O2'" . G   C 3 28 ? 24.514  -21.285 -27.441 1.00 97.66  ? 117 G   C "O2'" 1 
ATOM   1238 C  "C1'" . G   C 3 28 ? 24.373  -19.080 -26.489 1.00 93.94  ? 117 G   C "C1'" 1 
ATOM   1239 N  N9    . G   C 3 28 ? 24.275  -17.673 -26.857 1.00 89.98  ? 117 G   C N9    1 
ATOM   1240 C  C8    . G   C 3 28 ? 25.279  -16.736 -26.779 1.00 88.06  ? 117 G   C C8    1 
ATOM   1241 N  N7    . G   C 3 28 ? 24.899  -15.550 -27.162 1.00 87.87  ? 117 G   C N7    1 
ATOM   1242 C  C5    . G   C 3 28 ? 23.569  -15.719 -27.516 1.00 88.17  ? 117 G   C C5    1 
ATOM   1243 C  C6    . G   C 3 28 ? 22.624  -14.788 -28.011 1.00 88.70  ? 117 G   C C6    1 
ATOM   1244 O  O6    . G   C 3 28 ? 22.774  -13.586 -28.249 1.00 90.22  ? 117 G   C O6    1 
ATOM   1245 N  N1    . G   C 3 28 ? 21.392  -15.385 -28.233 1.00 87.27  ? 117 G   C N1    1 
ATOM   1246 C  C2    . G   C 3 28 ? 21.112  -16.703 -28.012 1.00 87.55  ? 117 G   C C2    1 
ATOM   1247 N  N2    . G   C 3 28 ? 19.879  -17.099 -28.282 1.00 91.66  ? 117 G   C N2    1 
ATOM   1248 N  N3    . G   C 3 28 ? 21.981  -17.578 -27.557 1.00 87.07  ? 117 G   C N3    1 
ATOM   1249 C  C4    . G   C 3 28 ? 23.176  -17.024 -27.332 1.00 87.53  ? 117 G   C C4    1 
ATOM   1250 P  P     . C   C 3 29 ? 27.451  -21.155 -29.331 1.00 105.43 ? 118 C   C P     1 
ATOM   1251 O  OP1   . C   C 3 29 ? 27.902  -22.565 -29.469 1.00 105.63 ? 118 C   C OP1   1 
ATOM   1252 O  OP2   . C   C 3 29 ? 28.285  -20.058 -29.890 1.00 105.69 ? 118 C   C OP2   1 
ATOM   1253 O  "O5'" . C   C 3 29 ? 25.988  -21.024 -29.938 1.00 103.77 ? 118 C   C "O5'" 1 
ATOM   1254 C  "C5'" . C   C 3 29 ? 25.774  -20.605 -31.285 1.00 103.69 ? 118 C   C "C5'" 1 
ATOM   1255 C  "C4'" . C   C 3 29 ? 24.298  -20.555 -31.547 1.00 106.24 ? 118 C   C "C4'" 1 
ATOM   1256 O  "O4'" . C   C 3 29 ? 23.686  -19.626 -30.622 1.00 106.35 ? 118 C   C "O4'" 1 
ATOM   1257 C  "C3'" . C   C 3 29 ? 23.880  -20.074 -32.923 1.00 108.53 ? 118 C   C "C3'" 1 
ATOM   1258 O  "O3'" . C   C 3 29 ? 23.894  -21.191 -33.804 1.00 110.73 ? 118 C   C "O3'" 1 
ATOM   1259 C  "C2'" . C   C 3 29 ? 22.470  -19.529 -32.677 1.00 107.12 ? 118 C   C "C2'" 1 
ATOM   1260 O  "O2'" . C   C 3 29 ? 21.462  -20.524 -32.717 1.00 106.88 ? 118 C   C "O2'" 1 
ATOM   1261 C  "C1'" . C   C 3 29 ? 22.598  -18.968 -31.254 1.00 104.95 ? 118 C   C "C1'" 1 
ATOM   1262 N  N1    . C   C 3 29 ? 22.802  -17.510 -31.149 1.00 100.20 ? 118 C   C N1    1 
ATOM   1263 C  C2    . C   C 3 29 ? 21.781  -16.663 -31.579 1.00 96.28  ? 118 C   C C2    1 
ATOM   1264 O  O2    . C   C 3 29 ? 20.738  -17.166 -32.026 1.00 88.00  ? 118 C   C O2    1 
ATOM   1265 N  N3    . C   C 3 29 ? 21.959  -15.319 -31.490 1.00 95.45  ? 118 C   C N3    1 
ATOM   1266 C  C4    . C   C 3 29 ? 23.096  -14.821 -30.992 1.00 93.60  ? 118 C   C C4    1 
ATOM   1267 N  N4    . C   C 3 29 ? 23.221  -13.497 -30.931 1.00 91.38  ? 118 C   C N4    1 
ATOM   1268 C  C5    . C   C 3 29 ? 24.150  -15.664 -30.539 1.00 93.53  ? 118 C   C C5    1 
ATOM   1269 C  C6    . C   C 3 29 ? 23.965  -16.989 -30.638 1.00 98.71  ? 118 C   C C6    1 
ATOM   1270 P  P     . A   C 3 30 ? 23.603  -20.990 -35.365 1.00 112.72 ? 119 A   C P     1 
ATOM   1271 O  OP1   . A   C 3 30 ? 23.915  -22.302 -35.991 1.00 111.69 ? 119 A   C OP1   1 
ATOM   1272 O  OP2   . A   C 3 30 ? 24.282  -19.749 -35.856 1.00 111.57 ? 119 A   C OP2   1 
ATOM   1273 O  "O5'" . A   C 3 30 ? 22.032  -20.742 -35.426 1.00 114.15 ? 119 A   C "O5'" 1 
ATOM   1274 C  "C5'" . A   C 3 30 ? 21.392  -20.347 -36.656 1.00 119.55 ? 119 A   C "C5'" 1 
ATOM   1275 C  "C4'" . A   C 3 30 ? 20.230  -19.438 -36.355 1.00 122.19 ? 119 A   C "C4'" 1 
ATOM   1276 O  "O4'" . A   C 3 30 ? 20.693  -18.382 -35.488 1.00 124.31 ? 119 A   C "O4'" 1 
ATOM   1277 C  "C3'" . A   C 3 30 ? 19.618  -18.727 -37.561 1.00 123.44 ? 119 A   C "C3'" 1 
ATOM   1278 O  "O3'" . A   C 3 30 ? 18.530  -19.512 -38.075 1.00 124.27 ? 119 A   C "O3'" 1 
ATOM   1279 C  "C2'" . A   C 3 30 ? 19.013  -17.476 -36.928 1.00 123.71 ? 119 A   C "C2'" 1 
ATOM   1280 O  "O2'" . A   C 3 30 ? 17.745  -17.724 -36.351 1.00 123.92 ? 119 A   C "O2'" 1 
ATOM   1281 C  "C1'" . A   C 3 30 ? 19.984  -17.202 -35.780 1.00 125.33 ? 119 A   C "C1'" 1 
ATOM   1282 N  N9    . A   C 3 30 ? 20.908  -16.068 -35.828 1.00 127.82 ? 119 A   C N9    1 
ATOM   1283 C  C8    . A   C 3 30 ? 22.276  -16.070 -35.723 1.00 127.84 ? 119 A   C C8    1 
ATOM   1284 N  N7    . A   C 3 30 ? 22.810  -14.873 -35.750 1.00 128.67 ? 119 A   C N7    1 
ATOM   1285 C  C5    . A   C 3 30 ? 21.720  -14.027 -35.892 1.00 129.99 ? 119 A   C C5    1 
ATOM   1286 C  C6    . A   C 3 30 ? 21.612  -12.631 -35.991 1.00 131.76 ? 119 A   C C6    1 
ATOM   1287 N  N6    . A   C 3 30 ? 22.657  -11.801 -35.955 1.00 133.71 ? 119 A   C N6    1 
ATOM   1288 N  N1    . A   C 3 30 ? 20.374  -12.106 -36.132 1.00 132.37 ? 119 A   C N1    1 
ATOM   1289 C  C2    . A   C 3 30 ? 19.325  -12.934 -36.164 1.00 131.93 ? 119 A   C C2    1 
ATOM   1290 N  N3    . A   C 3 30 ? 19.298  -14.260 -36.080 1.00 130.26 ? 119 A   C N3    1 
ATOM   1291 C  C4    . A   C 3 30 ? 20.543  -14.750 -35.947 1.00 129.20 ? 119 A   C C4    1 
ATOM   1292 P  P     . U   C 3 31 ? 18.736  -20.492 -39.340 1.00 122.51 ? 120 U   C P     1 
ATOM   1293 O  OP1   . U   C 3 31 ? 20.176  -20.559 -39.716 1.00 122.18 ? 120 U   C OP1   1 
ATOM   1294 O  OP2   . U   C 3 31 ? 17.731  -20.062 -40.345 1.00 121.38 ? 120 U   C OP2   1 
ATOM   1295 O  "O5'" . U   C 3 31 ? 18.301  -21.919 -38.777 1.00 120.07 ? 120 U   C "O5'" 1 
HETATM 1296 MG MG    . MG  D 4 .  ? 16.119  -11.671 -20.135 1.00 94.06  ? 207 MG  A MG    1 
HETATM 1297 MG MG    . MG  E 4 .  ? 18.288  3.015   -18.096 1.00 103.43 ? 210 MG  A MG    1 
HETATM 1298 MG MG    . MG  F 4 .  ? -5.807  3.415   9.744   1.00 72.85  ? 201 MG  B MG    1 
HETATM 1299 MG MG    . MG  G 4 .  ? -14.004 9.949   3.935   1.00 73.08  ? 214 MG  B MG    1 
HETATM 1300 MG MG    . MG  H 4 .  ? -4.772  -1.512  10.805  1.00 71.29  ? 202 MG  C MG    1 
HETATM 1301 MG MG    . MG  I 4 .  ? -7.662  0.093   2.383   1.00 52.00  ? 204 MG  C MG    1 
HETATM 1302 MG MG    . MG  J 4 .  ? -6.136  6.940   16.608  1.00 71.56  ? 205 MG  C MG    1 
HETATM 1303 MG MG    . MG  K 4 .  ? 7.556   -3.760  -10.974 1.00 90.52  ? 208 MG  C MG    1 
HETATM 1304 MG MG    . MG  L 4 .  ? 1.705   -0.102  -8.817  1.00 91.39  ? 209 MG  C MG    1 
HETATM 1305 MG MG    . MG  M 4 .  ? 11.249  -9.757  -20.786 1.00 108.80 ? 211 MG  C MG    1 
HETATM 1306 MG MG    . MG  N 4 .  ? -6.534  13.351  23.792  1.00 108.84 ? 213 MG  C MG    1 
HETATM 1307 MG MG    . MG  O 4 .  ? -13.143 9.968   1.052   1.00 83.22  ? 216 MG  C MG    1 
HETATM 1308 O  O     . HOH P 5 .  ? -13.827 11.102  14.712  1.00 58.16  ? 301 HOH B O     1 
HETATM 1309 O  O     . HOH Q 5 .  ? 27.074  -20.903 -35.559 1.00 73.99  ? 302 HOH C O     1 
HETATM 1310 O  O     . HOH Q 5 .  ? 22.802  -20.067 -41.045 1.00 96.25  ? 303 HOH C O     1 
HETATM 1311 O  O     . HOH Q 5 .  ? -5.484  11.755  30.340  1.00 83.45  ? 304 HOH C O     1 
# 
